data_4YLJ
#
_entry.id   4YLJ
#
_cell.length_a   265.472
_cell.length_b   65.528
_cell.length_c   139.365
_cell.angle_alpha   90.00
_cell.angle_beta   114.60
_cell.angle_gamma   90.00
#
_symmetry.space_group_name_H-M   'C 1 2 1'
#
loop_
_entity.id
_entity.type
_entity.pdbx_description
1 polymer 'Dual specificity tyrosine-phosphorylation-regulated kinase 1A'
2 non-polymer 'TETRAETHYLENE GLYCOL'
3 non-polymer 'SULFATE ION'
4 non-polymer '10-iodo-11H-indolo[3,2-c]quinoline-6-carboxylic acid'
5 water water
#
_entity_poly.entity_id   1
_entity_poly.type   'polypeptide(L)'
_entity_poly.pdbx_seq_one_letter_code
;SMSSHKKERKVYNDGYDDDNYDYIVKNGEKWMDRYEIDSLIGKGSFGQVVKAYDRVEQEWVAIKIIKNKKAFLNQAQIEV
RLLELMNKHDTEMKYYIVHLKRHFMFRNHLCLVFEMLSYNLYDLLRNTNFRGVSLNLTRKFAQQMCTALLFLATPELSII
HCDLKPENILLCNPKRSAIKIVDFGSSCQLGQRIYQ(PTR)IQSRFYRSPEVLLGMPYDLAIDMWSLGCILVEMHTGEPL
FSGANEVDQMNKIVEVLGIPPAHILDQAPKARKFFEKLPDGTWNLKKTKDGKREYKPPGTRKLHNILGVETGGPGGRRAG
ESGHTVADYLKFKDLILRMLDYDPKTRIQPYYALQHSFFKKTADE
;
_entity_poly.pdbx_strand_id   A,B,C,D
#
loop_
_chem_comp.id
_chem_comp.type
_chem_comp.name
_chem_comp.formula
4E1 non-polymer '10-iodo-11H-indolo[3,2-c]quinoline-6-carboxylic acid' 'C16 H9 I N2 O2'
PG4 non-polymer 'TETRAETHYLENE GLYCOL' 'C8 H18 O5'
SO4 non-polymer 'SULFATE ION' 'O4 S -2'
#
# COMPACT_ATOMS: atom_id res chain seq x y z
N VAL A 11 -18.35 -37.78 54.99
CA VAL A 11 -18.59 -38.70 53.84
C VAL A 11 -18.93 -37.90 52.60
N TYR A 12 -17.90 -37.45 51.89
CA TYR A 12 -18.07 -36.80 50.56
C TYR A 12 -17.70 -37.75 49.42
N ASN A 13 -18.64 -37.98 48.51
CA ASN A 13 -18.46 -38.91 47.39
C ASN A 13 -17.82 -40.23 47.87
N ASP A 14 -18.47 -40.86 48.85
CA ASP A 14 -18.04 -42.18 49.37
C ASP A 14 -16.58 -42.20 49.85
N GLY A 15 -16.10 -41.06 50.35
CA GLY A 15 -14.75 -40.97 50.90
C GLY A 15 -13.68 -40.51 49.93
N TYR A 16 -14.02 -40.38 48.65
CA TYR A 16 -13.00 -40.05 47.64
C TYR A 16 -12.69 -38.54 47.54
N ASP A 17 -13.62 -37.71 48.02
CA ASP A 17 -13.55 -36.25 47.88
C ASP A 17 -13.33 -35.54 49.21
N ASP A 18 -12.67 -34.39 49.17
CA ASP A 18 -12.59 -33.51 50.34
C ASP A 18 -13.85 -32.66 50.39
N ASP A 19 -13.88 -31.67 51.29
CA ASP A 19 -15.12 -30.90 51.53
C ASP A 19 -15.28 -29.70 50.59
N ASN A 20 -14.37 -29.57 49.65
CA ASN A 20 -14.46 -28.56 48.61
C ASN A 20 -14.61 -29.22 47.22
N TYR A 21 -15.26 -30.39 47.18
CA TYR A 21 -15.57 -31.08 45.93
C TYR A 21 -14.37 -31.55 45.14
N ASP A 22 -13.19 -31.60 45.74
CA ASP A 22 -11.99 -32.02 45.01
C ASP A 22 -11.69 -33.45 45.30
N TYR A 23 -11.07 -34.13 44.34
CA TYR A 23 -10.62 -35.50 44.55
C TYR A 23 -9.38 -35.52 45.45
N ILE A 24 -9.40 -36.34 46.49
CA ILE A 24 -8.25 -36.46 47.39
C ILE A 24 -7.15 -37.28 46.72
N VAL A 25 -6.13 -36.58 46.25
CA VAL A 25 -5.08 -37.19 45.47
C VAL A 25 -4.21 -38.05 46.34
N LYS A 26 -3.84 -39.21 45.80
CA LYS A 26 -2.95 -40.12 46.46
C LYS A 26 -1.86 -40.53 45.50
N ASN A 27 -0.63 -40.19 45.85
CA ASN A 27 0.51 -40.50 45.02
C ASN A 27 0.64 -42.00 44.90
N GLY A 28 1.04 -42.47 43.71
CA GLY A 28 1.22 -43.91 43.48
C GLY A 28 -0.05 -44.66 43.07
N GLU A 29 -1.20 -44.00 43.12
CA GLU A 29 -2.47 -44.64 42.75
C GLU A 29 -2.47 -44.98 41.25
N LYS A 30 -3.14 -46.07 40.89
CA LYS A 30 -3.27 -46.47 39.49
C LYS A 30 -4.75 -46.48 39.08
N TRP A 31 -5.02 -45.86 37.93
CA TRP A 31 -6.40 -45.64 37.48
C TRP A 31 -6.64 -46.45 36.24
N MET A 32 -7.71 -47.24 36.24
CA MET A 32 -8.17 -47.93 35.05
C MET A 32 -7.05 -48.73 34.39
N ASP A 33 -6.15 -49.29 35.20
CA ASP A 33 -5.02 -50.08 34.67
C ASP A 33 -4.28 -49.34 33.56
N ARG A 34 -4.16 -48.02 33.69
CA ARG A 34 -3.58 -47.23 32.62
C ARG A 34 -2.69 -46.10 33.13
N TYR A 35 -3.25 -45.27 34.00
CA TYR A 35 -2.57 -44.05 34.44
C TYR A 35 -2.01 -44.23 35.85
N GLU A 36 -0.71 -43.97 36.01
CA GLU A 36 -0.06 -44.03 37.31
C GLU A 36 0.16 -42.62 37.84
N ILE A 37 -0.53 -42.29 38.92
CA ILE A 37 -0.54 -40.91 39.42
C ILE A 37 0.71 -40.66 40.20
N ASP A 38 1.56 -39.77 39.70
CA ASP A 38 2.77 -39.39 40.43
C ASP A 38 2.48 -38.42 41.59
N SER A 39 1.95 -37.25 41.28
CA SER A 39 1.75 -36.20 42.29
C SER A 39 0.90 -35.04 41.79
N LEU A 40 0.57 -34.18 42.73
CA LEU A 40 -0.19 -32.98 42.47
C LEU A 40 0.72 -31.91 41.91
N ILE A 41 0.35 -31.33 40.77
CA ILE A 41 1.07 -30.17 40.20
C ILE A 41 0.51 -28.86 40.72
N GLY A 42 -0.81 -28.80 40.89
CA GLY A 42 -1.42 -27.54 41.22
C GLY A 42 -2.93 -27.60 41.34
N LYS A 43 -3.49 -26.53 41.89
CA LYS A 43 -4.93 -26.36 42.05
C LYS A 43 -5.38 -25.05 41.44
N GLY A 44 -6.66 -24.99 41.12
CA GLY A 44 -7.28 -23.79 40.64
C GLY A 44 -8.71 -23.83 41.10
N SER A 45 -9.48 -22.85 40.67
CA SER A 45 -10.89 -22.81 41.01
C SER A 45 -11.64 -24.00 40.43
N PHE A 46 -11.20 -24.49 39.26
CA PHE A 46 -11.84 -25.63 38.56
C PHE A 46 -11.63 -26.97 39.27
N GLY A 47 -10.56 -27.09 40.04
CA GLY A 47 -10.17 -28.39 40.62
C GLY A 47 -8.67 -28.52 40.70
N GLN A 48 -8.12 -29.63 40.23
CA GLN A 48 -6.69 -29.92 40.38
C GLN A 48 -6.04 -30.39 39.09
N VAL A 49 -4.72 -30.32 39.04
CA VAL A 49 -3.96 -30.92 37.94
C VAL A 49 -2.88 -31.82 38.51
N VAL A 50 -2.75 -33.02 37.96
CA VAL A 50 -1.75 -33.98 38.45
C VAL A 50 -0.83 -34.48 37.35
N LYS A 51 0.33 -34.94 37.75
CA LYS A 51 1.28 -35.55 36.83
C LYS A 51 1.04 -37.04 36.86
N ALA A 52 0.99 -37.67 35.68
CA ALA A 52 0.74 -39.14 35.60
C ALA A 52 1.46 -39.80 34.44
N TYR A 53 1.80 -41.07 34.61
CA TYR A 53 2.35 -41.84 33.51
C TYR A 53 1.26 -42.68 32.84
N ASP A 54 1.17 -42.56 31.53
CA ASP A 54 0.23 -43.31 30.73
C ASP A 54 0.93 -44.58 30.28
N ARG A 55 0.57 -45.71 30.90
CA ARG A 55 1.14 -47.02 30.50
C ARG A 55 0.99 -47.32 29.03
N VAL A 56 -0.19 -47.09 28.50
CA VAL A 56 -0.53 -47.45 27.14
C VAL A 56 0.34 -46.70 26.14
N GLU A 57 0.46 -45.39 26.27
CA GLU A 57 1.24 -44.61 25.30
C GLU A 57 2.70 -44.45 25.66
N GLN A 58 3.07 -44.90 26.86
CA GLN A 58 4.45 -44.77 27.36
C GLN A 58 4.91 -43.31 27.41
N GLU A 59 4.15 -42.46 28.09
CA GLU A 59 4.47 -41.04 28.17
C GLU A 59 3.92 -40.40 29.42
N TRP A 60 4.56 -39.32 29.87
CA TRP A 60 4.05 -38.54 30.98
C TRP A 60 2.95 -37.62 30.48
N VAL A 61 1.91 -37.47 31.29
CA VAL A 61 0.81 -36.60 30.96
C VAL A 61 0.39 -35.76 32.16
N ALA A 62 -0.35 -34.69 31.89
CA ALA A 62 -0.98 -33.93 32.94
C ALA A 62 -2.49 -34.17 32.90
N ILE A 63 -3.07 -34.49 34.05
CA ILE A 63 -4.49 -34.72 34.13
C ILE A 63 -5.21 -33.70 34.99
N LYS A 64 -6.12 -32.98 34.35
CA LYS A 64 -6.96 -32.01 35.02
C LYS A 64 -8.17 -32.71 35.60
N ILE A 65 -8.29 -32.72 36.92
CA ILE A 65 -9.40 -33.35 37.59
C ILE A 65 -10.40 -32.30 38.00
N ILE A 66 -11.53 -32.30 37.34
CA ILE A 66 -12.55 -31.29 37.58
C ILE A 66 -13.28 -31.64 38.86
N LYS A 67 -13.74 -30.61 39.56
CA LYS A 67 -14.47 -30.78 40.80
C LYS A 67 -15.74 -31.54 40.56
N ASN A 68 -16.12 -32.34 41.54
CA ASN A 68 -17.33 -33.11 41.44
C ASN A 68 -18.50 -32.26 41.89
N LYS A 69 -18.91 -31.37 41.00
CA LYS A 69 -20.05 -30.52 41.22
C LYS A 69 -20.61 -30.03 39.91
N LYS A 70 -21.92 -30.09 39.77
CA LYS A 70 -22.61 -29.90 38.49
C LYS A 70 -22.09 -28.65 37.73
N ALA A 71 -22.10 -27.50 38.37
CA ALA A 71 -21.70 -26.25 37.72
C ALA A 71 -20.28 -26.30 37.14
N PHE A 72 -19.39 -27.02 37.82
CA PHE A 72 -18.02 -27.14 37.34
C PHE A 72 -17.95 -28.17 36.20
N LEU A 73 -18.60 -29.31 36.40
CA LEU A 73 -18.68 -30.32 35.34
C LEU A 73 -19.22 -29.68 34.08
N ASN A 74 -20.31 -28.91 34.21
CA ASN A 74 -20.94 -28.35 33.03
C ASN A 74 -20.06 -27.32 32.34
N GLN A 75 -19.30 -26.54 33.10
CA GLN A 75 -18.40 -25.59 32.46
C GLN A 75 -17.23 -26.30 31.80
N ALA A 76 -16.71 -27.34 32.44
CA ALA A 76 -15.61 -28.08 31.87
C ALA A 76 -16.05 -28.82 30.55
N GLN A 77 -17.33 -29.15 30.42
CA GLN A 77 -17.82 -29.72 29.16
C GLN A 77 -17.64 -28.74 28.03
N ILE A 78 -17.86 -27.46 28.31
CA ILE A 78 -17.61 -26.42 27.31
C ILE A 78 -16.14 -26.33 26.97
N GLU A 79 -15.30 -26.40 27.98
CA GLU A 79 -13.87 -26.43 27.75
C GLU A 79 -13.48 -27.55 26.76
N VAL A 80 -14.05 -28.73 26.97
CA VAL A 80 -13.72 -29.87 26.14
C VAL A 80 -14.16 -29.63 24.71
N ARG A 81 -15.38 -29.18 24.53
CA ARG A 81 -15.84 -28.89 23.20
C ARG A 81 -14.86 -27.89 22.52
N LEU A 82 -14.44 -26.85 23.24
CA LEU A 82 -13.60 -25.86 22.62
C LEU A 82 -12.20 -26.38 22.30
N LEU A 83 -11.64 -27.15 23.20
CA LEU A 83 -10.32 -27.72 22.98
C LEU A 83 -10.32 -28.64 21.77
N GLU A 84 -11.36 -29.46 21.62
CA GLU A 84 -11.40 -30.42 20.53
C GLU A 84 -11.54 -29.67 19.22
N LEU A 85 -12.28 -28.58 19.26
CA LEU A 85 -12.50 -27.78 18.09
C LEU A 85 -11.22 -27.08 17.67
N MET A 86 -10.49 -26.55 18.64
CA MET A 86 -9.20 -25.95 18.34
C MET A 86 -8.22 -27.00 17.85
N ASN A 87 -8.19 -28.15 18.50
CA ASN A 87 -7.19 -29.17 18.22
C ASN A 87 -7.36 -29.79 16.83
N LYS A 88 -8.55 -29.77 16.29
CA LYS A 88 -8.76 -30.31 14.95
C LYS A 88 -8.53 -29.29 13.81
N HIS A 89 -8.61 -27.98 14.09
CA HIS A 89 -8.19 -26.96 13.12
CA HIS A 89 -8.19 -26.97 13.11
C HIS A 89 -6.67 -26.76 13.13
N ASP A 90 -6.00 -27.32 14.15
CA ASP A 90 -4.56 -27.06 14.43
C ASP A 90 -3.86 -28.41 14.62
N THR A 91 -4.19 -29.42 13.78
CA THR A 91 -3.66 -30.81 14.01
C THR A 91 -2.12 -30.89 13.93
N GLU A 92 -1.49 -29.87 13.34
CA GLU A 92 -0.04 -29.76 13.28
C GLU A 92 0.58 -29.21 14.58
N MET A 93 -0.26 -28.75 15.50
CA MET A 93 0.16 -28.20 16.81
C MET A 93 1.12 -26.99 16.67
N LYS A 94 0.88 -26.17 15.65
CA LYS A 94 1.79 -25.05 15.32
C LYS A 94 1.23 -23.70 15.78
N TYR A 95 0.03 -23.71 16.39
CA TYR A 95 -0.64 -22.47 16.76
C TYR A 95 -0.74 -22.23 18.30
N TYR A 96 0.05 -22.97 19.08
CA TYR A 96 0.37 -22.56 20.43
C TYR A 96 -0.73 -22.87 21.47
N ILE A 97 -1.52 -23.92 21.23
CA ILE A 97 -2.61 -24.28 22.11
C ILE A 97 -2.48 -25.69 22.60
N VAL A 98 -2.67 -25.86 23.89
CA VAL A 98 -2.38 -27.10 24.54
C VAL A 98 -3.23 -28.21 23.95
N HIS A 99 -2.65 -29.39 23.85
CA HIS A 99 -3.27 -30.53 23.18
C HIS A 99 -4.04 -31.35 24.18
N LEU A 100 -5.37 -31.42 24.01
CA LEU A 100 -6.18 -32.34 24.80
C LEU A 100 -6.17 -33.70 24.11
N LYS A 101 -5.57 -34.68 24.76
CA LYS A 101 -5.44 -36.01 24.16
C LYS A 101 -6.74 -36.80 24.23
N ARG A 102 -7.36 -36.83 25.41
CA ARG A 102 -8.66 -37.45 25.62
C ARG A 102 -9.25 -37.02 26.97
N HIS A 103 -10.49 -37.42 27.21
CA HIS A 103 -11.12 -37.23 28.51
C HIS A 103 -11.91 -38.45 28.95
N PHE A 104 -12.21 -38.52 30.24
CA PHE A 104 -13.00 -39.61 30.79
C PHE A 104 -13.53 -39.23 32.18
N MET A 105 -14.62 -39.88 32.60
CA MET A 105 -15.13 -39.80 33.96
C MET A 105 -14.47 -40.83 34.82
N PHE A 106 -14.16 -40.46 36.06
CA PHE A 106 -13.56 -41.41 36.98
C PHE A 106 -13.92 -40.99 38.39
N ARG A 107 -14.52 -41.93 39.12
CA ARG A 107 -15.00 -41.69 40.47
C ARG A 107 -15.78 -40.40 40.56
N ASN A 108 -16.65 -40.21 39.57
CA ASN A 108 -17.55 -39.04 39.47
C ASN A 108 -16.85 -37.66 39.20
N HIS A 109 -15.62 -37.69 38.69
CA HIS A 109 -14.92 -36.47 38.25
C HIS A 109 -14.62 -36.57 36.78
N LEU A 110 -14.93 -35.53 36.04
CA LEU A 110 -14.46 -35.43 34.67
C LEU A 110 -12.97 -35.18 34.67
N CYS A 111 -12.22 -36.00 33.96
CA CYS A 111 -10.78 -35.84 33.89
C CYS A 111 -10.33 -35.57 32.47
N LEU A 112 -9.47 -34.55 32.32
CA LEU A 112 -8.98 -34.14 31.00
C LEU A 112 -7.50 -34.44 30.94
N VAL A 113 -7.07 -35.16 29.90
CA VAL A 113 -5.69 -35.61 29.81
C VAL A 113 -4.96 -34.78 28.78
N PHE A 114 -3.92 -34.08 29.23
CA PHE A 114 -3.13 -33.18 28.38
C PHE A 114 -1.70 -33.65 28.19
N GLU A 115 -1.09 -33.25 27.08
CA GLU A 115 0.37 -33.32 26.91
C GLU A 115 1.08 -32.66 28.10
N MET A 116 2.25 -33.16 28.45
CA MET A 116 3.04 -32.61 29.53
C MET A 116 3.75 -31.37 29.04
N LEU A 117 3.87 -30.35 29.90
CA LEU A 117 4.57 -29.11 29.56
C LEU A 117 5.51 -28.72 30.71
N SER A 118 6.28 -27.65 30.52
CA SER A 118 7.22 -27.19 31.54
C SER A 118 6.66 -25.98 32.37
N TYR A 119 7.56 -25.17 32.93
CA TYR A 119 7.21 -23.99 33.78
C TYR A 119 6.29 -23.01 33.09
N ASN A 120 5.40 -22.39 33.85
CA ASN A 120 4.63 -21.25 33.35
C ASN A 120 5.44 -19.96 33.52
N LEU A 121 4.94 -18.88 32.94
CA LEU A 121 5.69 -17.63 32.90
C LEU A 121 5.81 -16.91 34.25
N TYR A 122 4.91 -17.21 35.18
CA TYR A 122 5.08 -16.67 36.50
C TYR A 122 6.28 -17.34 37.18
N ASP A 123 6.37 -18.68 37.08
CA ASP A 123 7.54 -19.42 37.62
C ASP A 123 8.81 -18.78 37.05
N LEU A 124 8.73 -18.45 35.79
CA LEU A 124 9.84 -17.89 35.08
C LEU A 124 10.25 -16.54 35.65
N LEU A 125 9.26 -15.69 35.90
CA LEU A 125 9.52 -14.43 36.56
C LEU A 125 10.13 -14.63 37.95
N ARG A 126 9.59 -15.59 38.67
CA ARG A 126 10.02 -15.87 40.02
CA ARG A 126 10.03 -15.86 40.02
C ARG A 126 11.49 -16.30 40.05
N ASN A 127 11.89 -17.06 39.07
CA ASN A 127 13.29 -17.52 38.96
C ASN A 127 14.26 -16.39 38.72
N THR A 128 13.82 -15.27 38.11
CA THR A 128 14.67 -14.06 37.98
C THR A 128 14.62 -13.17 39.22
N ASN A 129 14.01 -13.67 40.30
CA ASN A 129 13.61 -12.83 41.45
C ASN A 129 12.86 -11.54 41.05
N PHE A 130 11.98 -11.66 40.07
CA PHE A 130 11.06 -10.59 39.68
C PHE A 130 11.76 -9.39 39.12
N ARG A 131 12.89 -9.64 38.50
CA ARG A 131 13.64 -8.64 37.82
C ARG A 131 13.18 -8.52 36.35
N GLY A 132 12.47 -9.53 35.88
CA GLY A 132 11.90 -9.49 34.55
C GLY A 132 12.84 -10.18 33.59
N VAL A 133 12.30 -10.61 32.48
CA VAL A 133 13.09 -11.25 31.44
C VAL A 133 13.47 -10.21 30.37
N SER A 134 14.40 -10.58 29.53
CA SER A 134 14.96 -9.65 28.54
C SER A 134 13.86 -9.21 27.59
N LEU A 135 14.04 -8.04 27.01
CA LEU A 135 13.15 -7.58 25.96
C LEU A 135 13.13 -8.52 24.77
N ASN A 136 14.25 -9.15 24.45
CA ASN A 136 14.27 -10.15 23.37
C ASN A 136 13.35 -11.33 23.62
N LEU A 137 13.38 -11.82 24.85
CA LEU A 137 12.54 -12.96 25.22
C LEU A 137 11.08 -12.54 25.26
N THR A 138 10.83 -11.32 25.75
CA THR A 138 9.47 -10.73 25.78
C THR A 138 8.87 -10.63 24.38
N ARG A 139 9.71 -10.28 23.40
CA ARG A 139 9.29 -10.19 22.01
C ARG A 139 8.86 -11.56 21.48
N LYS A 140 9.66 -12.57 21.79
CA LYS A 140 9.38 -13.93 21.38
C LYS A 140 8.08 -14.43 21.92
N PHE A 141 7.78 -14.13 23.19
CA PHE A 141 6.50 -14.53 23.76
C PHE A 141 5.36 -13.75 23.11
N ALA A 142 5.61 -12.47 22.85
CA ALA A 142 4.56 -11.61 22.32
C ALA A 142 4.16 -12.04 20.91
N GLN A 143 5.13 -12.44 20.12
CA GLN A 143 4.84 -12.85 18.76
C GLN A 143 4.04 -14.15 18.72
N GLN A 144 4.44 -15.10 19.56
CA GLN A 144 3.74 -16.32 19.69
C GLN A 144 2.31 -16.07 20.15
N MET A 145 2.16 -15.24 21.17
CA MET A 145 0.84 -14.97 21.72
C MET A 145 -0.06 -14.27 20.72
N CYS A 146 0.48 -13.35 19.94
CA CYS A 146 -0.35 -12.68 18.96
C CYS A 146 -0.76 -13.68 17.86
N THR A 147 0.11 -14.63 17.54
CA THR A 147 -0.22 -15.63 16.54
C THR A 147 -1.32 -16.55 17.08
N ALA A 148 -1.24 -16.87 18.38
CA ALA A 148 -2.27 -17.67 19.00
C ALA A 148 -3.58 -16.92 19.01
N LEU A 149 -3.56 -15.64 19.26
CA LEU A 149 -4.82 -14.87 19.23
C LEU A 149 -5.36 -14.75 17.79
N LEU A 150 -4.47 -14.69 16.81
CA LEU A 150 -4.92 -14.68 15.44
C LEU A 150 -5.65 -15.99 15.12
N PHE A 151 -5.13 -17.08 15.64
CA PHE A 151 -5.76 -18.36 15.45
C PHE A 151 -7.15 -18.38 16.06
N LEU A 152 -7.28 -17.92 17.30
CA LEU A 152 -8.58 -17.92 17.96
C LEU A 152 -9.61 -17.06 17.28
N ALA A 153 -9.12 -16.02 16.61
CA ALA A 153 -9.98 -15.06 15.92
C ALA A 153 -10.50 -15.58 14.59
N THR A 154 -10.00 -16.72 14.12
CA THR A 154 -10.52 -17.26 12.84
C THR A 154 -12.03 -17.50 12.98
N PRO A 155 -12.80 -17.06 12.00
CA PRO A 155 -14.29 -17.11 12.01
C PRO A 155 -14.92 -18.42 12.50
N GLU A 156 -14.39 -19.56 12.09
CA GLU A 156 -14.93 -20.84 12.53
C GLU A 156 -14.71 -21.05 14.04
N LEU A 157 -13.67 -20.44 14.60
CA LEU A 157 -13.45 -20.52 16.05
C LEU A 157 -14.08 -19.36 16.81
N SER A 158 -13.65 -18.14 16.53
CA SER A 158 -14.12 -16.96 17.26
C SER A 158 -14.14 -17.19 18.77
N ILE A 159 -13.03 -17.69 19.30
CA ILE A 159 -12.93 -18.04 20.71
C ILE A 159 -12.29 -16.92 21.57
N ILE A 160 -12.92 -16.63 22.70
CA ILE A 160 -12.37 -15.70 23.67
C ILE A 160 -11.84 -16.52 24.84
N HIS A 161 -10.55 -16.45 25.12
CA HIS A 161 -9.96 -17.23 26.18
C HIS A 161 -10.52 -16.82 27.54
N CYS A 162 -10.58 -15.51 27.79
CA CYS A 162 -11.27 -14.93 28.97
C CYS A 162 -10.48 -14.97 30.27
N ASP A 163 -9.30 -15.57 30.28
CA ASP A 163 -8.48 -15.65 31.48
C ASP A 163 -6.99 -15.75 31.19
N LEU A 164 -6.51 -14.96 30.26
CA LEU A 164 -5.08 -14.91 30.08
C LEU A 164 -4.36 -14.26 31.26
N LYS A 165 -3.28 -14.91 31.70
CA LYS A 165 -2.40 -14.42 32.72
C LYS A 165 -1.12 -15.25 32.64
N PRO A 166 -0.05 -14.83 33.32
CA PRO A 166 1.19 -15.53 33.15
C PRO A 166 1.12 -17.01 33.51
N GLU A 167 0.40 -17.34 34.57
CA GLU A 167 0.25 -18.73 34.99
C GLU A 167 -0.36 -19.65 33.93
N ASN A 168 -1.08 -19.07 32.97
CA ASN A 168 -1.73 -19.87 31.92
C ASN A 168 -0.99 -19.88 30.61
N ILE A 169 0.26 -19.47 30.65
CA ILE A 169 1.12 -19.59 29.50
C ILE A 169 2.33 -20.39 29.90
N LEU A 170 2.50 -21.55 29.27
CA LEU A 170 3.56 -22.48 29.68
C LEU A 170 4.61 -22.67 28.61
N LEU A 171 5.84 -22.83 29.03
CA LEU A 171 6.88 -23.28 28.14
C LEU A 171 6.65 -24.75 27.78
N CYS A 172 7.01 -25.12 26.55
CA CYS A 172 7.00 -26.51 26.16
C CYS A 172 8.18 -27.22 26.82
N ASN A 173 9.34 -26.59 26.80
CA ASN A 173 10.59 -27.16 27.31
C ASN A 173 11.27 -26.10 28.14
N PRO A 174 11.89 -26.50 29.25
CA PRO A 174 12.44 -25.54 30.23
C PRO A 174 13.58 -24.69 29.73
N LYS A 175 14.25 -25.08 28.66
CA LYS A 175 15.38 -24.28 28.17
C LYS A 175 15.06 -23.60 26.83
N ARG A 176 13.79 -23.52 26.47
CA ARG A 176 13.41 -23.03 25.14
C ARG A 176 12.28 -22.07 25.27
N SER A 177 12.08 -21.27 24.23
CA SER A 177 11.14 -20.17 24.26
C SER A 177 9.77 -20.52 23.69
N ALA A 178 9.59 -21.74 23.18
CA ALA A 178 8.26 -22.14 22.66
C ALA A 178 7.24 -22.21 23.78
N ILE A 179 6.04 -21.71 23.52
CA ILE A 179 4.96 -21.75 24.54
C ILE A 179 3.66 -22.37 24.07
N LYS A 180 2.83 -22.76 25.04
CA LYS A 180 1.42 -23.11 24.79
C LYS A 180 0.52 -22.40 25.80
N ILE A 181 -0.73 -22.14 25.40
CA ILE A 181 -1.72 -21.56 26.27
C ILE A 181 -2.56 -22.67 26.84
N VAL A 182 -2.85 -22.59 28.14
CA VAL A 182 -3.73 -23.55 28.79
C VAL A 182 -4.93 -22.86 29.43
N ASP A 183 -5.80 -23.66 30.02
CA ASP A 183 -6.97 -23.22 30.75
C ASP A 183 -7.95 -22.44 29.91
N PHE A 184 -8.72 -23.17 29.12
CA PHE A 184 -9.87 -22.62 28.44
C PHE A 184 -11.13 -22.93 29.24
N GLY A 185 -10.97 -23.09 30.54
CA GLY A 185 -12.09 -23.32 31.45
C GLY A 185 -13.11 -22.23 31.64
N SER A 186 -12.84 -21.01 31.23
CA SER A 186 -13.88 -19.99 31.22
C SER A 186 -14.04 -19.35 29.87
N SER A 187 -13.52 -20.01 28.86
CA SER A 187 -13.62 -19.52 27.49
C SER A 187 -15.02 -19.72 26.92
N CYS A 188 -15.28 -18.95 25.89
CA CYS A 188 -16.54 -18.96 25.19
C CYS A 188 -16.32 -18.49 23.77
N GLN A 189 -17.37 -18.59 22.96
CA GLN A 189 -17.30 -18.14 21.58
C GLN A 189 -18.10 -16.88 21.47
N LEU A 190 -17.80 -16.10 20.45
CA LEU A 190 -18.35 -14.75 20.28
C LEU A 190 -19.90 -14.72 20.35
N GLY A 191 -20.56 -15.71 19.76
CA GLY A 191 -22.01 -15.85 19.94
C GLY A 191 -22.43 -16.05 21.41
N GLN A 192 -21.91 -17.13 22.00
CA GLN A 192 -22.44 -17.72 23.22
C GLN A 192 -21.74 -17.25 24.50
N ARG A 193 -21.92 -15.98 24.84
CA ARG A 193 -21.31 -15.41 26.04
C ARG A 193 -22.26 -15.48 27.22
N ILE A 194 -21.82 -16.16 28.28
CA ILE A 194 -22.70 -16.50 29.40
C ILE A 194 -22.30 -15.88 30.77
N TYR A 195 -21.18 -15.16 30.84
CA TYR A 195 -20.72 -14.60 32.11
C TYR A 195 -20.49 -13.08 32.08
N GLN A 196 -20.41 -12.53 33.28
CA GLN A 196 -20.35 -11.11 33.48
C GLN A 196 -19.00 -10.76 34.14
N PTR A 197 -18.70 -11.38 35.28
CA PTR A 197 -17.49 -11.12 36.01
C PTR A 197 -16.46 -12.15 35.60
O PTR A 197 -16.41 -13.23 36.14
CB PTR A 197 -17.86 -11.34 37.47
CG PTR A 197 -16.79 -11.19 38.52
CD1 PTR A 197 -16.21 -12.32 39.14
CD2 PTR A 197 -16.44 -9.90 38.95
CE1 PTR A 197 -15.28 -12.12 40.17
CE2 PTR A 197 -15.50 -9.74 39.97
CZ PTR A 197 -14.91 -10.84 40.56
OH PTR A 197 -14.08 -10.67 41.65
P PTR A 197 -12.53 -10.35 41.68
O1P PTR A 197 -12.53 -8.83 41.59
O2P PTR A 197 -11.93 -11.19 40.57
O3P PTR A 197 -12.18 -10.92 43.02
N ILE A 198 -15.56 -11.77 34.70
CA ILE A 198 -14.56 -12.66 34.17
C ILE A 198 -13.19 -12.02 34.07
N GLN A 199 -12.20 -12.84 33.73
CA GLN A 199 -10.79 -12.46 33.67
C GLN A 199 -10.24 -12.32 35.09
N SER A 200 -8.96 -12.62 35.26
CA SER A 200 -8.30 -12.35 36.51
C SER A 200 -8.15 -10.86 36.65
N ARG A 201 -8.30 -10.36 37.88
CA ARG A 201 -8.45 -8.94 38.11
C ARG A 201 -7.31 -8.08 37.52
N PHE A 202 -6.05 -8.47 37.74
CA PHE A 202 -4.95 -7.67 37.23
C PHE A 202 -5.00 -7.54 35.70
N TYR A 203 -5.59 -8.53 35.06
CA TYR A 203 -5.60 -8.60 33.60
C TYR A 203 -6.96 -8.29 32.99
N ARG A 204 -7.86 -7.77 33.80
CA ARG A 204 -9.24 -7.60 33.40
C ARG A 204 -9.37 -6.30 32.65
N SER A 205 -10.15 -6.34 31.57
CA SER A 205 -10.30 -5.20 30.68
C SER A 205 -11.29 -4.19 31.19
N PRO A 206 -11.22 -2.96 30.67
CA PRO A 206 -12.13 -1.91 31.10
C PRO A 206 -13.59 -2.23 30.79
N GLU A 207 -13.84 -2.83 29.64
CA GLU A 207 -15.21 -3.14 29.27
C GLU A 207 -15.84 -4.12 30.24
N VAL A 208 -15.05 -5.06 30.75
CA VAL A 208 -15.59 -6.02 31.69
C VAL A 208 -15.80 -5.38 33.05
N LEU A 209 -14.84 -4.59 33.49
CA LEU A 209 -14.99 -3.82 34.71
C LEU A 209 -16.22 -2.96 34.65
N LEU A 210 -16.51 -2.42 33.48
CA LEU A 210 -17.65 -1.54 33.28
C LEU A 210 -18.99 -2.25 33.01
N GLY A 211 -18.98 -3.57 32.98
CA GLY A 211 -20.19 -4.35 32.75
C GLY A 211 -20.76 -4.24 31.34
N MET A 212 -19.89 -3.98 30.37
CA MET A 212 -20.32 -3.78 29.02
C MET A 212 -20.17 -5.07 28.24
N PRO A 213 -20.81 -5.15 27.08
CA PRO A 213 -20.53 -6.34 26.25
C PRO A 213 -19.09 -6.42 25.82
N TYR A 214 -18.59 -7.63 25.66
CA TYR A 214 -17.18 -7.84 25.35
C TYR A 214 -17.01 -8.81 24.20
N ASP A 215 -15.84 -8.77 23.58
CA ASP A 215 -15.57 -9.59 22.43
C ASP A 215 -14.12 -10.06 22.51
N LEU A 216 -13.53 -10.51 21.41
CA LEU A 216 -12.19 -11.07 21.43
C LEU A 216 -11.09 -10.07 21.89
N ALA A 217 -11.41 -8.79 21.85
CA ALA A 217 -10.44 -7.77 22.17
C ALA A 217 -10.02 -7.75 23.64
N ILE A 218 -10.80 -8.37 24.52
CA ILE A 218 -10.39 -8.41 25.90
C ILE A 218 -9.11 -9.23 26.10
N ASP A 219 -8.87 -10.22 25.25
CA ASP A 219 -7.64 -11.01 25.36
C ASP A 219 -6.41 -10.19 24.96
N MET A 220 -6.59 -9.24 24.05
CA MET A 220 -5.49 -8.37 23.70
C MET A 220 -5.12 -7.41 24.86
N TRP A 221 -6.13 -6.88 25.55
CA TRP A 221 -5.91 -6.10 26.75
C TRP A 221 -5.06 -6.87 27.73
N SER A 222 -5.48 -8.08 28.02
CA SER A 222 -4.73 -8.93 28.93
C SER A 222 -3.31 -9.14 28.48
N LEU A 223 -3.14 -9.37 27.20
CA LEU A 223 -1.81 -9.63 26.68
C LEU A 223 -0.92 -8.40 26.90
N GLY A 224 -1.45 -7.21 26.62
CA GLY A 224 -0.73 -5.99 26.91
C GLY A 224 -0.21 -5.93 28.34
N CYS A 225 -1.06 -6.27 29.31
CA CYS A 225 -0.64 -6.22 30.71
C CYS A 225 0.46 -7.24 30.99
N ILE A 226 0.34 -8.40 30.37
CA ILE A 226 1.22 -9.51 30.65
C ILE A 226 2.60 -9.20 30.16
N LEU A 227 2.68 -8.69 28.95
CA LEU A 227 3.94 -8.40 28.35
C LEU A 227 4.71 -7.38 29.18
N VAL A 228 4.03 -6.35 29.70
CA VAL A 228 4.73 -5.38 30.54
C VAL A 228 5.26 -6.05 31.79
N GLU A 229 4.42 -6.86 32.41
CA GLU A 229 4.84 -7.57 33.62
C GLU A 229 6.01 -8.54 33.34
N MET A 230 6.02 -9.19 32.19
CA MET A 230 7.12 -10.09 31.88
C MET A 230 8.44 -9.36 31.84
N HIS A 231 8.47 -8.13 31.36
CA HIS A 231 9.72 -7.41 31.25
C HIS A 231 10.07 -6.60 32.52
N THR A 232 9.07 -6.09 33.23
CA THR A 232 9.32 -5.35 34.48
C THR A 232 9.36 -6.23 35.75
N GLY A 233 8.70 -7.37 35.71
CA GLY A 233 8.75 -8.32 36.84
C GLY A 233 7.59 -8.15 37.79
N GLU A 234 6.76 -7.13 37.56
CA GLU A 234 5.62 -6.88 38.42
C GLU A 234 4.37 -6.48 37.62
N PRO A 235 3.20 -6.78 38.16
CA PRO A 235 1.98 -6.47 37.44
C PRO A 235 1.84 -4.97 37.17
N LEU A 236 1.43 -4.65 35.97
CA LEU A 236 1.20 -3.28 35.58
C LEU A 236 0.10 -2.57 36.36
N PHE A 237 -1.00 -3.26 36.59
CA PHE A 237 -2.18 -2.76 37.26
C PHE A 237 -2.61 -3.74 38.37
N SER A 238 -2.12 -3.54 39.59
CA SER A 238 -2.28 -4.54 40.65
C SER A 238 -3.37 -4.20 41.66
N GLY A 239 -4.60 -4.10 41.16
CA GLY A 239 -5.71 -3.75 42.00
C GLY A 239 -6.16 -4.83 42.98
N ALA A 240 -6.53 -4.39 44.19
CA ALA A 240 -6.97 -5.28 45.22
C ALA A 240 -8.47 -5.53 45.14
N ASN A 241 -9.15 -4.69 44.39
CA ASN A 241 -10.57 -4.90 44.09
C ASN A 241 -10.92 -4.09 42.84
N GLU A 242 -12.15 -4.17 42.38
CA GLU A 242 -12.49 -3.52 41.11
C GLU A 242 -12.25 -2.03 41.14
N VAL A 243 -12.60 -1.35 42.22
CA VAL A 243 -12.41 0.10 42.28
C VAL A 243 -10.93 0.44 42.20
N ASP A 244 -10.14 -0.27 42.96
CA ASP A 244 -8.71 -0.03 42.94
C ASP A 244 -8.19 -0.32 41.52
N GLN A 245 -8.67 -1.39 40.92
CA GLN A 245 -8.15 -1.79 39.62
C GLN A 245 -8.39 -0.67 38.62
N MET A 246 -9.62 -0.16 38.57
CA MET A 246 -9.97 0.87 37.60
C MET A 246 -9.17 2.11 37.84
N ASN A 247 -8.99 2.46 39.12
CA ASN A 247 -8.17 3.60 39.45
C ASN A 247 -6.73 3.42 38.99
N LYS A 248 -6.18 2.22 39.12
CA LYS A 248 -4.78 2.03 38.73
C LYS A 248 -4.65 2.17 37.22
N ILE A 249 -5.69 1.81 36.51
CA ILE A 249 -5.65 1.94 35.07
C ILE A 249 -5.69 3.41 34.72
N VAL A 250 -6.54 4.15 35.42
CA VAL A 250 -6.69 5.54 35.14
C VAL A 250 -5.38 6.29 35.43
N GLU A 251 -4.65 5.90 36.46
CA GLU A 251 -3.34 6.51 36.73
C GLU A 251 -2.52 6.54 35.46
N VAL A 252 -2.59 5.48 34.67
CA VAL A 252 -1.71 5.35 33.52
C VAL A 252 -2.31 5.89 32.23
N LEU A 253 -3.58 5.60 32.00
CA LEU A 253 -4.23 5.93 30.72
C LEU A 253 -5.23 7.11 30.78
N GLY A 254 -5.48 7.67 31.94
CA GLY A 254 -6.41 8.76 32.07
C GLY A 254 -7.83 8.28 32.10
N ILE A 255 -8.77 9.23 32.13
CA ILE A 255 -10.20 8.91 32.26
C ILE A 255 -10.63 8.28 30.94
N PRO A 256 -11.48 7.25 30.99
CA PRO A 256 -11.94 6.67 29.74
C PRO A 256 -12.82 7.65 29.00
N PRO A 257 -12.86 7.55 27.64
CA PRO A 257 -13.61 8.48 26.82
C PRO A 257 -15.08 8.47 27.17
N ALA A 258 -15.70 9.62 26.99
CA ALA A 258 -17.12 9.77 27.30
C ALA A 258 -17.99 8.77 26.52
N HIS A 259 -17.65 8.53 25.26
CA HIS A 259 -18.54 7.71 24.40
C HIS A 259 -18.66 6.31 24.93
N ILE A 260 -17.68 5.87 25.70
CA ILE A 260 -17.76 4.61 26.38
C ILE A 260 -18.52 4.71 27.70
N LEU A 261 -18.18 5.67 28.54
CA LEU A 261 -18.82 5.76 29.85
C LEU A 261 -20.31 5.99 29.74
N ASP A 262 -20.72 6.71 28.71
CA ASP A 262 -22.14 6.95 28.46
C ASP A 262 -22.92 5.66 28.22
N GLN A 263 -22.28 4.62 27.69
CA GLN A 263 -22.97 3.36 27.46
C GLN A 263 -22.64 2.31 28.50
N ALA A 264 -21.96 2.67 29.57
CA ALA A 264 -21.44 1.69 30.53
C ALA A 264 -22.34 1.51 31.77
N PRO A 265 -22.93 0.33 31.95
CA PRO A 265 -23.82 0.12 33.07
C PRO A 265 -23.21 0.42 34.44
N LYS A 266 -21.92 0.18 34.61
CA LYS A 266 -21.27 0.37 35.92
C LYS A 266 -20.37 1.59 36.00
N ALA A 267 -20.55 2.52 35.08
CA ALA A 267 -19.79 3.76 35.09
C ALA A 267 -19.75 4.42 36.46
N ARG A 268 -20.85 4.40 37.16
CA ARG A 268 -20.98 5.17 38.42
C ARG A 268 -20.44 4.42 39.60
N LYS A 269 -20.01 3.19 39.38
CA LYS A 269 -19.22 2.48 40.38
C LYS A 269 -17.85 3.16 40.57
N PHE A 270 -17.31 3.79 39.51
CA PHE A 270 -16.00 4.43 39.55
C PHE A 270 -15.98 5.96 39.26
N PHE A 271 -16.97 6.46 38.49
CA PHE A 271 -16.93 7.79 37.92
C PHE A 271 -18.20 8.57 38.19
N GLU A 272 -18.15 9.87 37.95
CA GLU A 272 -19.34 10.70 38.03
C GLU A 272 -19.36 11.69 36.89
N LYS A 273 -20.56 11.95 36.39
CA LYS A 273 -20.75 12.77 35.20
C LYS A 273 -21.06 14.18 35.63
N LEU A 274 -20.25 15.12 35.15
CA LEU A 274 -20.46 16.53 35.47
C LEU A 274 -21.63 17.10 34.65
N PRO A 275 -22.22 18.19 35.14
CA PRO A 275 -23.28 18.85 34.36
C PRO A 275 -22.82 19.14 32.94
N ASP A 276 -21.55 19.54 32.78
CA ASP A 276 -21.04 19.92 31.46
C ASP A 276 -20.86 18.75 30.50
N GLY A 277 -21.25 17.54 30.90
CA GLY A 277 -21.22 16.39 29.98
C GLY A 277 -19.96 15.53 30.03
N THR A 278 -18.93 15.98 30.75
CA THR A 278 -17.70 15.20 30.91
C THR A 278 -17.72 14.36 32.18
N TRP A 279 -16.81 13.40 32.21
CA TRP A 279 -16.72 12.44 33.30
C TRP A 279 -15.49 12.68 34.15
N ASN A 280 -15.62 12.33 35.41
CA ASN A 280 -14.51 12.34 36.32
C ASN A 280 -14.50 11.17 37.27
N LEU A 281 -13.39 10.99 37.95
CA LEU A 281 -13.37 10.02 39.04
C LEU A 281 -14.39 10.42 40.09
N LYS A 282 -14.98 9.45 40.75
CA LYS A 282 -15.88 9.71 41.88
C LYS A 282 -15.22 10.58 42.92
N LYS A 283 -16.04 11.35 43.63
CA LYS A 283 -15.51 12.27 44.61
C LYS A 283 -14.91 11.49 45.74
N THR A 284 -13.73 11.92 46.15
CA THR A 284 -12.99 11.31 47.26
C THR A 284 -13.14 12.22 48.52
N LYS A 285 -13.01 11.65 49.71
CA LYS A 285 -13.20 12.40 50.96
C LYS A 285 -12.06 13.35 51.30
N ASP A 286 -12.39 14.38 52.09
CA ASP A 286 -11.63 14.70 53.33
C ASP A 286 -10.16 15.01 53.17
N GLY A 287 -9.73 15.55 52.06
CA GLY A 287 -8.28 15.57 51.84
C GLY A 287 -7.65 14.18 52.10
N LYS A 288 -8.09 13.18 51.34
CA LYS A 288 -7.36 11.94 51.23
C LYS A 288 -6.81 11.90 49.83
N ARG A 289 -5.61 11.39 49.71
CA ARG A 289 -4.89 11.32 48.44
C ARG A 289 -4.31 9.93 48.33
N GLU A 290 -4.73 9.18 47.31
CA GLU A 290 -4.24 7.78 47.14
C GLU A 290 -3.69 7.41 45.77
N TYR A 291 -4.12 8.12 44.74
CA TYR A 291 -3.67 7.82 43.43
C TYR A 291 -2.99 9.00 42.77
N LYS A 292 -2.07 8.73 41.86
CA LYS A 292 -1.55 9.77 41.00
C LYS A 292 -2.68 10.34 40.16
N PRO A 293 -2.59 11.61 39.78
CA PRO A 293 -3.64 12.16 38.96
C PRO A 293 -3.74 11.46 37.60
N PRO A 294 -4.92 11.51 36.99
CA PRO A 294 -5.19 10.72 35.78
C PRO A 294 -4.14 10.93 34.71
N GLY A 295 -3.67 9.83 34.13
CA GLY A 295 -2.70 9.89 33.05
C GLY A 295 -1.28 10.33 33.43
N THR A 296 -0.98 10.54 34.71
CA THR A 296 0.39 11.01 35.06
C THR A 296 1.40 9.91 35.35
N ARG A 297 0.93 8.68 35.49
CA ARG A 297 1.86 7.59 35.64
C ARG A 297 2.23 7.03 34.28
N LYS A 298 3.28 7.55 33.71
CA LYS A 298 3.58 7.33 32.32
C LYS A 298 4.22 6.00 32.11
N LEU A 299 3.73 5.27 31.11
CA LEU A 299 4.35 4.02 30.69
C LEU A 299 5.80 4.22 30.26
N HIS A 300 6.06 5.36 29.64
CA HIS A 300 7.43 5.77 29.33
C HIS A 300 8.42 5.54 30.50
N ASN A 301 7.98 5.83 31.74
CA ASN A 301 8.86 5.72 32.89
C ASN A 301 8.85 4.37 33.52
N ILE A 302 7.71 3.72 33.49
CA ILE A 302 7.58 2.41 34.01
C ILE A 302 8.55 1.48 33.26
N LEU A 303 8.63 1.63 31.94
CA LEU A 303 9.51 0.79 31.13
C LEU A 303 10.94 1.29 31.17
N GLY A 304 11.15 2.51 31.64
CA GLY A 304 12.47 3.11 31.67
C GLY A 304 13.03 3.26 30.26
N VAL A 305 12.19 3.76 29.35
CA VAL A 305 12.52 3.86 27.95
C VAL A 305 13.85 4.57 27.73
N GLU A 306 14.06 5.69 28.39
CA GLU A 306 15.29 6.47 28.21
C GLU A 306 16.24 6.37 29.40
N THR A 307 16.03 5.43 30.31
CA THR A 307 16.79 5.37 31.57
C THR A 307 17.32 3.99 31.88
N GLY A 308 17.57 3.20 30.84
CA GLY A 308 18.14 1.88 31.03
C GLY A 308 17.13 0.80 31.40
N GLY A 309 15.90 0.96 30.93
CA GLY A 309 14.86 -0.03 31.20
C GLY A 309 14.29 0.04 32.63
N PRO A 310 13.50 -0.96 33.00
CA PRO A 310 12.87 -1.06 34.32
C PRO A 310 13.87 -1.02 35.46
N GLY A 311 13.73 -0.01 36.31
CA GLY A 311 14.61 0.18 37.45
C GLY A 311 16.07 0.42 37.09
N GLY A 312 16.32 0.85 35.84
CA GLY A 312 17.68 1.00 35.35
C GLY A 312 18.44 -0.29 35.12
N ARG A 313 17.77 -1.42 35.31
CA ARG A 313 18.48 -2.69 35.39
C ARG A 313 19.05 -3.20 34.07
N ARG A 314 18.64 -2.61 32.96
CA ARG A 314 19.15 -3.00 31.63
C ARG A 314 20.15 -2.01 31.05
N ALA A 315 20.59 -1.07 31.88
CA ALA A 315 21.52 -0.04 31.41
C ALA A 315 22.72 -0.64 30.67
N GLY A 316 22.91 -0.24 29.42
CA GLY A 316 24.05 -0.70 28.61
C GLY A 316 24.09 -2.18 28.31
N GLU A 317 22.92 -2.81 28.13
CA GLU A 317 22.85 -4.17 27.60
C GLU A 317 22.46 -4.10 26.16
N SER A 318 22.79 -5.15 25.40
CA SER A 318 22.35 -5.21 24.01
C SER A 318 20.87 -5.60 23.94
N GLY A 319 20.24 -5.31 22.80
CA GLY A 319 18.83 -5.59 22.59
C GLY A 319 17.91 -4.81 23.54
N HIS A 320 18.37 -3.64 24.01
CA HIS A 320 17.60 -2.80 24.94
C HIS A 320 17.81 -1.33 24.64
N THR A 321 17.78 -1.01 23.36
CA THR A 321 18.04 0.34 22.92
C THR A 321 16.79 1.19 23.18
N VAL A 322 16.98 2.49 23.10
CA VAL A 322 15.85 3.38 23.20
C VAL A 322 14.87 3.08 22.06
N ALA A 323 15.38 2.84 20.86
CA ALA A 323 14.50 2.59 19.72
C ALA A 323 13.71 1.33 19.94
N ASP A 324 14.36 0.31 20.50
CA ASP A 324 13.66 -0.92 20.84
C ASP A 324 12.53 -0.62 21.80
N TYR A 325 12.83 0.13 22.87
CA TYR A 325 11.82 0.44 23.88
C TYR A 325 10.69 1.28 23.33
N LEU A 326 10.96 2.18 22.41
CA LEU A 326 9.88 3.03 21.87
C LEU A 326 8.89 2.22 21.05
N LYS A 327 9.39 1.23 20.34
CA LYS A 327 8.51 0.36 19.53
C LYS A 327 7.65 -0.46 20.45
N PHE A 328 8.30 -1.03 21.46
CA PHE A 328 7.62 -1.86 22.44
C PHE A 328 6.53 -1.06 23.11
N LYS A 329 6.85 0.14 23.54
CA LYS A 329 5.87 1.02 24.15
C LYS A 329 4.71 1.38 23.24
N ASP A 330 4.98 1.62 21.96
CA ASP A 330 3.90 1.91 21.04
C ASP A 330 2.94 0.72 20.95
N LEU A 331 3.50 -0.48 20.84
CA LEU A 331 2.68 -1.66 20.68
C LEU A 331 1.80 -1.82 21.89
N ILE A 332 2.38 -1.66 23.08
CA ILE A 332 1.62 -1.87 24.30
C ILE A 332 0.46 -0.89 24.43
N LEU A 333 0.70 0.35 24.07
CA LEU A 333 -0.34 1.36 24.15
C LEU A 333 -1.46 1.08 23.18
N ARG A 334 -1.14 0.52 22.02
CA ARG A 334 -2.16 0.12 21.07
CA ARG A 334 -2.17 0.12 21.08
C ARG A 334 -2.97 -1.09 21.61
N MET A 335 -2.31 -1.95 22.39
CA MET A 335 -3.02 -3.06 23.04
C MET A 335 -3.89 -2.59 24.20
N LEU A 336 -3.56 -1.45 24.78
CA LEU A 336 -4.32 -0.93 25.91
C LEU A 336 -5.25 0.21 25.53
N ASP A 337 -5.57 0.35 24.26
CA ASP A 337 -6.63 1.25 23.83
C ASP A 337 -7.89 0.96 24.66
N TYR A 338 -8.49 2.00 25.21
CA TYR A 338 -9.73 1.87 25.99
C TYR A 338 -10.90 1.36 25.12
N ASP A 339 -10.89 1.72 23.84
CA ASP A 339 -11.98 1.39 22.91
C ASP A 339 -11.70 0.04 22.24
N PRO A 340 -12.55 -0.95 22.49
CA PRO A 340 -12.34 -2.26 21.90
C PRO A 340 -12.52 -2.31 20.39
N LYS A 341 -13.23 -1.35 19.84
CA LYS A 341 -13.35 -1.27 18.38
C LYS A 341 -12.03 -0.89 17.71
N THR A 342 -11.16 -0.17 18.41
CA THR A 342 -9.91 0.37 17.82
C THR A 342 -8.65 -0.20 18.45
N ARG A 343 -8.80 -0.98 19.50
CA ARG A 343 -7.68 -1.70 20.06
C ARG A 343 -7.05 -2.59 18.99
N ILE A 344 -5.74 -2.63 18.95
CA ILE A 344 -5.03 -3.36 17.91
C ILE A 344 -5.44 -4.85 17.90
N GLN A 345 -5.60 -5.40 16.71
CA GLN A 345 -6.01 -6.78 16.54
C GLN A 345 -4.83 -7.60 16.09
N PRO A 346 -4.91 -8.92 16.30
CA PRO A 346 -3.72 -9.78 16.17
C PRO A 346 -3.02 -9.62 14.84
N TYR A 347 -3.80 -9.58 13.77
CA TYR A 347 -3.21 -9.48 12.44
C TYR A 347 -2.33 -8.23 12.30
N TYR A 348 -2.84 -7.09 12.71
CA TYR A 348 -2.08 -5.83 12.62
C TYR A 348 -0.97 -5.73 13.66
N ALA A 349 -1.13 -6.40 14.78
CA ALA A 349 -0.07 -6.41 15.79
C ALA A 349 1.13 -7.14 15.25
N LEU A 350 0.89 -8.24 14.54
CA LEU A 350 1.98 -9.02 13.99
C LEU A 350 2.80 -8.21 12.98
N GLN A 351 2.21 -7.17 12.42
CA GLN A 351 2.91 -6.29 11.47
C GLN A 351 3.62 -5.10 12.14
N HIS A 352 3.49 -4.95 13.45
CA HIS A 352 4.11 -3.81 14.15
C HIS A 352 5.63 -3.84 14.02
N SER A 353 6.23 -2.65 14.00
CA SER A 353 7.68 -2.53 13.84
C SER A 353 8.48 -3.20 14.96
N PHE A 354 7.85 -3.42 16.09
CA PHE A 354 8.47 -4.12 17.18
C PHE A 354 8.93 -5.52 16.78
N PHE A 355 8.31 -6.08 15.75
CA PHE A 355 8.64 -7.44 15.29
C PHE A 355 9.57 -7.52 14.06
N LYS A 356 10.19 -6.42 13.66
CA LYS A 356 10.96 -6.40 12.41
C LYS A 356 12.21 -7.28 12.42
N LYS A 357 12.32 -8.11 11.37
CA LYS A 357 13.53 -8.97 11.14
C LYS A 357 14.73 -8.14 10.66
N LYS B 10 -17.28 51.16 -15.09
CA LYS B 10 -16.02 51.92 -15.42
C LYS B 10 -15.31 52.56 -14.19
N VAL B 11 -16.07 52.99 -13.17
CA VAL B 11 -15.56 53.88 -12.10
C VAL B 11 -15.71 53.32 -10.67
N TYR B 12 -14.60 52.83 -10.05
CA TYR B 12 -14.65 52.20 -8.69
C TYR B 12 -13.97 53.03 -7.60
N ASN B 13 -14.72 53.34 -6.55
CA ASN B 13 -14.22 54.19 -5.46
C ASN B 13 -13.44 55.39 -5.99
N ASP B 14 -14.10 56.17 -6.85
CA ASP B 14 -13.52 57.40 -7.42
C ASP B 14 -12.14 57.21 -8.09
N GLY B 15 -11.93 56.03 -8.68
CA GLY B 15 -10.73 55.73 -9.42
C GLY B 15 -9.62 55.08 -8.61
N TYR B 16 -9.79 54.94 -7.30
CA TYR B 16 -8.73 54.43 -6.45
C TYR B 16 -8.68 52.89 -6.42
N ASP B 17 -9.79 52.26 -6.77
CA ASP B 17 -9.96 50.80 -6.67
C ASP B 17 -10.03 50.13 -8.04
N ASP B 18 -9.58 48.88 -8.12
CA ASP B 18 -9.83 48.07 -9.30
C ASP B 18 -11.21 47.44 -9.16
N ASP B 19 -11.55 46.52 -10.07
CA ASP B 19 -12.91 46.00 -10.14
C ASP B 19 -13.17 44.80 -9.21
N ASN B 20 -12.15 44.47 -8.43
CA ASN B 20 -12.28 43.45 -7.41
C ASN B 20 -12.12 44.04 -5.98
N TYR B 21 -12.52 45.29 -5.83
CA TYR B 21 -12.54 45.96 -4.56
C TYR B 21 -11.16 46.19 -3.94
N ASP B 22 -10.08 46.06 -4.71
CA ASP B 22 -8.74 46.24 -4.15
C ASP B 22 -8.22 47.62 -4.46
N TYR B 23 -7.39 48.14 -3.57
CA TYR B 23 -6.76 49.44 -3.82
C TYR B 23 -5.67 49.29 -4.88
N ILE B 24 -5.69 50.15 -5.90
CA ILE B 24 -4.66 50.12 -6.95
C ILE B 24 -3.37 50.71 -6.41
N VAL B 25 -2.43 49.83 -6.11
CA VAL B 25 -1.19 50.21 -5.47
C VAL B 25 -0.30 50.97 -6.43
N LYS B 26 0.33 52.03 -5.92
CA LYS B 26 1.26 52.83 -6.69
C LYS B 26 2.53 53.03 -5.89
N ASN B 27 3.62 52.50 -6.42
CA ASN B 27 4.91 52.59 -5.74
C ASN B 27 5.31 54.04 -5.60
N GLY B 28 5.94 54.38 -4.48
CA GLY B 28 6.36 55.74 -4.23
C GLY B 28 5.29 56.67 -3.67
N GLU B 29 4.05 56.21 -3.56
CA GLU B 29 2.97 57.03 -3.00
C GLU B 29 3.22 57.31 -1.52
N LYS B 30 2.78 58.46 -1.05
CA LYS B 30 2.92 58.81 0.37
C LYS B 30 1.54 58.99 0.99
N TRP B 31 1.31 58.37 2.13
CA TRP B 31 0.01 58.38 2.80
C TRP B 31 0.06 59.16 4.09
N MET B 32 -0.84 60.12 4.24
CA MET B 32 -1.00 60.84 5.50
C MET B 32 0.31 61.42 6.03
N ASP B 33 1.17 61.87 5.11
CA ASP B 33 2.49 62.42 5.49
C ASP B 33 3.22 61.52 6.48
N ARG B 34 3.11 60.21 6.30
CA ARG B 34 3.69 59.28 7.25
C ARG B 34 4.30 58.04 6.57
N TYR B 35 3.49 57.35 5.78
CA TYR B 35 3.89 56.07 5.21
C TYR B 35 4.29 56.24 3.76
N GLU B 36 5.49 55.79 3.41
CA GLU B 36 5.97 55.77 2.02
C GLU B 36 5.88 54.37 1.44
N ILE B 37 4.99 54.20 0.47
CA ILE B 37 4.69 52.89 -0.06
C ILE B 37 5.78 52.46 -1.01
N ASP B 38 6.52 51.43 -0.66
CA ASP B 38 7.54 50.89 -1.55
C ASP B 38 6.93 50.04 -2.68
N SER B 39 6.26 48.95 -2.31
CA SER B 39 5.76 48.01 -3.30
C SER B 39 4.78 46.96 -2.72
N LEU B 40 4.18 46.21 -3.63
CA LEU B 40 3.28 45.14 -3.29
C LEU B 40 4.09 43.91 -2.87
N ILE B 41 3.78 43.35 -1.71
CA ILE B 41 4.35 42.06 -1.27
C ILE B 41 3.48 40.87 -1.70
N GLY B 42 2.17 41.04 -1.66
CA GLY B 42 1.30 39.92 -1.92
C GLY B 42 -0.16 40.21 -1.85
N LYS B 43 -0.96 39.27 -2.36
CA LYS B 43 -2.40 39.35 -2.34
C LYS B 43 -3.01 38.12 -1.74
N GLY B 44 -4.22 38.28 -1.24
CA GLY B 44 -4.98 37.20 -0.68
C GLY B 44 -6.42 37.53 -0.91
N SER B 45 -7.30 36.67 -0.41
CA SER B 45 -8.73 36.85 -0.59
C SER B 45 -9.19 38.10 0.14
N PHE B 46 -8.50 38.44 1.23
CA PHE B 46 -8.84 39.63 2.04
C PHE B 46 -8.49 40.96 1.35
N GLY B 47 -7.53 40.93 0.43
CA GLY B 47 -6.98 42.16 -0.14
C GLY B 47 -5.50 42.03 -0.44
N GLN B 48 -4.71 43.02 -0.01
CA GLN B 48 -3.29 43.09 -0.38
C GLN B 48 -2.40 43.42 0.81
N VAL B 49 -1.11 43.15 0.68
CA VAL B 49 -0.14 43.53 1.68
C VAL B 49 1.01 44.27 1.00
N VAL B 50 1.42 45.40 1.56
CA VAL B 50 2.48 46.20 0.93
C VAL B 50 3.59 46.51 1.90
N LYS B 51 4.75 46.78 1.35
CA LYS B 51 5.91 47.17 2.14
C LYS B 51 5.93 48.67 2.17
N ALA B 52 6.16 49.24 3.35
CA ALA B 52 6.17 50.70 3.49
C ALA B 52 7.15 51.16 4.54
N TYR B 53 7.65 52.38 4.36
CA TYR B 53 8.47 53.02 5.38
C TYR B 53 7.63 54.01 6.21
N ASP B 54 7.71 53.84 7.52
CA ASP B 54 7.03 54.70 8.45
C ASP B 54 7.99 55.82 8.83
N ARG B 55 7.75 57.02 8.30
CA ARG B 55 8.58 58.20 8.63
C ARG B 55 8.69 58.45 10.11
N VAL B 56 7.56 58.38 10.79
CA VAL B 56 7.49 58.72 12.20
C VAL B 56 8.35 57.80 13.05
N GLU B 57 8.22 56.49 12.88
CA GLU B 57 8.97 55.55 13.72
C GLU B 57 10.34 55.16 13.14
N GLN B 58 10.62 55.61 11.91
CA GLN B 58 11.87 55.27 11.22
C GLN B 58 12.04 53.76 11.10
N GLU B 59 11.06 53.08 10.53
CA GLU B 59 11.13 51.63 10.37
C GLU B 59 10.29 51.13 9.19
N TRP B 60 10.68 49.98 8.64
CA TRP B 60 9.91 49.33 7.59
C TRP B 60 8.75 48.59 8.21
N VAL B 61 7.59 48.67 7.56
CA VAL B 61 6.40 47.98 8.03
C VAL B 61 5.67 47.30 6.88
N ALA B 62 4.80 46.37 7.23
CA ALA B 62 3.92 45.73 6.26
C ALA B 62 2.51 46.19 6.50
N ILE B 63 1.85 46.68 5.47
CA ILE B 63 0.49 47.16 5.60
C ILE B 63 -0.51 46.29 4.84
N LYS B 64 -1.43 45.71 5.59
CA LYS B 64 -2.50 44.93 5.02
C LYS B 64 -3.63 45.85 4.63
N ILE B 65 -3.92 45.92 3.35
CA ILE B 65 -5.00 46.76 2.85
C ILE B 65 -6.19 45.89 2.58
N ILE B 66 -7.20 46.03 3.41
CA ILE B 66 -8.41 45.24 3.28
C ILE B 66 -9.24 45.78 2.11
N LYS B 67 -9.98 44.88 1.49
CA LYS B 67 -10.83 45.24 0.36
C LYS B 67 -11.89 46.17 0.80
N ASN B 68 -12.26 47.08 -0.10
CA ASN B 68 -13.31 48.03 0.17
C ASN B 68 -14.64 47.39 -0.13
N LYS B 69 -15.08 46.55 0.78
CA LYS B 69 -16.38 45.94 0.72
C LYS B 69 -16.81 45.50 2.11
N LYS B 70 -18.08 45.75 2.43
CA LYS B 70 -18.60 45.59 3.77
C LYS B 70 -18.22 44.24 4.43
N ALA B 71 -18.52 43.16 3.76
CA ALA B 71 -18.24 41.83 4.32
C ALA B 71 -16.77 41.61 4.71
N PHE B 72 -15.86 42.18 3.93
CA PHE B 72 -14.43 42.05 4.19
C PHE B 72 -14.01 43.00 5.33
N LEU B 73 -14.48 44.24 5.26
CA LEU B 73 -14.29 45.18 6.34
C LEU B 73 -14.75 44.58 7.67
N ASN B 74 -15.96 44.02 7.68
CA ASN B 74 -16.52 43.49 8.92
C ASN B 74 -15.75 42.28 9.43
N GLN B 75 -15.24 41.43 8.55
CA GLN B 75 -14.40 40.32 9.04
C GLN B 75 -13.05 40.82 9.55
N ALA B 76 -12.47 41.79 8.88
CA ALA B 76 -11.21 42.34 9.32
C ALA B 76 -11.33 43.05 10.66
N GLN B 77 -12.50 43.59 10.97
CA GLN B 77 -12.71 44.19 12.30
C GLN B 77 -12.57 43.15 13.39
N ILE B 78 -13.05 41.96 13.14
CA ILE B 78 -12.84 40.87 14.07
C ILE B 78 -11.36 40.55 14.21
N GLU B 79 -10.66 40.48 13.07
CA GLU B 79 -9.22 40.26 13.10
C GLU B 79 -8.54 41.28 14.04
N VAL B 80 -8.93 42.54 13.92
CA VAL B 80 -8.30 43.59 14.71
C VAL B 80 -8.57 43.36 16.19
N ARG B 81 -9.81 43.08 16.52
CA ARG B 81 -10.14 42.86 17.90
C ARG B 81 -9.26 41.77 18.46
N LEU B 82 -9.10 40.68 17.73
CA LEU B 82 -8.37 39.53 18.22
C LEU B 82 -6.88 39.81 18.33
N LEU B 83 -6.33 40.49 17.33
CA LEU B 83 -4.91 40.85 17.38
C LEU B 83 -4.59 41.74 18.57
N GLU B 84 -5.46 42.69 18.85
CA GLU B 84 -5.17 43.64 19.95
C GLU B 84 -5.26 42.91 21.25
N LEU B 85 -6.17 41.96 21.30
CA LEU B 85 -6.35 41.19 22.52
C LEU B 85 -5.14 40.31 22.77
N MET B 86 -4.65 39.69 21.72
CA MET B 86 -3.47 38.86 21.85
C MET B 86 -2.26 39.70 22.17
N ASN B 87 -2.13 40.83 21.51
CA ASN B 87 -0.94 41.67 21.66
C ASN B 87 -0.81 42.29 23.05
N LYS B 88 -1.92 42.48 23.75
CA LYS B 88 -1.86 43.05 25.10
C LYS B 88 -1.65 42.01 26.19
N HIS B 89 -1.99 40.75 25.94
CA HIS B 89 -1.59 39.66 26.86
C HIS B 89 -0.14 39.19 26.61
N ASP B 90 0.48 39.65 25.51
CA ASP B 90 1.81 39.18 25.06
C ASP B 90 2.68 40.39 24.75
N THR B 91 2.66 41.44 25.62
CA THR B 91 3.38 42.72 25.30
C THR B 91 4.91 42.56 25.16
N GLU B 92 5.44 41.44 25.68
CA GLU B 92 6.86 41.10 25.52
C GLU B 92 7.18 40.44 24.17
N MET B 93 6.15 40.12 23.38
CA MET B 93 6.31 39.53 22.04
C MET B 93 7.05 38.19 22.06
N LYS B 94 6.82 37.40 23.11
CA LYS B 94 7.55 36.15 23.32
C LYS B 94 6.73 34.91 22.95
N TYR B 95 5.47 35.13 22.52
CA TYR B 95 4.54 34.01 22.27
C TYR B 95 4.21 33.82 20.78
N TYR B 96 4.98 34.44 19.89
CA TYR B 96 5.04 33.97 18.49
C TYR B 96 3.86 34.45 17.62
N ILE B 97 3.29 35.59 17.97
CA ILE B 97 2.17 36.16 17.23
C ILE B 97 2.47 37.53 16.70
N VAL B 98 2.15 37.73 15.45
CA VAL B 98 2.54 38.94 14.73
C VAL B 98 1.96 40.16 15.44
N HIS B 99 2.76 41.22 15.46
CA HIS B 99 2.43 42.43 16.19
C HIS B 99 1.66 43.38 15.29
N LEU B 100 0.43 43.66 15.64
CA LEU B 100 -0.32 44.72 15.01
C LEU B 100 0.01 46.04 15.69
N LYS B 101 0.68 46.92 14.98
CA LYS B 101 1.13 48.18 15.56
C LYS B 101 0.00 49.18 15.69
N ARG B 102 -0.77 49.34 14.62
CA ARG B 102 -1.95 50.18 14.62
C ARG B 102 -2.78 49.91 13.37
N HIS B 103 -3.95 50.52 13.29
CA HIS B 103 -4.78 50.48 12.09
C HIS B 103 -5.39 51.83 11.78
N PHE B 104 -5.85 51.99 10.54
CA PHE B 104 -6.51 53.21 10.14
C PHE B 104 -7.28 53.00 8.85
N MET B 105 -8.29 53.85 8.61
CA MET B 105 -9.00 53.91 7.34
C MET B 105 -8.29 54.85 6.41
N PHE B 106 -8.21 54.50 5.14
CA PHE B 106 -7.59 55.37 4.16
C PHE B 106 -8.19 55.09 2.80
N ARG B 107 -8.70 56.15 2.20
CA ARG B 107 -9.41 56.08 0.95
C ARG B 107 -10.39 54.91 0.95
N ASN B 108 -11.11 54.78 2.05
CA ASN B 108 -12.18 53.81 2.24
C ASN B 108 -11.73 52.33 2.38
N HIS B 109 -10.45 52.13 2.69
CA HIS B 109 -9.93 50.80 3.00
C HIS B 109 -9.44 50.78 4.45
N LEU B 110 -9.83 49.75 5.19
CA LEU B 110 -9.20 49.52 6.46
C LEU B 110 -7.78 49.04 6.23
N CYS B 111 -6.82 49.70 6.86
CA CYS B 111 -5.42 49.30 6.73
C CYS B 111 -4.83 48.89 8.05
N LEU B 112 -4.14 47.76 8.07
CA LEU B 112 -3.57 47.21 9.30
C LEU B 112 -2.06 47.25 9.17
N VAL B 113 -1.38 47.83 10.15
CA VAL B 113 0.06 48.05 10.06
C VAL B 113 0.78 47.07 10.97
N PHE B 114 1.63 46.24 10.37
CA PHE B 114 2.33 45.18 11.08
C PHE B 114 3.83 45.39 11.05
N GLU B 115 4.50 44.84 12.05
CA GLU B 115 5.95 44.65 12.02
C GLU B 115 6.36 43.93 10.73
N MET B 116 7.55 44.22 10.25
CA MET B 116 8.08 43.58 9.05
C MET B 116 8.62 42.19 9.43
N LEU B 117 8.44 41.20 8.54
CA LEU B 117 8.96 39.85 8.77
C LEU B 117 9.68 39.32 7.54
N SER B 118 10.25 38.11 7.63
CA SER B 118 10.96 37.48 6.49
C SER B 118 10.13 36.38 5.77
N TYR B 119 10.79 35.44 5.09
CA TYR B 119 10.11 34.35 4.33
C TYR B 119 9.13 33.56 5.16
N ASN B 120 8.06 33.08 4.53
CA ASN B 120 7.20 32.05 5.14
C ASN B 120 7.74 30.65 4.88
N LEU B 121 7.15 29.68 5.55
CA LEU B 121 7.69 28.32 5.50
C LEU B 121 7.47 27.61 4.17
N TYR B 122 6.51 28.04 3.37
CA TYR B 122 6.34 27.45 2.07
C TYR B 122 7.48 27.89 1.18
N ASP B 123 7.87 29.19 1.26
CA ASP B 123 9.07 29.70 0.56
C ASP B 123 10.28 28.87 0.93
N LEU B 124 10.36 28.57 2.21
CA LEU B 124 11.43 27.80 2.74
C LEU B 124 11.48 26.38 2.12
N LEU B 125 10.32 25.74 2.01
CA LEU B 125 10.24 24.42 1.36
C LEU B 125 10.59 24.45 -0.08
N ARG B 126 10.10 25.48 -0.74
CA ARG B 126 10.34 25.65 -2.14
C ARG B 126 11.83 25.79 -2.40
N ASN B 127 12.52 26.47 -1.50
CA ASN B 127 13.94 26.62 -1.60
C ASN B 127 14.72 25.32 -1.54
N THR B 128 14.19 24.32 -0.85
CA THR B 128 14.82 22.98 -0.82
C THR B 128 14.35 22.10 -1.98
N ASN B 129 13.70 22.72 -2.98
CA ASN B 129 12.99 21.97 -4.04
C ASN B 129 12.13 20.84 -3.48
N PHE B 130 11.43 21.14 -2.41
CA PHE B 130 10.42 20.27 -1.86
C PHE B 130 10.97 18.95 -1.37
N ARG B 131 12.19 19.00 -0.88
CA ARG B 131 12.79 17.83 -0.29
C ARG B 131 12.83 17.91 1.26
N GLY B 132 12.39 19.04 1.81
CA GLY B 132 12.13 19.16 3.23
C GLY B 132 13.32 19.68 4.02
N VAL B 133 13.04 20.22 5.20
CA VAL B 133 14.09 20.70 6.10
C VAL B 133 14.47 19.64 7.13
N SER B 134 15.58 19.86 7.82
CA SER B 134 16.09 18.86 8.77
C SER B 134 15.08 18.61 9.87
N LEU B 135 15.16 17.44 10.48
CA LEU B 135 14.35 17.14 11.62
C LEU B 135 14.63 18.07 12.79
N ASN B 136 15.88 18.51 12.95
CA ASN B 136 16.21 19.48 13.98
C ASN B 136 15.47 20.81 13.79
N LEU B 137 15.40 21.27 12.56
CA LEU B 137 14.72 22.52 12.28
C LEU B 137 13.21 22.35 12.47
N THR B 138 12.69 21.21 12.05
CA THR B 138 11.29 20.87 12.22
C THR B 138 10.90 20.91 13.70
N ARG B 139 11.78 20.40 14.56
CA ARG B 139 11.55 20.36 16.01
C ARG B 139 11.45 21.76 16.56
N LYS B 140 12.35 22.62 16.13
CA LYS B 140 12.34 24.02 16.51
C LYS B 140 11.04 24.73 16.15
N PHE B 141 10.55 24.50 14.92
CA PHE B 141 9.28 25.09 14.54
C PHE B 141 8.13 24.50 15.37
N ALA B 142 8.21 23.20 15.63
CA ALA B 142 7.14 22.55 16.31
C ALA B 142 6.99 23.03 17.72
N GLN B 143 8.11 23.23 18.39
CA GLN B 143 8.08 23.69 19.76
C GLN B 143 7.49 25.08 19.84
N GLN B 144 7.90 25.92 18.91
CA GLN B 144 7.38 27.28 18.88
C GLN B 144 5.91 27.28 18.61
N MET B 145 5.49 26.51 17.63
CA MET B 145 4.07 26.47 17.29
C MET B 145 3.22 25.91 18.44
N CYS B 146 3.73 24.93 19.18
CA CYS B 146 2.94 24.38 20.28
C CYS B 146 2.83 25.41 21.39
N THR B 147 3.88 26.20 21.58
CA THR B 147 3.85 27.21 22.57
C THR B 147 2.83 28.26 22.16
N ALA B 148 2.81 28.59 20.87
CA ALA B 148 1.86 29.56 20.39
C ALA B 148 0.45 29.06 20.62
N LEU B 149 0.21 27.76 20.38
CA LEU B 149 -1.12 27.22 20.59
C LEU B 149 -1.48 27.17 22.06
N LEU B 150 -0.50 26.96 22.91
CA LEU B 150 -0.74 27.04 24.35
C LEU B 150 -1.21 28.46 24.74
N PHE B 151 -0.60 29.45 24.12
CA PHE B 151 -0.98 30.80 24.36
C PHE B 151 -2.44 31.05 23.94
N LEU B 152 -2.79 30.64 22.73
CA LEU B 152 -4.16 30.86 22.23
C LEU B 152 -5.20 30.16 23.06
N ALA B 153 -4.81 29.04 23.66
CA ALA B 153 -5.69 28.25 24.52
C ALA B 153 -5.94 28.86 25.91
N THR B 154 -5.23 29.93 26.28
CA THR B 154 -5.46 30.53 27.60
C THR B 154 -6.91 31.02 27.66
N PRO B 155 -7.62 30.75 28.78
CA PRO B 155 -9.07 31.00 28.95
C PRO B 155 -9.54 32.39 28.50
N GLU B 156 -8.76 33.42 28.80
CA GLU B 156 -9.14 34.77 28.40
C GLU B 156 -9.13 34.91 26.88
N LEU B 157 -8.28 34.13 26.19
CA LEU B 157 -8.22 34.20 24.72
C LEU B 157 -9.13 33.17 24.05
N SER B 158 -8.86 31.89 24.29
CA SER B 158 -9.61 30.83 23.68
C SER B 158 -9.81 31.05 22.16
N ILE B 159 -8.70 31.41 21.49
CA ILE B 159 -8.72 31.72 20.06
C ILE B 159 -8.38 30.52 19.16
N ILE B 160 -9.21 30.31 18.16
CA ILE B 160 -8.97 29.28 17.12
C ILE B 160 -8.51 30.01 15.86
N HIS B 161 -7.28 29.74 15.43
CA HIS B 161 -6.73 30.46 14.27
C HIS B 161 -7.53 30.16 13.01
N CYS B 162 -7.86 28.87 12.82
CA CYS B 162 -8.77 28.41 11.78
C CYS B 162 -8.18 28.35 10.38
N ASP B 163 -6.93 28.77 10.21
CA ASP B 163 -6.28 28.67 8.91
C ASP B 163 -4.75 28.52 8.97
N LEU B 164 -4.27 27.65 9.84
CA LEU B 164 -2.86 27.37 9.85
C LEU B 164 -2.41 26.58 8.62
N LYS B 165 -1.33 27.05 8.03
CA LYS B 165 -0.70 26.45 6.90
C LYS B 165 0.68 27.07 6.77
N PRO B 166 1.58 26.46 6.00
CA PRO B 166 2.93 26.96 5.96
C PRO B 166 3.06 28.43 5.54
N GLU B 167 2.25 28.88 4.58
CA GLU B 167 2.26 30.30 4.15
C GLU B 167 1.98 31.30 5.26
N ASN B 168 1.35 30.86 6.33
CA ASN B 168 0.97 31.78 7.41
C ASN B 168 1.90 31.70 8.62
N ILE B 169 3.05 31.08 8.43
CA ILE B 169 4.03 31.01 9.45
C ILE B 169 5.26 31.61 8.85
N LEU B 170 5.73 32.72 9.43
CA LEU B 170 6.87 33.45 8.87
C LEU B 170 8.07 33.49 9.80
N LEU B 171 9.25 33.46 9.23
CA LEU B 171 10.47 33.69 9.97
C LEU B 171 10.56 35.17 10.32
N CYS B 172 11.13 35.46 11.49
CA CYS B 172 11.39 36.85 11.87
C CYS B 172 12.59 37.37 11.09
N ASN B 173 13.62 36.52 10.99
CA ASN B 173 14.82 36.89 10.27
CA ASN B 173 14.85 36.88 10.30
C ASN B 173 15.24 35.72 9.40
N PRO B 174 15.77 36.03 8.20
CA PRO B 174 16.01 35.00 7.19
C PRO B 174 17.06 33.97 7.56
N LYS B 175 17.92 34.28 8.53
CA LYS B 175 18.97 33.33 8.90
C LYS B 175 18.75 32.74 10.28
N ARG B 176 17.51 32.82 10.78
CA ARG B 176 17.20 32.36 12.12
C ARG B 176 15.91 31.59 12.14
N SER B 177 15.70 30.83 13.19
CA SER B 177 14.59 29.90 13.27
C SER B 177 13.40 30.48 14.00
N ALA B 178 13.50 31.71 14.49
CA ALA B 178 12.35 32.32 15.19
C ALA B 178 11.21 32.56 14.22
N ILE B 179 9.98 32.28 14.65
CA ILE B 179 8.80 32.47 13.79
C ILE B 179 7.71 33.33 14.44
N LYS B 180 6.82 33.85 13.59
CA LYS B 180 5.54 34.41 14.01
C LYS B 180 4.42 33.90 13.14
N ILE B 181 3.23 33.80 13.73
CA ILE B 181 2.04 33.38 12.99
C ILE B 181 1.31 34.62 12.52
N VAL B 182 0.85 34.60 11.26
CA VAL B 182 0.06 35.69 10.73
C VAL B 182 -1.33 35.23 10.26
N ASP B 183 -2.12 36.18 9.77
CA ASP B 183 -3.44 35.97 9.20
C ASP B 183 -4.43 35.37 10.16
N PHE B 184 -4.93 36.20 11.05
CA PHE B 184 -6.04 35.83 11.90
C PHE B 184 -7.34 36.32 11.29
N GLY B 185 -7.33 36.46 9.96
CA GLY B 185 -8.49 36.93 9.22
C GLY B 185 -9.69 36.01 9.17
N SER B 186 -9.55 34.75 9.53
CA SER B 186 -10.74 33.89 9.68
C SER B 186 -10.82 33.25 11.08
N SER B 187 -10.07 33.83 12.02
CA SER B 187 -10.07 33.35 13.40
C SER B 187 -11.32 33.75 14.15
N CYS B 188 -11.57 33.01 15.21
CA CYS B 188 -12.70 33.22 16.08
C CYS B 188 -12.36 32.73 17.51
N GLN B 189 -13.27 32.98 18.44
CA GLN B 189 -13.11 32.50 19.79
C GLN B 189 -14.08 31.34 20.03
N LEU B 190 -13.77 30.53 21.03
CA LEU B 190 -14.50 29.30 21.32
C LEU B 190 -16.03 29.54 21.45
N GLY B 191 -16.43 30.63 22.11
CA GLY B 191 -17.86 30.99 22.13
C GLY B 191 -18.42 31.27 20.74
N GLN B 192 -17.80 32.24 20.06
CA GLN B 192 -18.32 32.95 18.93
C GLN B 192 -17.92 32.33 17.59
N ARG B 193 -18.38 31.12 17.31
CA ARG B 193 -18.06 30.46 16.03
C ARG B 193 -19.14 30.72 14.99
N ILE B 194 -18.72 31.31 13.85
CA ILE B 194 -19.67 31.85 12.83
C ILE B 194 -19.61 31.17 11.43
N TYR B 195 -18.71 30.21 11.26
CA TYR B 195 -18.55 29.54 9.96
C TYR B 195 -18.62 28.01 10.05
N GLN B 196 -18.75 27.41 8.88
CA GLN B 196 -18.93 25.97 8.70
C GLN B 196 -17.76 25.36 7.83
N PTR B 197 -17.54 25.91 6.61
CA PTR B 197 -16.48 25.39 5.61
CA PTR B 197 -16.48 25.47 5.70
C PTR B 197 -15.22 26.28 5.89
O PTR B 197 -15.09 27.36 5.36
CB PTR B 197 -16.97 25.34 4.09
CB PTR B 197 -17.06 25.81 4.33
CG PTR B 197 -16.88 24.15 3.03
CG PTR B 197 -16.20 25.52 3.13
CD1 PTR B 197 -15.94 24.13 1.98
CD1 PTR B 197 -15.60 26.55 2.41
CD2 PTR B 197 -17.84 23.11 2.96
CD2 PTR B 197 -16.11 24.21 2.71
CE1 PTR B 197 -15.90 23.09 0.97
CE1 PTR B 197 -14.86 26.25 1.28
CE2 PTR B 197 -17.81 22.08 1.97
CE2 PTR B 197 -15.38 23.91 1.58
CZ PTR B 197 -16.87 22.03 0.91
CZ PTR B 197 -14.73 24.93 0.88
OH PTR B 197 -16.94 20.90 -0.02
OH PTR B 197 -14.05 24.65 -0.27
P PTR B 197 -16.59 20.41 -1.62
P PTR B 197 -12.58 24.11 -0.45
O1P PTR B 197 -15.10 20.43 -1.82
O1P PTR B 197 -11.75 24.83 0.58
O2P PTR B 197 -17.39 21.30 -2.54
O2P PTR B 197 -12.31 24.62 -1.81
O3P PTR B 197 -17.09 19.00 -1.67
O3P PTR B 197 -12.78 22.61 -0.31
N ILE B 198 -14.32 25.80 6.75
CA ILE B 198 -13.13 26.57 7.15
C ILE B 198 -11.87 25.73 7.12
N GLN B 199 -10.73 26.40 7.31
CA GLN B 199 -9.39 25.84 7.17
C GLN B 199 -9.08 25.66 5.70
N SER B 200 -7.82 25.78 5.33
CA SER B 200 -7.39 25.39 4.02
C SER B 200 -7.50 23.88 3.90
N ARG B 201 -7.91 23.41 2.73
CA ARG B 201 -8.31 22.02 2.55
C ARG B 201 -7.24 21.00 2.95
N PHE B 202 -6.00 21.18 2.52
CA PHE B 202 -4.96 20.23 2.92
C PHE B 202 -4.84 20.10 4.46
N TYR B 203 -5.16 21.18 5.17
CA TYR B 203 -4.90 21.26 6.60
C TYR B 203 -6.20 21.22 7.37
N ARG B 204 -7.27 20.83 6.70
CA ARG B 204 -8.61 20.82 7.30
C ARG B 204 -8.83 19.53 8.12
N SER B 205 -9.42 19.69 9.30
CA SER B 205 -9.59 18.61 10.23
C SER B 205 -10.83 17.74 9.90
N PRO B 206 -10.88 16.53 10.46
CA PRO B 206 -11.95 15.62 10.16
C PRO B 206 -13.28 16.14 10.65
N GLU B 207 -13.27 16.79 11.80
CA GLU B 207 -14.53 17.27 12.36
C GLU B 207 -15.13 18.34 11.48
N VAL B 208 -14.29 19.15 10.84
CA VAL B 208 -14.81 20.18 9.95
C VAL B 208 -15.29 19.57 8.65
N LEU B 209 -14.52 18.67 8.10
CA LEU B 209 -14.95 17.92 6.93
C LEU B 209 -16.27 17.24 7.19
N LEU B 210 -16.47 16.76 8.42
CA LEU B 210 -17.69 16.04 8.79
C LEU B 210 -18.87 16.94 9.24
N GLY B 211 -18.66 18.25 9.22
CA GLY B 211 -19.71 19.20 9.60
C GLY B 211 -20.10 19.17 11.07
N MET B 212 -19.16 18.74 11.92
CA MET B 212 -19.41 18.62 13.33
C MET B 212 -18.94 19.92 14.04
N PRO B 213 -19.35 20.11 15.30
CA PRO B 213 -18.80 21.27 16.03
C PRO B 213 -17.31 21.12 16.25
N TYR B 214 -16.62 22.25 16.31
CA TYR B 214 -15.18 22.24 16.39
C TYR B 214 -14.70 23.18 17.48
N ASP B 215 -13.49 22.96 17.92
CA ASP B 215 -12.91 23.75 18.99
C ASP B 215 -11.44 23.98 18.69
N LEU B 216 -10.63 24.32 19.69
CA LEU B 216 -9.22 24.69 19.44
C LEU B 216 -8.37 23.54 18.90
N ALA B 217 -8.89 22.32 19.01
CA ALA B 217 -8.14 21.16 18.59
C ALA B 217 -7.94 21.10 17.06
N ILE B 218 -8.72 21.84 16.28
CA ILE B 218 -8.52 21.81 14.85
C ILE B 218 -7.18 22.41 14.44
N ASP B 219 -6.66 23.33 15.22
CA ASP B 219 -5.37 23.92 14.93
C ASP B 219 -4.25 22.87 15.17
N MET B 220 -4.45 21.96 16.11
CA MET B 220 -3.44 20.94 16.36
C MET B 220 -3.38 19.94 15.18
N TRP B 221 -4.55 19.58 14.64
CA TRP B 221 -4.61 18.77 13.44
C TRP B 221 -3.78 19.41 12.35
N SER B 222 -4.05 20.66 12.09
CA SER B 222 -3.34 21.40 11.06
C SER B 222 -1.85 21.37 11.31
N LEU B 223 -1.48 21.54 12.56
CA LEU B 223 -0.07 21.58 12.91
C LEU B 223 0.59 20.25 12.61
N GLY B 224 -0.06 19.17 12.99
CA GLY B 224 0.41 17.84 12.62
C GLY B 224 0.70 17.68 11.13
N CYS B 225 -0.19 18.17 10.27
CA CYS B 225 0.00 18.07 8.83
C CYS B 225 1.17 18.91 8.39
N ILE B 226 1.29 20.08 8.99
CA ILE B 226 2.31 21.02 8.59
C ILE B 226 3.68 20.43 8.89
N LEU B 227 3.83 19.88 10.06
CA LEU B 227 5.12 19.42 10.51
C LEU B 227 5.62 18.29 9.64
N VAL B 228 4.73 17.37 9.27
CA VAL B 228 5.15 16.34 8.35
C VAL B 228 5.56 16.91 7.00
N GLU B 229 4.79 17.86 6.49
CA GLU B 229 5.13 18.50 5.22
C GLU B 229 6.47 19.21 5.31
N MET B 230 6.75 19.82 6.46
CA MET B 230 7.99 20.56 6.58
C MET B 230 9.19 19.63 6.43
N HIS B 231 9.09 18.42 6.93
CA HIS B 231 10.24 17.51 6.87
C HIS B 231 10.30 16.66 5.59
N THR B 232 9.14 16.32 5.02
CA THR B 232 9.10 15.55 3.76
C THR B 232 9.16 16.42 2.51
N GLY B 233 8.66 17.65 2.61
CA GLY B 233 8.59 18.54 1.48
C GLY B 233 7.27 18.57 0.76
N GLU B 234 6.35 17.69 1.13
CA GLU B 234 5.11 17.63 0.45
C GLU B 234 3.97 17.59 1.38
N PRO B 235 2.83 18.19 0.99
CA PRO B 235 1.66 18.01 1.82
C PRO B 235 1.35 16.55 2.11
N LEU B 236 1.08 16.27 3.36
CA LEU B 236 0.70 14.96 3.79
C LEU B 236 -0.58 14.46 3.14
N PHE B 237 -1.58 15.34 3.02
CA PHE B 237 -2.93 15.03 2.53
C PHE B 237 -3.38 16.07 1.51
N SER B 238 -3.10 15.83 0.24
CA SER B 238 -3.27 16.86 -0.78
C SER B 238 -4.55 16.71 -1.62
N GLY B 239 -5.69 16.80 -0.97
CA GLY B 239 -6.97 16.58 -1.62
C GLY B 239 -7.42 17.70 -2.52
N ALA B 240 -8.01 17.33 -3.66
CA ALA B 240 -8.43 18.31 -4.64
C ALA B 240 -9.85 18.76 -4.31
N ASN B 241 -10.54 18.00 -3.47
CA ASN B 241 -11.86 18.38 -2.95
C ASN B 241 -12.12 17.64 -1.68
N GLU B 242 -13.26 17.88 -1.05
CA GLU B 242 -13.49 17.28 0.26
C GLU B 242 -13.50 15.76 0.25
N VAL B 243 -14.10 15.15 -0.77
CA VAL B 243 -14.11 13.69 -0.88
C VAL B 243 -12.70 13.14 -1.03
N ASP B 244 -11.92 13.75 -1.91
CA ASP B 244 -10.52 13.34 -2.10
C ASP B 244 -9.75 13.53 -0.79
N GLN B 245 -9.99 14.65 -0.12
CA GLN B 245 -9.26 14.94 1.09
C GLN B 245 -9.52 13.85 2.13
N MET B 246 -10.78 13.53 2.37
CA MET B 246 -11.13 12.55 3.39
C MET B 246 -10.53 11.22 3.04
N ASN B 247 -10.58 10.85 1.75
CA ASN B 247 -9.98 9.61 1.31
C ASN B 247 -8.48 9.56 1.52
N LYS B 248 -7.78 10.66 1.28
CA LYS B 248 -6.33 10.67 1.50
C LYS B 248 -6.01 10.52 2.97
N ILE B 249 -6.87 11.06 3.83
CA ILE B 249 -6.70 10.87 5.25
C ILE B 249 -6.90 9.42 5.62
N VAL B 250 -7.94 8.82 5.06
CA VAL B 250 -8.24 7.44 5.37
C VAL B 250 -7.12 6.51 4.92
N GLU B 251 -6.49 6.81 3.79
CA GLU B 251 -5.32 5.99 3.34
C GLU B 251 -4.32 5.82 4.47
N VAL B 252 -4.12 6.88 5.26
CA VAL B 252 -3.12 6.86 6.31
C VAL B 252 -3.63 6.42 7.67
N LEU B 253 -4.79 6.93 8.09
CA LEU B 253 -5.29 6.70 9.44
C LEU B 253 -6.44 5.69 9.55
N GLY B 254 -6.91 5.17 8.43
CA GLY B 254 -8.00 4.21 8.43
C GLY B 254 -9.34 4.89 8.57
N ILE B 255 -10.37 4.09 8.73
CA ILE B 255 -11.72 4.61 8.82
C ILE B 255 -11.85 5.30 10.18
N PRO B 256 -12.53 6.45 10.23
CA PRO B 256 -12.73 7.07 11.54
C PRO B 256 -13.62 6.19 12.41
N PRO B 257 -13.47 6.27 13.74
CA PRO B 257 -14.26 5.48 14.67
C PRO B 257 -15.75 5.70 14.52
N ALA B 258 -16.49 4.66 14.79
CA ALA B 258 -17.93 4.72 14.71
C ALA B 258 -18.54 5.83 15.60
N HIS B 259 -18.00 6.01 16.81
CA HIS B 259 -18.64 6.92 17.78
C HIS B 259 -18.64 8.33 17.25
N ILE B 260 -17.72 8.63 16.35
CA ILE B 260 -17.71 9.91 15.65
C ILE B 260 -18.67 9.94 14.46
N LEU B 261 -18.59 8.93 13.59
CA LEU B 261 -19.40 8.96 12.37
C LEU B 261 -20.88 8.91 12.68
N ASP B 262 -21.23 8.25 13.78
CA ASP B 262 -22.62 8.22 14.22
C ASP B 262 -23.17 9.61 14.55
N GLN B 263 -22.31 10.54 14.98
CA GLN B 263 -22.79 11.90 15.31
C GLN B 263 -22.49 12.91 14.21
N ALA B 264 -22.04 12.45 13.05
CA ALA B 264 -21.51 13.38 12.05
C ALA B 264 -22.52 13.69 10.93
N PRO B 265 -22.97 14.97 10.83
CA PRO B 265 -23.95 15.32 9.82
C PRO B 265 -23.58 14.93 8.39
N LYS B 266 -22.28 14.96 8.05
CA LYS B 266 -21.86 14.70 6.68
C LYS B 266 -21.12 13.35 6.51
N ALA B 267 -21.31 12.45 7.46
CA ALA B 267 -20.74 11.12 7.34
C ALA B 267 -21.00 10.46 5.99
N ARG B 268 -22.20 10.64 5.46
CA ARG B 268 -22.60 9.91 4.27
C ARG B 268 -22.12 10.57 3.01
N LYS B 269 -21.49 11.72 3.13
CA LYS B 269 -20.76 12.30 2.03
C LYS B 269 -19.56 11.43 1.66
N PHE B 270 -19.00 10.70 2.62
CA PHE B 270 -17.78 9.91 2.40
C PHE B 270 -17.93 8.43 2.71
N PHE B 271 -18.86 8.07 3.60
CA PHE B 271 -18.93 6.72 4.16
C PHE B 271 -20.34 6.13 4.06
N GLU B 272 -20.45 4.83 4.31
CA GLU B 272 -21.76 4.20 4.43
C GLU B 272 -21.75 3.21 5.57
N LYS B 273 -22.89 3.12 6.24
CA LYS B 273 -23.03 2.33 7.46
C LYS B 273 -23.61 0.98 7.11
N LEU B 274 -22.90 -0.07 7.47
CA LEU B 274 -23.35 -1.42 7.21
C LEU B 274 -24.46 -1.81 8.19
N PRO B 275 -25.28 -2.80 7.81
CA PRO B 275 -26.29 -3.33 8.75
C PRO B 275 -25.68 -3.72 10.09
N ASP B 276 -24.49 -4.31 10.06
CA ASP B 276 -23.84 -4.75 11.30
C ASP B 276 -23.34 -3.61 12.21
N GLY B 277 -23.61 -2.35 11.85
CA GLY B 277 -23.30 -1.22 12.73
C GLY B 277 -21.96 -0.53 12.48
N THR B 278 -21.11 -1.13 11.65
CA THR B 278 -19.81 -0.55 11.29
C THR B 278 -19.87 0.29 10.02
N TRP B 279 -18.84 1.11 9.85
CA TRP B 279 -18.78 2.07 8.76
C TRP B 279 -17.73 1.69 7.74
N ASN B 280 -17.97 2.09 6.49
CA ASN B 280 -17.02 1.87 5.42
C ASN B 280 -16.98 3.01 4.46
N LEU B 281 -15.94 3.05 3.65
CA LEU B 281 -15.93 3.99 2.55
C LEU B 281 -17.13 3.74 1.62
N LYS B 282 -17.67 4.81 1.05
CA LYS B 282 -18.76 4.69 0.10
C LYS B 282 -18.41 3.72 -0.99
N LYS B 283 -19.43 3.06 -1.54
CA LYS B 283 -19.19 2.11 -2.61
C LYS B 283 -18.63 2.86 -3.79
N THR B 284 -17.51 2.37 -4.25
CA THR B 284 -16.70 3.12 -5.17
C THR B 284 -17.27 2.82 -6.57
N LYS B 285 -17.15 3.78 -7.48
CA LYS B 285 -17.80 3.73 -8.79
C LYS B 285 -16.95 2.99 -9.84
N ASP B 286 -17.53 2.90 -11.03
CA ASP B 286 -16.82 2.84 -12.34
C ASP B 286 -15.77 1.75 -12.50
N GLY B 287 -15.86 0.66 -11.76
CA GLY B 287 -14.75 -0.29 -11.74
C GLY B 287 -13.45 0.50 -11.56
N LYS B 288 -13.38 1.34 -10.53
CA LYS B 288 -12.21 2.20 -10.32
C LYS B 288 -11.44 1.75 -9.09
N ARG B 289 -10.12 1.92 -9.15
CA ARG B 289 -9.25 1.75 -7.99
C ARG B 289 -8.37 2.98 -7.93
N GLU B 290 -8.50 3.76 -6.86
CA GLU B 290 -7.74 5.02 -6.76
C GLU B 290 -6.94 5.19 -5.51
N TYR B 291 -7.41 4.60 -4.43
CA TYR B 291 -6.79 4.82 -3.16
C TYR B 291 -6.24 3.52 -2.60
N LYS B 292 -5.15 3.63 -1.86
CA LYS B 292 -4.65 2.51 -1.07
C LYS B 292 -5.75 2.12 -0.07
N PRO B 293 -5.78 0.85 0.30
CA PRO B 293 -6.76 0.45 1.29
C PRO B 293 -6.56 1.17 2.61
N PRO B 294 -7.65 1.35 3.36
CA PRO B 294 -7.61 2.12 4.61
C PRO B 294 -6.45 1.74 5.52
N GLY B 295 -5.75 2.76 6.03
CA GLY B 295 -4.67 2.56 6.98
C GLY B 295 -3.41 1.92 6.44
N THR B 296 -3.33 1.63 5.14
CA THR B 296 -2.13 0.94 4.62
C THR B 296 -1.03 1.88 4.18
N ARG B 297 -1.31 3.16 4.06
CA ARG B 297 -0.27 4.12 3.76
C ARG B 297 0.36 4.60 5.06
N LYS B 298 1.37 3.88 5.52
CA LYS B 298 1.85 4.03 6.87
C LYS B 298 2.72 5.25 7.00
N LEU B 299 2.47 6.03 8.03
CA LEU B 299 3.29 7.17 8.34
C LEU B 299 4.72 6.73 8.57
N HIS B 300 4.87 5.57 9.18
CA HIS B 300 6.18 4.94 9.35
C HIS B 300 7.02 5.03 8.08
N ASN B 301 6.39 4.85 6.92
CA ASN B 301 7.14 4.81 5.66
C ASN B 301 7.27 6.13 5.00
N ILE B 302 6.24 6.95 5.17
CA ILE B 302 6.26 8.29 4.65
C ILE B 302 7.44 9.06 5.26
N LEU B 303 7.67 8.88 6.55
CA LEU B 303 8.77 9.54 7.23
C LEU B 303 10.08 8.82 7.02
N GLY B 304 10.01 7.56 6.58
CA GLY B 304 11.21 6.77 6.40
C GLY B 304 11.90 6.50 7.72
N VAL B 305 11.11 6.12 8.71
CA VAL B 305 11.62 5.95 10.07
C VAL B 305 12.81 5.01 10.16
N GLU B 306 12.72 3.87 9.50
CA GLU B 306 13.79 2.88 9.52
C GLU B 306 14.56 2.81 8.19
N THR B 307 14.38 3.79 7.31
CA THR B 307 14.95 3.73 5.96
C THR B 307 15.68 5.01 5.56
N GLY B 308 16.25 5.71 6.54
CA GLY B 308 17.03 6.91 6.27
C GLY B 308 16.17 8.14 5.99
N GLY B 309 15.00 8.22 6.60
CA GLY B 309 14.15 9.38 6.45
C GLY B 309 13.42 9.43 5.12
N PRO B 310 12.77 10.56 4.84
CA PRO B 310 11.98 10.74 3.63
C PRO B 310 12.82 10.50 2.38
N GLY B 311 12.40 9.51 1.58
CA GLY B 311 13.09 9.18 0.33
C GLY B 311 14.54 8.71 0.51
N GLY B 312 14.86 8.25 1.72
CA GLY B 312 16.21 7.85 2.05
C GLY B 312 17.19 8.99 2.15
N ARG B 313 16.73 10.21 1.98
CA ARG B 313 17.65 11.33 1.77
C ARG B 313 18.45 11.72 3.00
N ARG B 314 18.07 11.22 4.16
CA ARG B 314 18.77 11.54 5.42
C ARG B 314 19.66 10.39 5.91
N ALA B 315 19.81 9.37 5.08
CA ALA B 315 20.60 8.19 5.45
C ALA B 315 21.96 8.62 5.98
N GLY B 316 22.27 8.21 7.21
CA GLY B 316 23.58 8.49 7.82
C GLY B 316 23.90 9.97 8.02
N GLU B 317 22.88 10.77 8.37
CA GLU B 317 23.10 12.12 8.89
C GLU B 317 22.89 12.09 10.39
N SER B 318 23.47 13.06 11.08
CA SER B 318 23.24 13.20 12.51
C SER B 318 21.90 13.87 12.76
N GLY B 319 21.37 13.70 13.97
CA GLY B 319 20.04 14.20 14.33
C GLY B 319 18.88 13.59 13.54
N HIS B 320 19.06 12.36 13.04
CA HIS B 320 18.05 11.67 12.25
C HIS B 320 18.05 10.18 12.56
N THR B 321 18.16 9.87 13.84
CA THR B 321 18.23 8.49 14.27
C THR B 321 16.85 7.86 14.23
N VAL B 322 16.82 6.55 14.32
CA VAL B 322 15.58 5.85 14.35
C VAL B 322 14.81 6.31 15.59
N ALA B 323 15.50 6.45 16.72
CA ALA B 323 14.84 6.84 17.93
C ALA B 323 14.23 8.23 17.76
N ASP B 324 14.96 9.14 17.11
CA ASP B 324 14.44 10.48 16.85
C ASP B 324 13.16 10.37 16.06
N TYR B 325 13.21 9.58 14.99
CA TYR B 325 12.04 9.44 14.12
C TYR B 325 10.86 8.79 14.83
N LEU B 326 11.10 7.84 15.72
CA LEU B 326 10.01 7.19 16.40
C LEU B 326 9.26 8.17 17.34
N LYS B 327 10.01 9.08 17.96
CA LYS B 327 9.41 10.08 18.83
C LYS B 327 8.56 11.00 18.01
N PHE B 328 9.13 11.45 16.90
CA PHE B 328 8.47 12.38 16.01
C PHE B 328 7.19 11.80 15.53
N LYS B 329 7.25 10.56 15.10
CA LYS B 329 6.07 9.87 14.63
C LYS B 329 5.02 9.73 15.71
N ASP B 330 5.41 9.42 16.93
CA ASP B 330 4.44 9.29 17.99
C ASP B 330 3.71 10.62 18.20
N LEU B 331 4.48 11.71 18.21
CA LEU B 331 3.89 13.02 18.42
C LEU B 331 2.89 13.34 17.34
N ILE B 332 3.27 13.08 16.10
CA ILE B 332 2.38 13.41 14.97
C ILE B 332 1.09 12.63 15.04
N LEU B 333 1.18 11.36 15.37
CA LEU B 333 -0.01 10.52 15.42
C LEU B 333 -0.93 10.96 16.54
N ARG B 334 -0.36 11.46 17.65
CA ARG B 334 -1.16 12.03 18.72
CA ARG B 334 -1.16 12.03 18.72
C ARG B 334 -1.81 13.34 18.26
N MET B 335 -1.15 14.08 17.39
CA MET B 335 -1.75 15.29 16.82
C MET B 335 -2.83 14.98 15.81
N LEU B 336 -2.74 13.80 15.20
CA LEU B 336 -3.72 13.41 14.17
C LEU B 336 -4.74 12.41 14.70
N ASP B 337 -4.92 12.35 16.00
CA ASP B 337 -6.04 11.63 16.60
C ASP B 337 -7.35 12.12 15.95
N TYR B 338 -8.16 11.18 15.49
CA TYR B 338 -9.45 11.51 14.88
C TYR B 338 -10.37 12.19 15.89
N ASP B 339 -10.25 11.82 17.15
CA ASP B 339 -11.15 12.30 18.20
C ASP B 339 -10.59 13.59 18.80
N PRO B 340 -11.29 14.71 18.64
CA PRO B 340 -10.81 15.98 19.21
C PRO B 340 -10.74 16.01 20.73
N LYS B 341 -11.54 15.18 21.39
CA LYS B 341 -11.49 15.11 22.87
C LYS B 341 -10.16 14.53 23.33
N THR B 342 -9.52 13.70 22.52
CA THR B 342 -8.31 12.96 22.96
C THR B 342 -7.08 13.31 22.14
N ARG B 343 -7.26 14.11 21.11
CA ARG B 343 -6.12 14.67 20.41
C ARG B 343 -5.23 15.42 21.38
N ILE B 344 -3.94 15.27 21.23
CA ILE B 344 -3.01 15.91 22.15
C ILE B 344 -3.19 17.44 22.19
N GLN B 345 -3.07 18.00 23.39
CA GLN B 345 -3.21 19.44 23.60
C GLN B 345 -1.86 20.05 23.84
N PRO B 346 -1.75 21.36 23.58
CA PRO B 346 -0.45 22.02 23.55
C PRO B 346 0.41 21.78 24.79
N TYR B 347 -0.19 21.87 25.97
CA TYR B 347 0.57 21.66 27.20
C TYR B 347 1.27 20.29 27.22
N TYR B 348 0.53 19.23 26.91
CA TYR B 348 1.07 17.88 26.93
C TYR B 348 1.98 17.59 25.75
N ALA B 349 1.76 18.27 24.64
CA ALA B 349 2.66 18.13 23.51
C ALA B 349 4.02 18.66 23.86
N LEU B 350 4.07 19.77 24.59
CA LEU B 350 5.35 20.37 24.95
C LEU B 350 6.16 19.46 25.85
N GLN B 351 5.50 18.52 26.50
CA GLN B 351 6.18 17.56 27.36
C GLN B 351 6.60 16.26 26.64
N HIS B 352 6.22 16.11 25.39
CA HIS B 352 6.54 14.91 24.66
C HIS B 352 8.06 14.68 24.58
N SER B 353 8.46 13.41 24.56
CA SER B 353 9.87 13.03 24.52
C SER B 353 10.61 13.56 23.27
N PHE B 354 9.87 13.88 22.23
CA PHE B 354 10.42 14.50 21.05
C PHE B 354 11.15 15.81 21.34
N PHE B 355 10.79 16.46 22.43
CA PHE B 355 11.41 17.74 22.79
C PHE B 355 12.50 17.65 23.87
N LYS B 356 12.99 16.46 24.21
CA LYS B 356 13.93 16.31 25.33
C LYS B 356 15.32 16.93 25.10
N LYS B 357 15.83 17.62 26.13
CA LYS B 357 17.07 18.42 26.09
C LYS B 357 17.97 18.08 27.29
N VAL C 11 44.03 -43.65 13.97
CA VAL C 11 44.14 -42.19 14.31
C VAL C 11 43.82 -41.34 13.07
N TYR C 12 42.52 -41.09 12.85
CA TYR C 12 42.04 -40.14 11.84
C TYR C 12 41.56 -38.85 12.50
N ASN C 13 42.17 -37.73 12.12
CA ASN C 13 41.86 -36.42 12.67
C ASN C 13 41.75 -36.49 14.20
N ASP C 14 42.80 -37.01 14.83
CA ASP C 14 42.88 -37.10 16.30
C ASP C 14 41.70 -37.85 16.95
N GLY C 15 41.15 -38.82 16.22
CA GLY C 15 40.07 -39.65 16.74
C GLY C 15 38.66 -39.17 16.41
N TYR C 16 38.52 -37.99 15.81
CA TYR C 16 37.18 -37.42 15.58
C TYR C 16 36.52 -37.95 14.30
N ASP C 17 37.33 -38.49 13.40
CA ASP C 17 36.87 -38.93 12.07
C ASP C 17 36.93 -40.44 11.92
N ASP C 18 36.04 -40.98 11.11
CA ASP C 18 36.15 -42.39 10.70
C ASP C 18 37.14 -42.50 9.54
N ASP C 19 37.23 -43.68 8.92
CA ASP C 19 38.26 -43.92 7.89
C ASP C 19 37.81 -43.52 6.47
N ASN C 20 36.63 -42.92 6.38
CA ASN C 20 36.15 -42.35 5.15
C ASN C 20 35.99 -40.81 5.26
N TYR C 21 36.84 -40.19 6.08
CA TYR C 21 36.88 -38.73 6.23
C TYR C 21 35.59 -38.10 6.81
N ASP C 22 34.72 -38.88 7.42
CA ASP C 22 33.48 -38.34 7.98
C ASP C 22 33.63 -38.10 9.45
N TYR C 23 32.93 -37.11 9.98
CA TYR C 23 32.92 -36.89 11.41
C TYR C 23 32.08 -37.98 12.09
N ILE C 24 32.64 -38.60 13.13
CA ILE C 24 31.89 -39.60 13.91
C ILE C 24 30.86 -38.91 14.82
N VAL C 25 29.61 -38.96 14.40
CA VAL C 25 28.53 -38.26 15.07
C VAL C 25 28.22 -38.89 16.40
N LYS C 26 28.00 -38.03 17.41
CA LYS C 26 27.62 -38.46 18.73
C LYS C 26 26.41 -37.66 19.22
N ASN C 27 25.31 -38.36 19.42
CA ASN C 27 24.07 -37.73 19.84
C ASN C 27 24.27 -37.08 21.19
N GLY C 28 23.66 -35.92 21.38
CA GLY C 28 23.76 -35.19 22.64
C GLY C 28 24.97 -34.27 22.76
N GLU C 29 25.87 -34.32 21.79
CA GLU C 29 27.08 -33.48 21.83
C GLU C 29 26.69 -32.01 21.70
N LYS C 30 27.45 -31.12 22.33
CA LYS C 30 27.22 -29.67 22.21
C LYS C 30 28.44 -29.00 21.55
N TRP C 31 28.18 -28.17 20.55
CA TRP C 31 29.25 -27.54 19.76
C TRP C 31 29.29 -26.06 20.02
N MET C 32 30.48 -25.54 20.35
CA MET C 32 30.71 -24.09 20.47
C MET C 32 29.68 -23.43 21.37
N ASP C 33 29.25 -24.13 22.42
CA ASP C 33 28.24 -23.58 23.33
C ASP C 33 27.02 -23.02 22.58
N ARG C 34 26.62 -23.69 21.50
CA ARG C 34 25.55 -23.14 20.66
C ARG C 34 24.61 -24.22 20.11
N TYR C 35 25.19 -25.21 19.45
CA TYR C 35 24.41 -26.23 18.76
C TYR C 35 24.38 -27.53 19.54
N GLU C 36 23.18 -28.03 19.82
CA GLU C 36 23.01 -29.33 20.47
C GLU C 36 22.63 -30.40 19.44
N ILE C 37 23.51 -31.36 19.23
CA ILE C 37 23.36 -32.33 18.16
C ILE C 37 22.40 -33.41 18.59
N ASP C 38 21.25 -33.48 17.92
CA ASP C 38 20.27 -34.53 18.24
C ASP C 38 20.67 -35.88 17.62
N SER C 39 20.78 -35.93 16.30
CA SER C 39 21.01 -37.20 15.60
C SER C 39 21.35 -37.04 14.11
N LEU C 40 21.74 -38.15 13.50
CA LEU C 40 22.05 -38.23 12.09
C LEU C 40 20.77 -38.32 11.28
N ILE C 41 20.59 -37.43 10.31
CA ILE C 41 19.46 -37.49 9.36
C ILE C 41 19.82 -38.31 8.12
N GLY C 42 21.06 -38.17 7.65
CA GLY C 42 21.44 -38.82 6.43
C GLY C 42 22.84 -38.59 5.99
N LYS C 43 23.28 -39.38 5.01
CA LYS C 43 24.61 -39.30 4.44
C LYS C 43 24.54 -39.14 2.95
N GLY C 44 25.61 -38.61 2.39
CA GLY C 44 25.78 -38.53 0.96
C GLY C 44 27.25 -38.63 0.65
N SER C 45 27.59 -38.47 -0.62
CA SER C 45 28.98 -38.49 -1.02
C SER C 45 29.77 -37.36 -0.38
N PHE C 46 29.09 -36.23 -0.14
CA PHE C 46 29.72 -35.00 0.45
C PHE C 46 30.07 -35.17 1.93
N GLY C 47 29.36 -36.05 2.62
CA GLY C 47 29.48 -36.17 4.06
C GLY C 47 28.14 -36.50 4.70
N GLN C 48 27.77 -35.77 5.75
CA GLN C 48 26.58 -36.11 6.57
C GLN C 48 25.70 -34.92 6.85
N VAL C 49 24.44 -35.18 7.21
CA VAL C 49 23.55 -34.12 7.65
C VAL C 49 22.96 -34.51 8.97
N VAL C 50 22.97 -33.58 9.93
CA VAL C 50 22.44 -33.87 11.28
C VAL C 50 21.37 -32.87 11.70
N LYS C 51 20.53 -33.31 12.61
CA LYS C 51 19.53 -32.45 13.21
C LYS C 51 20.18 -31.84 14.48
N ALA C 52 20.01 -30.53 14.67
CA ALA C 52 20.53 -29.86 15.85
C ALA C 52 19.65 -28.71 16.36
N TYR C 53 19.72 -28.44 17.66
CA TYR C 53 19.07 -27.26 18.22
C TYR C 53 20.05 -26.12 18.38
N ASP C 54 19.67 -24.97 17.85
CA ASP C 54 20.48 -23.75 17.95
C ASP C 54 20.02 -22.99 19.19
N ARG C 55 20.82 -23.06 20.25
CA ARG C 55 20.52 -22.33 21.50
C ARG C 55 20.25 -20.85 21.27
N VAL C 56 21.11 -20.21 20.48
CA VAL C 56 21.05 -18.77 20.25
C VAL C 56 19.75 -18.33 19.60
N GLU C 57 19.35 -18.98 18.52
CA GLU C 57 18.14 -18.58 17.82
C GLU C 57 16.86 -19.28 18.32
N GLN C 58 17.01 -20.26 19.21
CA GLN C 58 15.88 -21.05 19.72
C GLN C 58 15.14 -21.72 18.58
N GLU C 59 15.86 -22.48 17.74
CA GLU C 59 15.21 -23.20 16.63
C GLU C 59 15.98 -24.47 16.24
N TRP C 60 15.24 -25.44 15.65
CA TRP C 60 15.86 -26.63 15.12
C TRP C 60 16.48 -26.31 13.78
N VAL C 61 17.66 -26.86 13.54
CA VAL C 61 18.36 -26.67 12.26
C VAL C 61 18.93 -27.97 11.74
N ALA C 62 19.25 -27.97 10.46
CA ALA C 62 19.96 -29.10 9.86
C ALA C 62 21.39 -28.66 9.53
N ILE C 63 22.38 -29.45 9.97
CA ILE C 63 23.76 -29.11 9.72
C ILE C 63 24.43 -30.11 8.82
N LYS C 64 24.88 -29.63 7.67
CA LYS C 64 25.63 -30.44 6.72
C LYS C 64 27.09 -30.43 7.14
N ILE C 65 27.61 -31.60 7.49
CA ILE C 65 29.00 -31.73 7.86
C ILE C 65 29.79 -32.27 6.68
N ILE C 66 30.63 -31.43 6.10
CA ILE C 66 31.42 -31.80 4.94
C ILE C 66 32.60 -32.65 5.38
N LYS C 67 33.02 -33.55 4.52
CA LYS C 67 34.11 -34.46 4.80
C LYS C 67 35.35 -33.70 4.97
N ASN C 68 36.22 -34.19 5.82
CA ASN C 68 37.51 -33.55 6.06
C ASN C 68 38.52 -34.03 5.06
N LYS C 69 38.38 -33.50 3.84
CA LYS C 69 39.32 -33.77 2.77
C LYS C 69 39.25 -32.66 1.73
N LYS C 70 40.42 -32.23 1.26
CA LYS C 70 40.57 -31.03 0.47
C LYS C 70 39.54 -30.94 -0.66
N ALA C 71 39.49 -31.96 -1.51
CA ALA C 71 38.58 -31.94 -2.67
C ALA C 71 37.12 -31.70 -2.30
N PHE C 72 36.71 -32.21 -1.14
CA PHE C 72 35.33 -32.04 -0.69
C PHE C 72 35.13 -30.64 -0.10
N LEU C 73 36.07 -30.23 0.75
CA LEU C 73 36.07 -28.87 1.27
C LEU C 73 35.98 -27.88 0.13
N ASN C 74 36.80 -28.07 -0.88
CA ASN C 74 36.84 -27.10 -1.97
C ASN C 74 35.54 -27.09 -2.80
N GLN C 75 34.90 -28.23 -2.98
CA GLN C 75 33.62 -28.22 -3.69
C GLN C 75 32.52 -27.60 -2.85
N ALA C 76 32.55 -27.87 -1.56
CA ALA C 76 31.56 -27.27 -0.67
C ALA C 76 31.70 -25.73 -0.58
N GLN C 77 32.90 -25.21 -0.76
CA GLN C 77 33.06 -23.77 -0.80
C GLN C 77 32.27 -23.18 -1.96
N ILE C 78 32.26 -23.87 -3.09
CA ILE C 78 31.44 -23.41 -4.23
C ILE C 78 29.96 -23.43 -3.89
N GLU C 79 29.52 -24.51 -3.26
CA GLU C 79 28.14 -24.61 -2.81
C GLU C 79 27.75 -23.38 -1.95
N VAL C 80 28.62 -23.00 -1.04
CA VAL C 80 28.35 -21.88 -0.17
C VAL C 80 28.22 -20.59 -1.00
N ARG C 81 29.18 -20.33 -1.88
CA ARG C 81 29.10 -19.14 -2.69
C ARG C 81 27.75 -19.09 -3.41
N LEU C 82 27.31 -20.21 -3.98
CA LEU C 82 26.08 -20.23 -4.75
C LEU C 82 24.84 -20.05 -3.88
N LEU C 83 24.82 -20.69 -2.73
CA LEU C 83 23.69 -20.55 -1.82
C LEU C 83 23.53 -19.12 -1.35
N GLU C 84 24.64 -18.45 -1.04
CA GLU C 84 24.56 -17.11 -0.52
C GLU C 84 24.06 -16.18 -1.64
N LEU C 85 24.48 -16.47 -2.85
CA LEU C 85 24.09 -15.67 -3.98
C LEU C 85 22.60 -15.81 -4.28
N MET C 86 22.11 -17.05 -4.23
CA MET C 86 20.67 -17.29 -4.40
C MET C 86 19.87 -16.70 -3.26
N ASN C 87 20.37 -16.84 -2.03
CA ASN C 87 19.63 -16.38 -0.85
C ASN C 87 19.48 -14.85 -0.77
N LYS C 88 20.40 -14.11 -1.37
CA LYS C 88 20.31 -12.65 -1.35
C LYS C 88 19.47 -12.07 -2.50
N HIS C 89 19.30 -12.81 -3.59
CA HIS C 89 18.31 -12.42 -4.63
C HIS C 89 16.88 -12.89 -4.31
N ASP C 90 16.75 -13.72 -3.25
CA ASP C 90 15.47 -14.34 -2.88
C ASP C 90 15.26 -14.14 -1.36
N THR C 91 15.53 -12.94 -0.83
CA THR C 91 15.47 -12.71 0.66
C THR C 91 14.08 -12.94 1.27
N GLU C 92 13.05 -12.91 0.42
CA GLU C 92 11.68 -13.22 0.83
C GLU C 92 11.40 -14.75 0.94
N MET C 93 12.35 -15.58 0.48
CA MET C 93 12.25 -17.04 0.53
C MET C 93 11.02 -17.57 -0.24
N LYS C 94 10.69 -16.92 -1.36
CA LYS C 94 9.48 -17.25 -2.12
C LYS C 94 9.78 -18.06 -3.39
N TYR C 95 11.06 -18.35 -3.63
CA TYR C 95 11.48 -19.00 -4.88
C TYR C 95 12.01 -20.44 -4.66
N TYR C 96 11.75 -21.02 -3.49
CA TYR C 96 11.79 -22.48 -3.35
C TYR C 96 13.18 -23.07 -3.17
N ILE C 97 14.10 -22.28 -2.61
CA ILE C 97 15.47 -22.70 -2.44
C ILE C 97 15.87 -22.65 -0.99
N VAL C 98 16.51 -23.72 -0.54
CA VAL C 98 16.81 -23.90 0.85
C VAL C 98 17.67 -22.75 1.36
N HIS C 99 17.40 -22.34 2.59
CA HIS C 99 18.04 -21.15 3.18
C HIS C 99 19.29 -21.55 3.95
N LEU C 100 20.45 -21.09 3.49
CA LEU C 100 21.67 -21.28 4.23
C LEU C 100 21.79 -20.14 5.22
N LYS C 101 21.70 -20.48 6.50
CA LYS C 101 21.70 -19.46 7.55
C LYS C 101 23.11 -18.96 7.83
N ARG C 102 24.06 -19.88 7.96
CA ARG C 102 25.48 -19.55 8.13
C ARG C 102 26.34 -20.80 7.95
N HIS C 103 27.65 -20.62 7.98
CA HIS C 103 28.62 -21.73 7.99
C HIS C 103 29.76 -21.49 8.96
N PHE C 104 30.47 -22.57 9.32
CA PHE C 104 31.64 -22.49 10.17
C PHE C 104 32.46 -23.75 10.10
N MET C 105 33.75 -23.63 10.44
CA MET C 105 34.66 -24.78 10.56
C MET C 105 34.59 -25.29 11.96
N PHE C 106 34.63 -26.59 12.12
CA PHE C 106 34.60 -27.20 13.45
C PHE C 106 35.28 -28.54 13.39
N ARG C 107 36.28 -28.70 14.24
CA ARG C 107 37.10 -29.89 14.26
C ARG C 107 37.50 -30.30 12.86
N ASN C 108 37.90 -29.31 12.08
CA ASN C 108 38.44 -29.48 10.71
C ASN C 108 37.43 -29.89 9.62
N HIS C 109 36.14 -29.69 9.92
CA HIS C 109 35.06 -29.93 8.95
C HIS C 109 34.34 -28.64 8.69
N LEU C 110 34.13 -28.32 7.41
CA LEU C 110 33.24 -27.23 7.06
C LEU C 110 31.80 -27.65 7.36
N CYS C 111 31.08 -26.83 8.13
CA CYS C 111 29.70 -27.14 8.49
C CYS C 111 28.76 -26.08 7.97
N LEU C 112 27.68 -26.50 7.32
CA LEU C 112 26.71 -25.58 6.72
C LEU C 112 25.41 -25.72 7.47
N VAL C 113 24.85 -24.59 7.94
CA VAL C 113 23.67 -24.63 8.79
C VAL C 113 22.44 -24.16 8.02
N PHE C 114 21.46 -25.05 7.91
CA PHE C 114 20.27 -24.81 7.11
C PHE C 114 19.03 -24.78 7.97
N GLU C 115 18.01 -24.08 7.48
CA GLU C 115 16.66 -24.21 8.02
C GLU C 115 16.26 -25.68 8.05
N MET C 116 15.42 -26.04 9.02
CA MET C 116 14.90 -27.38 9.12
C MET C 116 13.77 -27.58 8.11
N LEU C 117 13.70 -28.77 7.52
CA LEU C 117 12.63 -29.12 6.57
C LEU C 117 12.05 -30.50 6.89
N SER C 118 11.02 -30.91 6.16
CA SER C 118 10.39 -32.20 6.40
C SER C 118 10.84 -33.27 5.35
N TYR C 119 10.01 -34.29 5.14
CA TYR C 119 10.33 -35.43 4.24
C TYR C 119 10.70 -34.97 2.84
N ASN C 120 11.60 -35.71 2.20
CA ASN C 120 11.82 -35.56 0.76
C ASN C 120 10.80 -36.37 -0.06
N LEU C 121 10.77 -36.15 -1.36
CA LEU C 121 9.76 -36.74 -2.20
C LEU C 121 9.93 -38.26 -2.40
N TYR C 122 11.13 -38.79 -2.20
CA TYR C 122 11.29 -40.23 -2.24
C TYR C 122 10.63 -40.87 -1.01
N ASP C 123 10.85 -40.30 0.17
CA ASP C 123 10.14 -40.73 1.40
C ASP C 123 8.63 -40.71 1.18
N LEU C 124 8.19 -39.67 0.49
CA LEU C 124 6.80 -39.50 0.16
C LEU C 124 6.28 -40.65 -0.77
N LEU C 125 7.06 -41.00 -1.79
CA LEU C 125 6.72 -42.13 -2.65
C LEU C 125 6.70 -43.43 -1.89
N ARG C 126 7.68 -43.59 -1.01
CA ARG C 126 7.80 -44.79 -0.22
C ARG C 126 6.58 -44.99 0.67
N ASN C 127 6.06 -43.90 1.23
CA ASN C 127 4.86 -43.97 2.07
C ASN C 127 3.61 -44.42 1.31
N THR C 128 3.54 -44.18 0.00
CA THR C 128 2.43 -44.73 -0.84
C THR C 128 2.72 -46.16 -1.32
N ASN C 129 3.75 -46.81 -0.76
CA ASN C 129 4.30 -48.05 -1.28
CA ASN C 129 4.32 -48.05 -1.30
C ASN C 129 4.49 -48.01 -2.81
N PHE C 130 4.99 -46.89 -3.29
CA PHE C 130 5.40 -46.73 -4.68
C PHE C 130 4.27 -46.83 -5.65
N ARG C 131 3.09 -46.44 -5.20
CA ARG C 131 1.92 -46.37 -6.07
C ARG C 131 1.76 -44.97 -6.66
N GLY C 132 2.54 -44.00 -6.16
CA GLY C 132 2.56 -42.66 -6.74
C GLY C 132 1.55 -41.74 -6.08
N VAL C 133 1.76 -40.44 -6.20
CA VAL C 133 0.85 -39.43 -5.61
C VAL C 133 -0.12 -38.95 -6.67
N SER C 134 -1.15 -38.23 -6.24
CA SER C 134 -2.19 -37.80 -7.16
C SER C 134 -1.63 -36.88 -8.23
N LEU C 135 -2.30 -36.82 -9.37
CA LEU C 135 -1.94 -35.87 -10.41
C LEU C 135 -2.06 -34.42 -9.94
N ASN C 136 -3.01 -34.12 -9.05
CA ASN C 136 -3.13 -32.76 -8.47
C ASN C 136 -1.91 -32.37 -7.67
N LEU C 137 -1.39 -33.30 -6.88
CA LEU C 137 -0.19 -33.06 -6.08
C LEU C 137 1.05 -32.93 -6.98
N THR C 138 1.12 -33.78 -8.00
CA THR C 138 2.19 -33.73 -9.00
C THR C 138 2.22 -32.37 -9.71
N ARG C 139 1.05 -31.81 -10.02
CA ARG C 139 0.95 -30.49 -10.66
C ARG C 139 1.51 -29.39 -9.75
N LYS C 140 1.15 -29.46 -8.48
CA LYS C 140 1.65 -28.52 -7.49
C LYS C 140 3.16 -28.53 -7.36
N PHE C 141 3.76 -29.72 -7.36
CA PHE C 141 5.20 -29.82 -7.31
C PHE C 141 5.81 -29.27 -8.59
N ALA C 142 5.19 -29.59 -9.70
CA ALA C 142 5.74 -29.22 -11.00
C ALA C 142 5.76 -27.70 -11.18
N GLN C 143 4.71 -27.02 -10.71
CA GLN C 143 4.65 -25.58 -10.85
C GLN C 143 5.70 -24.91 -9.99
N GLN C 144 5.85 -25.39 -8.77
CA GLN C 144 6.87 -24.88 -7.88
C GLN C 144 8.28 -25.10 -8.44
N MET C 145 8.54 -26.30 -8.93
CA MET C 145 9.83 -26.61 -9.50
C MET C 145 10.14 -25.75 -10.73
N CYS C 146 9.14 -25.53 -11.59
CA CYS C 146 9.39 -24.72 -12.80
C CYS C 146 9.66 -23.28 -12.42
N THR C 147 9.01 -22.80 -11.36
CA THR C 147 9.27 -21.47 -10.88
C THR C 147 10.70 -21.39 -10.34
N ALA C 148 11.12 -22.44 -9.62
CA ALA C 148 12.47 -22.47 -9.08
C ALA C 148 13.48 -22.46 -10.19
N LEU C 149 13.20 -23.19 -11.27
CA LEU C 149 14.11 -23.19 -12.41
C LEU C 149 14.11 -21.85 -13.15
N LEU C 150 12.97 -21.17 -13.18
CA LEU C 150 12.93 -19.81 -13.73
C LEU C 150 13.82 -18.86 -12.91
N PHE C 151 13.79 -19.01 -11.59
CA PHE C 151 14.65 -18.25 -10.73
C PHE C 151 16.12 -18.50 -11.03
N LEU C 152 16.53 -19.76 -11.10
CA LEU C 152 17.93 -20.09 -11.36
C LEU C 152 18.40 -19.56 -12.70
N ALA C 153 17.47 -19.47 -13.66
CA ALA C 153 17.78 -19.02 -15.02
C ALA C 153 17.97 -17.50 -15.14
N THR C 154 17.68 -16.74 -14.08
CA THR C 154 17.88 -15.30 -14.16
C THR C 154 19.36 -15.01 -14.41
N PRO C 155 19.66 -14.10 -15.37
CA PRO C 155 21.02 -13.78 -15.85
C PRO C 155 22.11 -13.61 -14.75
N GLU C 156 21.77 -12.94 -13.66
CA GLU C 156 22.74 -12.76 -12.57
C GLU C 156 23.09 -14.09 -11.90
N LEU C 157 22.15 -15.04 -11.90
CA LEU C 157 22.43 -16.37 -11.34
C LEU C 157 22.95 -17.37 -12.37
N SER C 158 22.12 -17.68 -13.38
CA SER C 158 22.49 -18.67 -14.40
C SER C 158 23.05 -19.95 -13.76
N ILE C 159 22.35 -20.45 -12.75
CA ILE C 159 22.78 -21.62 -11.99
C ILE C 159 22.18 -22.95 -12.53
N ILE C 160 23.05 -23.94 -12.69
CA ILE C 160 22.63 -25.30 -13.03
C ILE C 160 22.75 -26.14 -11.77
N HIS C 161 21.64 -26.69 -11.30
CA HIS C 161 21.67 -27.49 -10.08
C HIS C 161 22.52 -28.75 -10.25
N CYS C 162 22.31 -29.44 -11.36
CA CYS C 162 23.15 -30.58 -11.79
C CYS C 162 22.90 -31.91 -11.09
N ASP C 163 22.00 -31.94 -10.13
CA ASP C 163 21.68 -33.19 -9.45
C ASP C 163 20.25 -33.22 -8.89
N LEU C 164 19.29 -32.81 -9.72
CA LEU C 164 17.91 -32.93 -9.31
C LEU C 164 17.48 -34.37 -9.28
N LYS C 165 16.85 -34.74 -8.18
CA LYS C 165 16.24 -36.06 -8.01
C LYS C 165 15.27 -35.97 -6.82
N PRO C 166 14.40 -36.97 -6.64
CA PRO C 166 13.39 -36.81 -5.63
C PRO C 166 13.94 -36.59 -4.22
N GLU C 167 15.05 -37.25 -3.90
CA GLU C 167 15.69 -37.06 -2.59
C GLU C 167 16.12 -35.60 -2.27
N ASN C 168 16.30 -34.79 -3.32
CA ASN C 168 16.76 -33.43 -3.15
C ASN C 168 15.67 -32.42 -3.27
N ILE C 169 14.42 -32.87 -3.16
CA ILE C 169 13.30 -31.97 -3.10
C ILE C 169 12.54 -32.29 -1.84
N LEU C 170 12.46 -31.33 -0.94
CA LEU C 170 11.88 -31.57 0.38
C LEU C 170 10.62 -30.74 0.60
N LEU C 171 9.67 -31.32 1.31
CA LEU C 171 8.55 -30.55 1.83
C LEU C 171 9.01 -29.62 2.94
N CYS C 172 8.38 -28.45 3.04
CA CYS C 172 8.63 -27.55 4.18
C CYS C 172 7.96 -28.09 5.41
N ASN C 173 6.73 -28.57 5.25
CA ASN C 173 5.94 -29.08 6.34
C ASN C 173 5.33 -30.40 5.89
N PRO C 174 5.26 -31.39 6.80
CA PRO C 174 4.79 -32.74 6.45
C PRO C 174 3.34 -32.83 5.95
N LYS C 175 2.51 -31.85 6.26
CA LYS C 175 1.11 -31.92 5.84
C LYS C 175 0.77 -30.88 4.77
N ARG C 176 1.79 -30.34 4.12
CA ARG C 176 1.58 -29.28 3.12
C ARG C 176 2.42 -29.55 1.89
N SER C 177 2.07 -28.88 0.80
CA SER C 177 2.67 -29.15 -0.50
C SER C 177 3.83 -28.22 -0.82
N ALA C 178 4.14 -27.25 0.06
CA ALA C 178 5.24 -26.35 -0.22
C ALA C 178 6.56 -27.12 -0.20
N ILE C 179 7.44 -26.81 -1.14
CA ILE C 179 8.75 -27.48 -1.22
C ILE C 179 9.95 -26.51 -1.24
N LYS C 180 11.13 -27.05 -0.92
CA LYS C 180 12.41 -26.41 -1.22
C LYS C 180 13.38 -27.42 -1.86
N ILE C 181 14.28 -26.91 -2.69
CA ILE C 181 15.31 -27.73 -3.30
C ILE C 181 16.57 -27.64 -2.46
N VAL C 182 17.23 -28.78 -2.24
CA VAL C 182 18.50 -28.80 -1.51
C VAL C 182 19.63 -29.40 -2.36
N ASP C 183 20.83 -29.45 -1.76
CA ASP C 183 22.03 -30.02 -2.37
C ASP C 183 22.48 -29.36 -3.65
N PHE C 184 23.10 -28.20 -3.50
CA PHE C 184 23.77 -27.54 -4.60
C PHE C 184 25.26 -27.88 -4.60
N GLY C 185 25.58 -29.04 -4.02
CA GLY C 185 26.95 -29.51 -3.90
C GLY C 185 27.67 -29.89 -5.20
N SER C 186 26.96 -30.05 -6.30
CA SER C 186 27.64 -30.19 -7.57
C SER C 186 27.17 -29.15 -8.58
N SER C 187 26.54 -28.09 -8.09
CA SER C 187 26.05 -27.05 -8.95
C SER C 187 27.17 -26.17 -9.44
N CYS C 188 26.87 -25.48 -10.52
CA CYS C 188 27.78 -24.57 -11.16
C CYS C 188 27.01 -23.48 -11.89
N GLN C 189 27.71 -22.50 -12.40
CA GLN C 189 27.10 -21.46 -13.20
C GLN C 189 27.46 -21.67 -14.66
N LEU C 190 26.64 -21.10 -15.53
CA LEU C 190 26.75 -21.33 -16.97
C LEU C 190 28.18 -21.10 -17.52
N GLY C 191 28.86 -20.07 -17.04
CA GLY C 191 30.27 -19.86 -17.40
C GLY C 191 31.16 -21.01 -16.93
N GLN C 192 31.17 -21.23 -15.62
CA GLN C 192 32.21 -22.01 -14.93
C GLN C 192 31.85 -23.48 -14.73
N ARG C 193 31.77 -24.22 -15.83
CA ARG C 193 31.44 -25.64 -15.77
C ARG C 193 32.72 -26.48 -15.66
N ILE C 194 32.83 -27.26 -14.58
CA ILE C 194 34.08 -27.98 -14.25
C ILE C 194 33.99 -29.53 -14.27
N TYR C 195 32.82 -30.10 -14.55
CA TYR C 195 32.67 -31.56 -14.53
C TYR C 195 32.07 -32.12 -15.81
N GLN C 196 32.23 -33.43 -15.95
CA GLN C 196 31.86 -34.16 -17.15
C GLN C 196 30.75 -35.19 -16.81
N PTR C 197 31.01 -36.08 -15.84
CA PTR C 197 30.08 -37.11 -15.40
CA PTR C 197 30.09 -37.17 -15.43
C PTR C 197 29.27 -36.61 -14.26
O PTR C 197 29.70 -36.65 -13.11
CB PTR C 197 30.99 -38.23 -14.93
CB PTR C 197 30.90 -38.48 -15.15
CG PTR C 197 30.34 -39.48 -14.37
CG PTR C 197 30.50 -39.86 -15.77
CD1 PTR C 197 30.34 -39.74 -12.98
CD1 PTR C 197 30.03 -40.90 -14.92
CD2 PTR C 197 29.83 -40.43 -15.26
CD2 PTR C 197 30.72 -40.21 -17.11
CE1 PTR C 197 29.79 -40.94 -12.51
CE1 PTR C 197 29.72 -42.19 -15.43
CE2 PTR C 197 29.27 -41.61 -14.78
CE2 PTR C 197 30.41 -41.49 -17.61
CZ PTR C 197 29.24 -41.85 -13.40
CZ PTR C 197 29.91 -42.51 -16.77
OH PTR C 197 28.76 -43.03 -12.93
OH PTR C 197 29.58 -43.77 -17.30
P PTR C 197 27.27 -43.49 -12.66
P PTR C 197 29.46 -45.23 -16.52
O1P PTR C 197 26.60 -42.30 -12.04
O1P PTR C 197 30.47 -45.04 -15.41
O2P PTR C 197 27.54 -44.56 -11.65
O2P PTR C 197 28.04 -45.43 -16.04
O3P PTR C 197 26.83 -43.96 -14.04
O3P PTR C 197 29.82 -46.27 -17.57
N ILE C 198 28.08 -36.09 -14.55
CA ILE C 198 27.23 -35.46 -13.54
C ILE C 198 25.79 -35.89 -13.63
N GLN C 199 24.99 -35.49 -12.64
CA GLN C 199 23.59 -35.86 -12.46
C GLN C 199 23.56 -37.29 -11.94
N SER C 200 22.55 -37.62 -11.18
CA SER C 200 22.29 -39.01 -10.84
C SER C 200 21.77 -39.74 -12.08
N ARG C 201 22.17 -41.00 -12.23
CA ARG C 201 22.02 -41.72 -13.51
C ARG C 201 20.57 -41.77 -14.01
N PHE C 202 19.62 -42.06 -13.15
CA PHE C 202 18.23 -42.13 -13.61
C PHE C 202 17.77 -40.82 -14.20
N TYR C 203 18.35 -39.72 -13.72
CA TYR C 203 17.87 -38.38 -14.05
C TYR C 203 18.84 -37.66 -14.96
N ARG C 204 19.79 -38.40 -15.52
CA ARG C 204 20.84 -37.80 -16.30
C ARG C 204 20.34 -37.56 -17.71
N SER C 205 20.69 -36.40 -18.26
CA SER C 205 20.23 -35.98 -19.57
C SER C 205 21.02 -36.62 -20.71
N PRO C 206 20.47 -36.60 -21.91
CA PRO C 206 21.15 -37.20 -23.05
C PRO C 206 22.45 -36.51 -23.39
N GLU C 207 22.46 -35.17 -23.29
CA GLU C 207 23.66 -34.42 -23.64
C GLU C 207 24.82 -34.76 -22.69
N VAL C 208 24.52 -35.03 -21.42
CA VAL C 208 25.57 -35.46 -20.51
C VAL C 208 26.02 -36.90 -20.77
N LEU C 209 25.07 -37.79 -21.01
CA LEU C 209 25.40 -39.16 -21.40
C LEU C 209 26.24 -39.17 -22.65
N LEU C 210 25.97 -38.23 -23.56
CA LEU C 210 26.71 -38.12 -24.82
C LEU C 210 28.02 -37.31 -24.75
N GLY C 211 28.35 -36.79 -23.57
CA GLY C 211 29.61 -36.06 -23.38
C GLY C 211 29.64 -34.72 -24.09
N MET C 212 28.47 -34.13 -24.29
CA MET C 212 28.36 -32.87 -25.00
C MET C 212 28.32 -31.73 -24.01
N PRO C 213 28.53 -30.51 -24.50
CA PRO C 213 28.39 -29.39 -23.56
C PRO C 213 26.94 -29.28 -23.09
N TYR C 214 26.77 -28.78 -21.88
CA TYR C 214 25.46 -28.74 -21.29
C TYR C 214 25.19 -27.37 -20.71
N ASP C 215 23.93 -27.07 -20.51
CA ASP C 215 23.53 -25.78 -19.99
C ASP C 215 22.36 -25.99 -19.02
N LEU C 216 21.59 -24.94 -18.74
CA LEU C 216 20.52 -25.03 -17.73
C LEU C 216 19.39 -26.02 -18.10
N ALA C 217 19.34 -26.42 -19.37
CA ALA C 217 18.28 -27.30 -19.83
C ALA C 217 18.38 -28.72 -19.26
N ILE C 218 19.54 -29.12 -18.73
CA ILE C 218 19.64 -30.45 -18.14
C ILE C 218 18.76 -30.61 -16.91
N ASP C 219 18.52 -29.52 -16.19
CA ASP C 219 17.65 -29.57 -15.01
C ASP C 219 16.18 -29.77 -15.42
N MET C 220 15.80 -29.31 -16.60
CA MET C 220 14.46 -29.54 -17.08
C MET C 220 14.24 -31.03 -17.46
N TRP C 221 15.23 -31.63 -18.09
CA TRP C 221 15.21 -33.06 -18.36
C TRP C 221 14.95 -33.84 -17.07
N SER C 222 15.74 -33.56 -16.07
CA SER C 222 15.62 -34.24 -14.79
C SER C 222 14.24 -34.06 -14.27
N LEU C 223 13.72 -32.85 -14.39
CA LEU C 223 12.44 -32.55 -13.83
C LEU C 223 11.38 -33.40 -14.49
N GLY C 224 11.43 -33.48 -15.81
CA GLY C 224 10.56 -34.37 -16.55
C GLY C 224 10.53 -35.80 -16.03
N CYS C 225 11.70 -36.38 -15.76
CA CYS C 225 11.79 -37.73 -15.21
C CYS C 225 11.17 -37.82 -13.83
N ILE C 226 11.40 -36.79 -13.04
CA ILE C 226 10.97 -36.79 -11.65
C ILE C 226 9.47 -36.75 -11.54
N LEU C 227 8.88 -35.89 -12.34
CA LEU C 227 7.43 -35.75 -12.33
C LEU C 227 6.73 -37.05 -12.71
N VAL C 228 7.24 -37.75 -13.70
CA VAL C 228 6.63 -39.02 -14.07
C VAL C 228 6.75 -40.03 -12.94
N GLU C 229 7.91 -40.09 -12.33
CA GLU C 229 8.13 -41.00 -11.22
C GLU C 229 7.24 -40.65 -10.04
N MET C 230 7.00 -39.37 -9.83
CA MET C 230 6.16 -38.99 -8.71
C MET C 230 4.74 -39.53 -8.86
N HIS C 231 4.23 -39.54 -10.08
CA HIS C 231 2.86 -39.97 -10.28
C HIS C 231 2.74 -41.50 -10.47
N THR C 232 3.76 -42.13 -11.06
CA THR C 232 3.74 -43.59 -11.30
C THR C 232 4.31 -44.39 -10.13
N GLY C 233 5.23 -43.79 -9.39
CA GLY C 233 5.83 -44.47 -8.26
C GLY C 233 7.14 -45.16 -8.56
N GLU C 234 7.53 -45.18 -9.83
CA GLU C 234 8.80 -45.82 -10.18
CA GLU C 234 8.80 -45.82 -10.19
C GLU C 234 9.58 -44.98 -11.20
N PRO C 235 10.91 -45.12 -11.17
CA PRO C 235 11.70 -44.32 -12.09
C PRO C 235 11.36 -44.60 -13.54
N LEU C 236 11.21 -43.52 -14.31
CA LEU C 236 10.93 -43.60 -15.71
C LEU C 236 11.99 -44.33 -16.51
N PHE C 237 13.26 -44.08 -16.19
CA PHE C 237 14.43 -44.65 -16.87
C PHE C 237 15.44 -45.18 -15.83
N SER C 238 15.35 -46.46 -15.47
CA SER C 238 16.12 -46.99 -14.34
C SER C 238 17.36 -47.79 -14.76
N GLY C 239 18.27 -47.12 -15.43
CA GLY C 239 19.47 -47.78 -15.95
C GLY C 239 20.48 -48.16 -14.88
N ALA C 240 21.09 -49.31 -15.07
CA ALA C 240 22.08 -49.81 -14.13
C ALA C 240 23.47 -49.32 -14.52
N ASN C 241 23.60 -48.81 -15.73
CA ASN C 241 24.84 -48.14 -16.16
C ASN C 241 24.51 -47.24 -17.35
N GLU C 242 25.49 -46.53 -17.87
CA GLU C 242 25.19 -45.57 -18.91
C GLU C 242 24.57 -46.22 -20.15
N VAL C 243 25.07 -47.38 -20.56
CA VAL C 243 24.52 -48.03 -21.74
C VAL C 243 23.08 -48.40 -21.53
N ASP C 244 22.80 -48.99 -20.37
CA ASP C 244 21.44 -49.37 -20.04
C ASP C 244 20.56 -48.13 -19.99
N GLN C 245 21.10 -47.06 -19.41
CA GLN C 245 20.32 -45.84 -19.27
C GLN C 245 19.91 -45.31 -20.63
N MET C 246 20.87 -45.18 -21.56
CA MET C 246 20.57 -44.61 -22.88
C MET C 246 19.58 -45.50 -23.60
N ASN C 247 19.73 -46.81 -23.46
CA ASN C 247 18.78 -47.73 -24.09
C ASN C 247 17.39 -47.58 -23.53
N LYS C 248 17.27 -47.37 -22.21
CA LYS C 248 15.93 -47.22 -21.63
C LYS C 248 15.27 -45.94 -22.13
N ILE C 249 16.07 -44.92 -22.38
CA ILE C 249 15.55 -43.69 -22.93
C ILE C 249 15.09 -43.90 -24.34
N VAL C 250 15.87 -44.64 -25.11
CA VAL C 250 15.52 -44.90 -26.49
C VAL C 250 14.24 -45.73 -26.61
N GLU C 251 14.02 -46.68 -25.71
CA GLU C 251 12.76 -47.44 -25.69
C GLU C 251 11.57 -46.49 -25.75
N VAL C 252 11.66 -45.37 -25.04
CA VAL C 252 10.53 -44.42 -24.95
C VAL C 252 10.52 -43.32 -26.01
N LEU C 253 11.68 -42.72 -26.28
CA LEU C 253 11.76 -41.56 -27.16
C LEU C 253 12.37 -41.82 -28.54
N GLY C 254 12.81 -43.05 -28.79
CA GLY C 254 13.38 -43.38 -30.10
C GLY C 254 14.81 -42.90 -30.20
N ILE C 255 15.39 -43.05 -31.39
CA ILE C 255 16.79 -42.73 -31.60
C ILE C 255 16.91 -41.21 -31.57
N PRO C 256 17.97 -40.68 -30.92
CA PRO C 256 18.15 -39.24 -30.97
C PRO C 256 18.42 -38.76 -32.40
N PRO C 257 18.04 -37.49 -32.71
CA PRO C 257 18.25 -36.91 -34.05
C PRO C 257 19.71 -36.86 -34.48
N ALA C 258 19.93 -36.99 -35.79
CA ALA C 258 21.27 -37.06 -36.37
C ALA C 258 22.08 -35.79 -36.07
N HIS C 259 21.42 -34.64 -36.09
CA HIS C 259 22.14 -33.40 -35.91
C HIS C 259 22.81 -33.33 -34.54
N ILE C 260 22.28 -34.07 -33.58
CA ILE C 260 22.91 -34.18 -32.28
C ILE C 260 24.03 -35.22 -32.27
N LEU C 261 23.73 -36.41 -32.75
CA LEU C 261 24.69 -37.49 -32.66
C LEU C 261 25.96 -37.16 -33.44
N ASP C 262 25.80 -36.41 -34.53
CA ASP C 262 26.94 -35.99 -35.32
C ASP C 262 27.91 -35.11 -34.51
N GLN C 263 27.41 -34.38 -33.52
CA GLN C 263 28.29 -33.53 -32.70
C GLN C 263 28.62 -34.14 -31.33
N ALA C 264 28.29 -35.41 -31.13
CA ALA C 264 28.39 -36.03 -29.80
C ALA C 264 29.65 -36.89 -29.63
N PRO C 265 30.57 -36.47 -28.75
CA PRO C 265 31.82 -37.23 -28.57
C PRO C 265 31.64 -38.70 -28.21
N LYS C 266 30.56 -39.04 -27.49
CA LYS C 266 30.36 -40.43 -27.05
C LYS C 266 29.20 -41.15 -27.79
N ALA C 267 28.80 -40.63 -28.95
CA ALA C 267 27.77 -41.27 -29.76
C ALA C 267 28.01 -42.76 -29.97
N ARG C 268 29.25 -43.14 -30.18
CA ARG C 268 29.57 -44.51 -30.52
C ARG C 268 29.66 -45.43 -29.32
N LYS C 269 29.51 -44.87 -28.13
CA LYS C 269 29.33 -45.68 -26.93
C LYS C 269 27.97 -46.39 -26.96
N PHE C 270 26.99 -45.79 -27.62
CA PHE C 270 25.63 -46.36 -27.69
C PHE C 270 25.11 -46.66 -29.11
N PHE C 271 25.60 -45.93 -30.11
CA PHE C 271 25.02 -45.95 -31.46
C PHE C 271 26.05 -46.22 -32.54
N GLU C 272 25.59 -46.49 -33.76
CA GLU C 272 26.48 -46.61 -34.90
C GLU C 272 25.84 -45.94 -36.11
N LYS C 273 26.70 -45.34 -36.92
CA LYS C 273 26.27 -44.55 -38.07
C LYS C 273 26.29 -45.41 -39.30
N LEU C 274 25.16 -45.52 -39.98
CA LEU C 274 25.08 -46.31 -41.21
C LEU C 274 25.73 -45.56 -42.37
N PRO C 275 26.14 -46.29 -43.43
CA PRO C 275 26.68 -45.63 -44.62
C PRO C 275 25.72 -44.58 -45.14
N ASP C 276 24.42 -44.84 -45.09
CA ASP C 276 23.42 -43.90 -45.60
C ASP C 276 23.25 -42.61 -44.77
N GLY C 277 24.06 -42.43 -43.71
CA GLY C 277 24.07 -41.17 -42.97
C GLY C 277 23.18 -41.14 -41.73
N THR C 278 22.35 -42.18 -41.56
CA THR C 278 21.48 -42.28 -40.36
C THR C 278 22.12 -43.11 -39.26
N TRP C 279 21.55 -42.96 -38.05
CA TRP C 279 22.09 -43.57 -36.85
C TRP C 279 21.21 -44.68 -36.34
N ASN C 280 21.83 -45.64 -35.69
CA ASN C 280 21.10 -46.73 -35.06
C ASN C 280 21.71 -47.15 -33.76
N LEU C 281 20.97 -47.91 -32.97
CA LEU C 281 21.57 -48.57 -31.82
C LEU C 281 22.72 -49.47 -32.27
N LYS C 282 23.74 -49.58 -31.44
CA LYS C 282 24.85 -50.49 -31.70
C LYS C 282 24.35 -51.87 -31.98
N LYS C 283 25.09 -52.62 -32.79
CA LYS C 283 24.68 -53.96 -33.14
C LYS C 283 24.65 -54.85 -31.91
N THR C 284 23.56 -55.60 -31.78
CA THR C 284 23.35 -56.57 -30.72
C THR C 284 23.59 -58.00 -31.28
N LYS C 285 23.98 -58.92 -30.41
CA LYS C 285 24.36 -60.25 -30.87
C LYS C 285 23.18 -61.15 -31.15
N ASP C 286 23.44 -62.16 -32.00
CA ASP C 286 23.10 -63.57 -31.67
C ASP C 286 21.65 -63.89 -31.36
N GLY C 287 20.69 -63.16 -31.88
CA GLY C 287 19.36 -63.33 -31.33
C GLY C 287 19.35 -63.25 -29.77
N LYS C 288 19.80 -62.12 -29.25
CA LYS C 288 19.49 -61.75 -27.89
C LYS C 288 18.52 -60.61 -27.95
N ARG C 289 17.59 -60.60 -27.00
CA ARG C 289 16.54 -59.59 -26.97
C ARG C 289 16.46 -59.03 -25.55
N GLU C 290 16.70 -57.73 -25.40
CA GLU C 290 16.64 -57.10 -24.07
C GLU C 290 15.75 -55.86 -23.98
N TYR C 291 15.64 -55.11 -25.05
CA TYR C 291 14.90 -53.88 -25.03
C TYR C 291 13.76 -53.88 -26.04
N LYS C 292 12.69 -53.17 -25.73
CA LYS C 292 11.64 -52.91 -26.69
C LYS C 292 12.25 -52.12 -27.85
N PRO C 293 11.66 -52.22 -29.04
CA PRO C 293 12.20 -51.45 -30.16
C PRO C 293 12.05 -49.96 -29.95
N PRO C 294 12.92 -49.17 -30.58
CA PRO C 294 12.95 -47.73 -30.34
C PRO C 294 11.59 -47.08 -30.42
N GLY C 295 11.27 -46.25 -29.44
CA GLY C 295 10.05 -45.48 -29.44
C GLY C 295 8.77 -46.26 -29.20
N THR C 296 8.84 -47.57 -28.95
CA THR C 296 7.60 -48.35 -28.80
C THR C 296 7.07 -48.37 -27.37
N ARG C 297 7.89 -47.97 -26.41
CA ARG C 297 7.40 -47.93 -25.05
C ARG C 297 6.78 -46.57 -24.81
N LYS C 298 5.50 -46.46 -25.09
CA LYS C 298 4.84 -45.19 -25.20
C LYS C 298 4.53 -44.63 -23.85
N LEU C 299 4.86 -43.36 -23.68
CA LEU C 299 4.52 -42.66 -22.46
C LEU C 299 3.02 -42.66 -22.25
N HIS C 300 2.27 -42.58 -23.34
CA HIS C 300 0.84 -42.73 -23.31
C HIS C 300 0.39 -43.89 -22.40
N ASN C 301 1.09 -45.01 -22.46
CA ASN C 301 0.68 -46.21 -21.71
C ASN C 301 1.27 -46.28 -20.32
N ILE C 302 2.48 -45.75 -20.16
CA ILE C 302 3.11 -45.67 -18.89
C ILE C 302 2.27 -44.84 -17.93
N LEU C 303 1.73 -43.74 -18.44
CA LEU C 303 0.86 -42.90 -17.63
C LEU C 303 -0.56 -43.43 -17.54
N GLY C 304 -0.93 -44.35 -18.43
CA GLY C 304 -2.29 -44.88 -18.47
C GLY C 304 -3.28 -43.81 -18.83
N VAL C 305 -2.95 -43.02 -19.85
CA VAL C 305 -3.73 -41.85 -20.23
C VAL C 305 -5.20 -42.19 -20.45
N GLU C 306 -5.46 -43.27 -21.18
CA GLU C 306 -6.82 -43.67 -21.49
C GLU C 306 -7.26 -44.91 -20.71
N THR C 307 -6.52 -45.30 -19.69
CA THR C 307 -6.77 -46.58 -19.00
C THR C 307 -6.80 -46.42 -17.48
N GLY C 308 -7.20 -45.25 -17.01
CA GLY C 308 -7.35 -45.02 -15.58
C GLY C 308 -6.04 -44.73 -14.87
N GLY C 309 -5.10 -44.12 -15.58
CA GLY C 309 -3.82 -43.77 -14.98
C GLY C 309 -2.87 -44.96 -14.82
N PRO C 310 -1.77 -44.75 -14.07
CA PRO C 310 -0.74 -45.75 -13.83
C PRO C 310 -1.29 -47.00 -13.16
N GLY C 311 -1.15 -48.13 -13.83
CA GLY C 311 -1.66 -49.39 -13.34
C GLY C 311 -3.17 -49.41 -13.10
N GLY C 312 -3.91 -48.53 -13.78
CA GLY C 312 -5.36 -48.45 -13.64
C GLY C 312 -5.80 -47.91 -12.31
N ARG C 313 -4.85 -47.54 -11.45
CA ARG C 313 -5.14 -47.28 -10.04
C ARG C 313 -5.95 -46.01 -9.81
N ARG C 314 -6.08 -45.16 -10.83
CA ARG C 314 -6.84 -43.92 -10.72
C ARG C 314 -8.20 -43.97 -11.41
N ALA C 315 -8.59 -45.15 -11.87
CA ALA C 315 -9.85 -45.31 -12.61
C ALA C 315 -11.02 -44.66 -11.87
N GLY C 316 -11.69 -43.71 -12.52
CA GLY C 316 -12.86 -43.05 -11.96
C GLY C 316 -12.61 -42.26 -10.69
N GLU C 317 -11.43 -41.63 -10.59
CA GLU C 317 -11.18 -40.60 -9.56
C GLU C 317 -11.30 -39.24 -10.21
N SER C 318 -11.60 -38.21 -9.41
CA SER C 318 -11.65 -36.85 -9.92
C SER C 318 -10.22 -36.33 -10.07
N GLY C 319 -10.07 -35.30 -10.89
CA GLY C 319 -8.75 -34.72 -11.20
C GLY C 319 -7.82 -35.68 -11.93
N HIS C 320 -8.39 -36.64 -12.66
CA HIS C 320 -7.60 -37.63 -13.40
C HIS C 320 -8.25 -37.97 -14.71
N THR C 321 -8.74 -36.94 -15.40
CA THR C 321 -9.46 -37.13 -16.64
C THR C 321 -8.49 -37.39 -17.76
N VAL C 322 -9.01 -37.88 -18.87
CA VAL C 322 -8.20 -38.08 -20.04
C VAL C 322 -7.60 -36.75 -20.47
N ALA C 323 -8.40 -35.69 -20.45
CA ALA C 323 -7.89 -34.37 -20.84
C ALA C 323 -6.76 -33.91 -19.93
N ASP C 324 -6.90 -34.14 -18.62
CA ASP C 324 -5.84 -33.84 -17.66
C ASP C 324 -4.55 -34.59 -18.04
N TYR C 325 -4.69 -35.89 -18.29
CA TYR C 325 -3.53 -36.69 -18.62
C TYR C 325 -2.88 -36.28 -19.94
N LEU C 326 -3.68 -35.88 -20.93
CA LEU C 326 -3.10 -35.49 -22.23
C LEU C 326 -2.25 -34.21 -22.11
N LYS C 327 -2.68 -33.29 -21.25
CA LYS C 327 -1.93 -32.06 -21.01
C LYS C 327 -0.61 -32.39 -20.31
N PHE C 328 -0.72 -33.22 -19.27
CA PHE C 328 0.45 -33.65 -18.50
C PHE C 328 1.46 -34.31 -19.41
N LYS C 329 0.98 -35.23 -20.24
CA LYS C 329 1.83 -35.90 -21.18
C LYS C 329 2.51 -34.94 -22.15
N ASP C 330 1.77 -33.96 -22.65
CA ASP C 330 2.37 -33.02 -23.61
C ASP C 330 3.50 -32.25 -22.94
N LEU C 331 3.26 -31.81 -21.71
CA LEU C 331 4.28 -31.08 -20.99
C LEU C 331 5.53 -31.93 -20.81
N ILE C 332 5.35 -33.17 -20.38
CA ILE C 332 6.49 -34.04 -20.10
C ILE C 332 7.32 -34.27 -21.36
N LEU C 333 6.64 -34.51 -22.47
CA LEU C 333 7.35 -34.74 -23.73
C LEU C 333 8.13 -33.51 -24.17
N ARG C 334 7.60 -32.34 -23.90
CA ARG C 334 8.33 -31.11 -24.17
C ARG C 334 9.55 -30.94 -23.22
N MET C 335 9.43 -31.43 -21.99
CA MET C 335 10.57 -31.46 -21.07
C MET C 335 11.62 -32.51 -21.47
N LEU C 336 11.20 -33.54 -22.19
CA LEU C 336 12.11 -34.59 -22.58
C LEU C 336 12.52 -34.48 -24.04
N ASP C 337 12.40 -33.30 -24.62
CA ASP C 337 12.98 -33.02 -25.94
C ASP C 337 14.47 -33.37 -25.92
N TYR C 338 14.91 -34.15 -26.89
CA TYR C 338 16.32 -34.55 -27.00
C TYR C 338 17.22 -33.34 -27.21
N ASP C 339 16.70 -32.34 -27.90
CA ASP C 339 17.46 -31.14 -28.28
C ASP C 339 17.36 -30.08 -27.18
N PRO C 340 18.48 -29.74 -26.53
CA PRO C 340 18.43 -28.74 -25.47
C PRO C 340 18.06 -27.33 -25.95
N LYS C 341 18.28 -27.04 -27.22
CA LYS C 341 17.88 -25.74 -27.80
C LYS C 341 16.37 -25.58 -27.87
N THR C 342 15.63 -26.68 -27.99
CA THR C 342 14.18 -26.62 -28.17
C THR C 342 13.40 -27.21 -27.00
N ARG C 343 14.11 -27.83 -26.05
CA ARG C 343 13.47 -28.32 -24.84
C ARG C 343 12.82 -27.17 -24.15
N ILE C 344 11.61 -27.40 -23.67
CA ILE C 344 10.83 -26.33 -23.07
C ILE C 344 11.61 -25.66 -21.93
N GLN C 345 11.50 -24.34 -21.84
CA GLN C 345 12.17 -23.58 -20.80
C GLN C 345 11.17 -23.14 -19.76
N PRO C 346 11.66 -22.88 -18.53
CA PRO C 346 10.77 -22.65 -17.40
C PRO C 346 9.65 -21.64 -17.67
N TYR C 347 9.99 -20.51 -18.28
CA TYR C 347 9.00 -19.48 -18.57
C TYR C 347 7.82 -20.04 -19.38
N TYR C 348 8.11 -20.74 -20.47
CA TYR C 348 7.06 -21.27 -21.34
C TYR C 348 6.37 -22.50 -20.74
N ALA C 349 7.08 -23.23 -19.89
CA ALA C 349 6.45 -24.33 -19.16
C ALA C 349 5.39 -23.83 -18.22
N LEU C 350 5.66 -22.72 -17.56
CA LEU C 350 4.68 -22.15 -16.64
C LEU C 350 3.39 -21.71 -17.34
N GLN C 351 3.46 -21.47 -18.64
CA GLN C 351 2.28 -21.09 -19.43
C GLN C 351 1.53 -22.29 -20.02
N HIS C 352 2.05 -23.51 -19.86
CA HIS C 352 1.41 -24.68 -20.44
C HIS C 352 0.00 -24.89 -19.91
N SER C 353 -0.88 -25.45 -20.75
CA SER C 353 -2.28 -25.66 -20.40
C SER C 353 -2.48 -26.58 -19.18
N PHE C 354 -1.47 -27.39 -18.88
CA PHE C 354 -1.47 -28.25 -17.72
C PHE C 354 -1.67 -27.46 -16.43
N PHE C 355 -1.32 -26.17 -16.46
CA PHE C 355 -1.40 -25.33 -15.28
C PHE C 355 -2.63 -24.39 -15.23
N LYS C 356 -3.62 -24.60 -16.09
CA LYS C 356 -4.74 -23.64 -16.20
C LYS C 356 -5.66 -23.58 -14.98
N LYS C 357 -5.89 -22.35 -14.50
CA LYS C 357 -6.84 -22.02 -13.43
C LYS C 357 -8.20 -21.68 -14.02
N LYS D 10 27.37 27.22 -33.44
CA LYS D 10 25.87 27.35 -33.50
C LYS D 10 25.28 28.05 -32.23
N VAL D 11 25.26 29.41 -32.20
CA VAL D 11 24.84 30.18 -30.98
C VAL D 11 23.50 30.92 -31.17
N TYR D 12 22.45 30.52 -30.43
CA TYR D 12 21.08 31.07 -30.63
C TYR D 12 20.63 31.97 -29.47
N ASN D 13 20.24 33.21 -29.80
CA ASN D 13 19.82 34.21 -28.80
C ASN D 13 20.77 34.22 -27.61
N ASP D 14 22.06 34.41 -27.91
CA ASP D 14 23.10 34.52 -26.88
C ASP D 14 23.17 33.33 -25.91
N GLY D 15 22.80 32.15 -26.40
CA GLY D 15 22.85 30.91 -25.60
C GLY D 15 21.56 30.54 -24.89
N TYR D 16 20.55 31.40 -24.93
CA TYR D 16 19.31 31.15 -24.17
C TYR D 16 18.32 30.22 -24.91
N ASP D 17 18.47 30.12 -26.23
CA ASP D 17 17.51 29.41 -27.09
C ASP D 17 18.11 28.15 -27.70
N ASP D 18 17.27 27.15 -27.97
CA ASP D 18 17.69 26.00 -28.76
C ASP D 18 17.57 26.35 -30.25
N ASP D 19 17.74 25.36 -31.12
CA ASP D 19 17.80 25.62 -32.58
C ASP D 19 16.42 25.62 -33.26
N ASN D 20 15.39 25.47 -32.45
CA ASN D 20 14.02 25.60 -32.92
C ASN D 20 13.32 26.81 -32.27
N TYR D 21 14.10 27.85 -31.95
CA TYR D 21 13.57 29.11 -31.45
C TYR D 21 12.89 29.03 -30.08
N ASP D 22 13.09 27.94 -29.35
CA ASP D 22 12.47 27.80 -28.03
C ASP D 22 13.43 28.18 -26.94
N TYR D 23 12.90 28.67 -25.84
CA TYR D 23 13.73 29.00 -24.68
C TYR D 23 14.15 27.71 -23.98
N ILE D 24 15.44 27.58 -23.69
CA ILE D 24 15.95 26.39 -23.00
C ILE D 24 15.59 26.50 -21.53
N VAL D 25 14.58 25.75 -21.13
CA VAL D 25 14.05 25.83 -19.80
C VAL D 25 15.02 25.25 -18.81
N LYS D 26 15.15 25.93 -17.67
CA LYS D 26 15.98 25.47 -16.57
C LYS D 26 15.20 25.53 -15.28
N ASN D 27 14.98 24.36 -14.70
CA ASN D 27 14.21 24.25 -13.47
C ASN D 27 14.91 25.04 -12.38
N GLY D 28 14.15 25.70 -11.53
CA GLY D 28 14.71 26.47 -10.43
C GLY D 28 15.14 27.89 -10.76
N GLU D 29 15.08 28.27 -12.02
CA GLU D 29 15.42 29.63 -12.44
C GLU D 29 14.42 30.65 -11.89
N LYS D 30 14.89 31.87 -11.58
CA LYS D 30 14.03 32.94 -11.06
C LYS D 30 14.03 34.11 -12.03
N TRP D 31 12.84 34.60 -12.35
CA TRP D 31 12.67 35.61 -13.38
C TRP D 31 12.17 36.86 -12.73
N MET D 32 12.84 37.97 -13.01
CA MET D 32 12.37 39.30 -12.60
C MET D 32 11.98 39.33 -11.12
N ASP D 33 12.73 38.61 -10.30
CA ASP D 33 12.46 38.58 -8.85
C ASP D 33 10.98 38.34 -8.54
N ARG D 34 10.32 37.50 -9.34
CA ARG D 34 8.89 37.30 -9.18
C ARG D 34 8.47 35.84 -9.40
N TYR D 35 8.88 35.28 -10.54
CA TYR D 35 8.44 33.95 -10.96
C TYR D 35 9.54 32.93 -10.77
N GLU D 36 9.23 31.86 -10.05
CA GLU D 36 10.14 30.75 -9.86
C GLU D 36 9.74 29.60 -10.75
N ILE D 37 10.59 29.24 -11.71
CA ILE D 37 10.24 28.26 -12.73
C ILE D 37 10.43 26.86 -12.20
N ASP D 38 9.34 26.11 -12.08
CA ASP D 38 9.43 24.77 -11.59
C ASP D 38 9.89 23.81 -12.67
N SER D 39 9.11 23.71 -13.75
CA SER D 39 9.37 22.73 -14.79
C SER D 39 8.54 22.92 -16.04
N LEU D 40 8.87 22.13 -17.05
CA LEU D 40 8.16 22.13 -18.31
C LEU D 40 6.89 21.29 -18.21
N ILE D 41 5.75 21.86 -18.60
CA ILE D 41 4.47 21.12 -18.68
C ILE D 41 4.26 20.54 -20.07
N GLY D 42 4.66 21.27 -21.11
CA GLY D 42 4.37 20.83 -22.44
C GLY D 42 4.83 21.77 -23.53
N LYS D 43 4.80 21.25 -24.76
CA LYS D 43 5.21 21.98 -25.93
C LYS D 43 4.12 21.94 -26.98
N GLY D 44 4.17 22.93 -27.84
CA GLY D 44 3.29 22.99 -28.97
C GLY D 44 4.03 23.69 -30.08
N SER D 45 3.32 23.94 -31.18
CA SER D 45 3.93 24.62 -32.30
C SER D 45 4.32 26.03 -31.95
N PHE D 46 3.56 26.62 -31.03
CA PHE D 46 3.79 28.00 -30.61
C PHE D 46 5.04 28.17 -29.76
N GLY D 47 5.45 27.10 -29.09
CA GLY D 47 6.51 27.20 -28.09
C GLY D 47 6.27 26.25 -26.93
N GLN D 48 6.40 26.75 -25.70
CA GLN D 48 6.35 25.90 -24.51
C GLN D 48 5.44 26.45 -23.45
N VAL D 49 5.03 25.58 -22.52
CA VAL D 49 4.30 26.03 -21.34
C VAL D 49 5.03 25.50 -20.10
N VAL D 50 5.23 26.36 -19.09
CA VAL D 50 5.90 25.93 -17.86
C VAL D 50 5.08 26.20 -16.62
N LYS D 51 5.36 25.46 -15.58
CA LYS D 51 4.76 25.68 -14.29
C LYS D 51 5.69 26.60 -13.52
N ALA D 52 5.10 27.63 -12.88
CA ALA D 52 5.89 28.60 -12.08
C ALA D 52 5.15 29.11 -10.86
N TYR D 53 5.90 29.46 -9.84
CA TYR D 53 5.31 30.11 -8.67
C TYR D 53 5.47 31.61 -8.77
N ASP D 54 4.37 32.31 -8.62
CA ASP D 54 4.35 33.76 -8.59
C ASP D 54 4.50 34.21 -7.13
N ARG D 55 5.70 34.70 -6.79
CA ARG D 55 5.98 35.20 -5.42
C ARG D 55 4.97 36.23 -4.97
N VAL D 56 4.66 37.17 -5.87
CA VAL D 56 3.83 38.29 -5.55
C VAL D 56 2.41 37.86 -5.18
N GLU D 57 1.79 37.03 -6.00
CA GLU D 57 0.40 36.65 -5.75
C GLU D 57 0.27 35.38 -4.89
N GLN D 58 1.40 34.74 -4.59
CA GLN D 58 1.43 33.49 -3.80
C GLN D 58 0.59 32.40 -4.45
N GLU D 59 0.85 32.11 -5.71
CA GLU D 59 0.05 31.11 -6.43
C GLU D 59 0.84 30.49 -7.55
N TRP D 60 0.49 29.27 -7.87
CA TRP D 60 1.06 28.60 -9.01
C TRP D 60 0.41 29.10 -10.29
N VAL D 61 1.22 29.31 -11.32
CA VAL D 61 0.74 29.76 -12.62
C VAL D 61 1.36 28.93 -13.74
N ALA D 62 0.74 29.02 -14.92
CA ALA D 62 1.29 28.43 -16.13
C ALA D 62 1.74 29.52 -17.08
N ILE D 63 2.98 29.44 -17.53
CA ILE D 63 3.51 30.49 -18.38
C ILE D 63 3.82 29.97 -19.77
N LYS D 64 3.13 30.55 -20.75
CA LYS D 64 3.32 30.19 -22.13
C LYS D 64 4.46 30.99 -22.69
N ILE D 65 5.53 30.32 -23.07
CA ILE D 65 6.68 30.99 -23.62
C ILE D 65 6.65 30.84 -25.10
N ILE D 66 6.40 31.96 -25.77
CA ILE D 66 6.31 31.97 -27.21
C ILE D 66 7.70 31.89 -27.80
N LYS D 67 7.80 31.27 -28.97
CA LYS D 67 9.07 31.13 -29.64
C LYS D 67 9.59 32.47 -30.00
N ASN D 68 10.91 32.59 -29.97
CA ASN D 68 11.57 33.83 -30.36
C ASN D 68 11.74 33.89 -31.86
N LYS D 69 10.64 34.16 -32.54
CA LYS D 69 10.65 34.36 -33.96
C LYS D 69 9.45 35.21 -34.38
N LYS D 70 9.70 36.16 -35.27
CA LYS D 70 8.74 37.21 -35.59
C LYS D 70 7.34 36.66 -35.85
N ALA D 71 7.23 35.71 -36.77
CA ALA D 71 5.92 35.16 -37.15
C ALA D 71 5.14 34.61 -35.96
N PHE D 72 5.84 34.02 -35.02
CA PHE D 72 5.18 33.45 -33.84
C PHE D 72 4.82 34.55 -32.83
N LEU D 73 5.76 35.46 -32.59
CA LEU D 73 5.49 36.64 -31.81
C LEU D 73 4.26 37.37 -32.33
N ASN D 74 4.21 37.60 -33.63
CA ASN D 74 3.11 38.36 -34.20
C ASN D 74 1.78 37.61 -34.10
N GLN D 75 1.79 36.30 -34.22
CA GLN D 75 0.53 35.59 -34.05
C GLN D 75 0.10 35.62 -32.58
N ALA D 76 1.06 35.49 -31.67
CA ALA D 76 0.74 35.49 -30.26
C ALA D 76 0.21 36.83 -29.81
N GLN D 77 0.61 37.91 -30.48
CA GLN D 77 0.01 39.21 -30.18
C GLN D 77 -1.48 39.24 -30.48
N ILE D 78 -1.90 38.56 -31.54
CA ILE D 78 -3.33 38.40 -31.81
C ILE D 78 -4.01 37.61 -30.70
N GLU D 79 -3.38 36.52 -30.26
CA GLU D 79 -3.91 35.74 -29.16
C GLU D 79 -4.15 36.63 -27.94
N VAL D 80 -3.19 37.48 -27.62
CA VAL D 80 -3.30 38.36 -26.48
C VAL D 80 -4.48 39.32 -26.63
N ARG D 81 -4.58 39.95 -27.79
CA ARG D 81 -5.67 40.85 -28.01
C ARG D 81 -7.00 40.11 -27.77
N LEU D 82 -7.14 38.91 -28.32
CA LEU D 82 -8.40 38.19 -28.23
C LEU D 82 -8.70 37.74 -26.79
N LEU D 83 -7.68 37.27 -26.07
CA LEU D 83 -7.87 36.87 -24.69
C LEU D 83 -8.31 38.06 -23.83
N GLU D 84 -7.72 39.22 -24.04
CA GLU D 84 -8.02 40.37 -23.20
C GLU D 84 -9.44 40.83 -23.50
N LEU D 85 -9.84 40.67 -24.75
CA LEU D 85 -11.17 41.04 -25.18
C LEU D 85 -12.21 40.11 -24.59
N MET D 86 -11.92 38.82 -24.60
CA MET D 86 -12.82 37.86 -23.98
C MET D 86 -12.85 38.03 -22.47
N ASN D 87 -11.68 38.27 -21.86
CA ASN D 87 -11.59 38.34 -20.39
C ASN D 87 -12.31 39.54 -19.83
N LYS D 88 -12.46 40.60 -20.60
CA LYS D 88 -13.16 41.80 -20.09
C LYS D 88 -14.69 41.78 -20.33
N HIS D 89 -15.17 41.00 -21.29
CA HIS D 89 -16.62 40.72 -21.40
C HIS D 89 -17.08 39.60 -20.44
N ASP D 90 -16.12 38.91 -19.81
CA ASP D 90 -16.39 37.72 -18.96
C ASP D 90 -15.64 37.87 -17.62
N THR D 91 -15.67 39.07 -17.01
CA THR D 91 -14.84 39.34 -15.79
C THR D 91 -15.20 38.44 -14.59
N GLU D 92 -16.40 37.86 -14.64
CA GLU D 92 -16.85 36.91 -13.62
C GLU D 92 -16.28 35.49 -13.83
N MET D 93 -15.61 35.26 -14.96
CA MET D 93 -15.00 33.97 -15.31
C MET D 93 -16.02 32.82 -15.33
N LYS D 94 -17.25 33.12 -15.81
CA LYS D 94 -18.35 32.14 -15.79
C LYS D 94 -18.61 31.53 -17.16
N TYR D 95 -17.84 31.95 -18.18
CA TYR D 95 -18.09 31.54 -19.57
C TYR D 95 -16.99 30.60 -20.13
N TYR D 96 -16.13 30.06 -19.25
CA TYR D 96 -15.37 28.88 -19.60
C TYR D 96 -14.12 29.13 -20.47
N ILE D 97 -13.54 30.30 -20.35
CA ILE D 97 -12.38 30.66 -21.09
C ILE D 97 -11.21 31.04 -20.20
N VAL D 98 -10.06 30.49 -20.53
CA VAL D 98 -8.89 30.59 -19.67
C VAL D 98 -8.52 32.04 -19.43
N HIS D 99 -8.08 32.33 -18.21
CA HIS D 99 -7.83 33.68 -17.78
C HIS D 99 -6.37 34.04 -18.03
N LEU D 100 -6.16 35.02 -18.91
CA LEU D 100 -4.83 35.57 -19.07
C LEU D 100 -4.61 36.64 -18.03
N LYS D 101 -3.70 36.39 -17.10
CA LYS D 101 -3.47 37.31 -15.97
C LYS D 101 -2.66 38.52 -16.39
N ARG D 102 -1.56 38.28 -17.09
CA ARG D 102 -0.74 39.32 -17.66
C ARG D 102 0.26 38.72 -18.65
N HIS D 103 1.00 39.58 -19.33
CA HIS D 103 2.06 39.19 -20.22
C HIS D 103 3.28 40.08 -20.08
N PHE D 104 4.41 39.60 -20.59
CA PHE D 104 5.64 40.36 -20.57
C PHE D 104 6.65 39.74 -21.50
N MET D 105 7.62 40.54 -21.95
CA MET D 105 8.77 40.06 -22.69
C MET D 105 9.86 39.69 -21.73
N PHE D 106 10.57 38.61 -22.02
CA PHE D 106 11.70 38.22 -21.20
C PHE D 106 12.70 37.44 -22.06
N ARG D 107 13.94 37.90 -22.04
CA ARG D 107 15.00 37.35 -22.88
C ARG D 107 14.54 37.10 -24.29
N ASN D 108 13.82 38.08 -24.81
CA ASN D 108 13.34 38.13 -26.20
C ASN D 108 12.20 37.16 -26.55
N HIS D 109 11.51 36.67 -25.53
CA HIS D 109 10.32 35.82 -25.71
C HIS D 109 9.11 36.48 -25.10
N LEU D 110 8.03 36.55 -25.84
CA LEU D 110 6.78 36.96 -25.26
C LEU D 110 6.29 35.86 -24.33
N CYS D 111 5.96 36.21 -23.09
CA CYS D 111 5.47 35.26 -22.13
C CYS D 111 4.07 35.62 -21.67
N LEU D 112 3.19 34.63 -21.67
CA LEU D 112 1.80 34.83 -21.29
C LEU D 112 1.55 34.07 -20.01
N VAL D 113 1.00 34.73 -19.01
CA VAL D 113 0.84 34.12 -17.71
C VAL D 113 -0.61 33.78 -17.47
N PHE D 114 -0.88 32.49 -17.29
CA PHE D 114 -2.25 31.98 -17.12
C PHE D 114 -2.50 31.36 -15.76
N GLU D 115 -3.77 31.40 -15.33
CA GLU D 115 -4.21 30.63 -14.17
C GLU D 115 -3.78 29.17 -14.34
N MET D 116 -3.49 28.49 -13.25
CA MET D 116 -3.12 27.11 -13.26
C MET D 116 -4.39 26.28 -13.44
N LEU D 117 -4.30 25.19 -14.23
CA LEU D 117 -5.45 24.32 -14.44
C LEU D 117 -5.02 22.89 -14.25
N SER D 118 -5.97 21.96 -14.34
CA SER D 118 -5.67 20.54 -14.19
C SER D 118 -5.59 19.79 -15.55
N TYR D 119 -5.82 18.49 -15.54
CA TYR D 119 -5.73 17.64 -16.75
C TYR D 119 -6.60 18.13 -17.88
N ASN D 120 -6.12 17.92 -19.11
CA ASN D 120 -6.98 18.08 -20.30
C ASN D 120 -7.78 16.81 -20.57
N LEU D 121 -8.75 16.92 -21.46
CA LEU D 121 -9.68 15.83 -21.69
C LEU D 121 -9.05 14.59 -22.36
N TYR D 122 -7.92 14.77 -23.03
CA TYR D 122 -7.24 13.62 -23.57
C TYR D 122 -6.62 12.82 -22.43
N ASP D 123 -5.95 13.49 -21.52
CA ASP D 123 -5.41 12.84 -20.32
C ASP D 123 -6.53 12.06 -19.63
N LEU D 124 -7.69 12.67 -19.60
CA LEU D 124 -8.85 12.09 -18.95
C LEU D 124 -9.29 10.80 -19.63
N LEU D 125 -9.32 10.83 -20.95
CA LEU D 125 -9.59 9.62 -21.71
C LEU D 125 -8.56 8.56 -21.43
N ARG D 126 -7.30 8.96 -21.38
CA ARG D 126 -6.21 8.06 -21.21
C ARG D 126 -6.30 7.34 -19.87
N ASN D 127 -6.74 8.07 -18.85
CA ASN D 127 -6.93 7.47 -17.52
C ASN D 127 -8.04 6.42 -17.46
N THR D 128 -9.02 6.46 -18.35
CA THR D 128 -10.01 5.37 -18.48
C THR D 128 -9.53 4.25 -19.42
N ASN D 129 -8.24 4.25 -19.76
CA ASN D 129 -7.71 3.40 -20.84
CA ASN D 129 -7.68 3.43 -20.84
C ASN D 129 -8.59 3.42 -22.09
N PHE D 130 -9.06 4.60 -22.46
CA PHE D 130 -9.76 4.84 -23.71
C PHE D 130 -11.08 4.10 -23.81
N ARG D 131 -11.70 3.89 -22.65
CA ARG D 131 -13.02 3.28 -22.61
C ARG D 131 -14.08 4.35 -22.63
N GLY D 132 -13.68 5.61 -22.43
CA GLY D 132 -14.61 6.71 -22.55
C GLY D 132 -15.21 7.03 -21.22
N VAL D 133 -15.72 8.25 -21.10
CA VAL D 133 -16.36 8.67 -19.86
C VAL D 133 -17.86 8.51 -19.95
N SER D 134 -18.54 8.62 -18.83
CA SER D 134 -19.97 8.37 -18.79
C SER D 134 -20.70 9.37 -19.67
N LEU D 135 -21.88 8.98 -20.12
CA LEU D 135 -22.74 9.89 -20.86
C LEU D 135 -23.14 11.10 -20.02
N ASN D 136 -23.31 10.91 -18.71
CA ASN D 136 -23.58 12.05 -17.81
C ASN D 136 -22.47 13.10 -17.79
N LEU D 137 -21.23 12.63 -17.77
CA LEU D 137 -20.09 13.52 -17.77
C LEU D 137 -19.93 14.19 -19.14
N THR D 138 -20.19 13.43 -20.20
CA THR D 138 -20.16 13.95 -21.56
C THR D 138 -21.17 15.09 -21.72
N ARG D 139 -22.36 14.93 -21.12
CA ARG D 139 -23.41 15.96 -21.18
C ARG D 139 -22.96 17.25 -20.51
N LYS D 140 -22.34 17.10 -19.35
CA LYS D 140 -21.78 18.22 -18.62
C LYS D 140 -20.74 19.01 -19.40
N PHE D 141 -19.85 18.29 -20.08
CA PHE D 141 -18.85 18.95 -20.92
C PHE D 141 -19.52 19.62 -22.10
N ALA D 142 -20.52 18.94 -22.68
CA ALA D 142 -21.17 19.45 -23.87
C ALA D 142 -21.95 20.72 -23.58
N GLN D 143 -22.59 20.79 -22.43
CA GLN D 143 -23.34 21.98 -22.06
C GLN D 143 -22.42 23.16 -21.84
N GLN D 144 -21.33 22.91 -21.15
CA GLN D 144 -20.34 23.95 -20.91
C GLN D 144 -19.74 24.45 -22.23
N MET D 145 -19.37 23.52 -23.10
CA MET D 145 -18.77 23.89 -24.36
C MET D 145 -19.73 24.67 -25.25
N CYS D 146 -21.01 24.29 -25.27
CA CYS D 146 -21.98 25.04 -26.07
C CYS D 146 -22.18 26.46 -25.51
N THR D 147 -22.13 26.59 -24.20
CA THR D 147 -22.25 27.89 -23.59
C THR D 147 -21.03 28.73 -23.96
N ALA D 148 -19.86 28.11 -23.96
CA ALA D 148 -18.65 28.82 -24.34
C ALA D 148 -18.74 29.29 -25.78
N LEU D 149 -19.27 28.44 -26.65
CA LEU D 149 -19.42 28.83 -28.05
C LEU D 149 -20.46 29.92 -28.21
N LEU D 150 -21.50 29.90 -27.38
CA LEU D 150 -22.50 30.97 -27.40
C LEU D 150 -21.84 32.30 -27.02
N PHE D 151 -20.95 32.24 -26.04
CA PHE D 151 -20.20 33.40 -25.67
C PHE D 151 -19.36 33.93 -26.83
N LEU D 152 -18.60 33.06 -27.50
CA LEU D 152 -17.75 33.50 -28.60
C LEU D 152 -18.53 34.09 -29.76
N ALA D 153 -19.77 33.63 -29.91
CA ALA D 153 -20.65 34.05 -30.98
C ALA D 153 -21.27 35.42 -30.75
N THR D 154 -21.11 36.00 -29.56
CA THR D 154 -21.68 37.32 -29.32
C THR D 154 -21.04 38.33 -30.29
N PRO D 155 -21.87 39.18 -30.93
CA PRO D 155 -21.45 40.12 -32.00
C PRO D 155 -20.17 40.92 -31.74
N GLU D 156 -19.98 41.38 -30.51
CA GLU D 156 -18.77 42.14 -30.17
C GLU D 156 -17.53 41.25 -30.23
N LEU D 157 -17.69 39.96 -29.96
CA LEU D 157 -16.58 39.04 -30.09
C LEU D 157 -16.49 38.39 -31.49
N SER D 158 -17.49 37.62 -31.87
CA SER D 158 -17.46 36.88 -33.13
C SER D 158 -16.14 36.14 -33.34
N ILE D 159 -15.71 35.40 -32.31
CA ILE D 159 -14.43 34.70 -32.34
C ILE D 159 -14.55 33.21 -32.77
N ILE D 160 -13.68 32.81 -33.68
CA ILE D 160 -13.57 31.41 -34.10
C ILE D 160 -12.32 30.85 -33.48
N HIS D 161 -12.47 29.84 -32.65
CA HIS D 161 -11.31 29.28 -31.96
C HIS D 161 -10.31 28.65 -32.95
N CYS D 162 -10.86 27.86 -33.88
CA CYS D 162 -10.11 27.29 -35.02
C CYS D 162 -9.26 26.06 -34.71
N ASP D 163 -9.21 25.63 -33.46
CA ASP D 163 -8.41 24.47 -33.08
C ASP D 163 -8.94 23.76 -31.84
N LEU D 164 -10.25 23.55 -31.78
CA LEU D 164 -10.79 22.76 -30.71
C LEU D 164 -10.40 21.29 -30.86
N LYS D 165 -9.95 20.73 -29.75
CA LYS D 165 -9.66 19.33 -29.64
C LYS D 165 -9.56 19.00 -28.15
N PRO D 166 -9.59 17.71 -27.78
CA PRO D 166 -9.59 17.40 -26.38
C PRO D 166 -8.43 18.00 -25.60
N GLU D 167 -7.24 18.04 -26.19
CA GLU D 167 -6.07 18.59 -25.50
C GLU D 167 -6.23 20.07 -25.10
N ASN D 168 -7.14 20.79 -25.74
CA ASN D 168 -7.31 22.21 -25.50
C ASN D 168 -8.53 22.51 -24.65
N ILE D 169 -9.05 21.48 -24.00
CA ILE D 169 -10.11 21.68 -23.04
C ILE D 169 -9.62 21.09 -21.72
N LEU D 170 -9.48 21.94 -20.71
CA LEU D 170 -8.89 21.51 -19.44
C LEU D 170 -9.89 21.58 -18.31
N LEU D 171 -9.79 20.63 -17.39
CA LEU D 171 -10.50 20.72 -16.12
C LEU D 171 -9.89 21.80 -15.26
N CYS D 172 -10.72 22.47 -14.46
CA CYS D 172 -10.21 23.44 -13.49
C CYS D 172 -9.60 22.69 -12.35
N ASN D 173 -10.29 21.63 -11.92
CA ASN D 173 -9.87 20.85 -10.78
C ASN D 173 -9.97 19.39 -11.18
N PRO D 174 -9.01 18.55 -10.74
CA PRO D 174 -8.98 17.15 -11.14
C PRO D 174 -10.19 16.31 -10.72
N LYS D 175 -10.95 16.72 -9.71
CA LYS D 175 -12.09 15.93 -9.26
C LYS D 175 -13.40 16.63 -9.51
N ARG D 176 -13.41 17.58 -10.43
CA ARG D 176 -14.62 18.31 -10.75
C ARG D 176 -14.78 18.44 -12.24
N SER D 177 -16.00 18.76 -12.67
CA SER D 177 -16.35 18.73 -14.06
C SER D 177 -16.25 20.10 -14.70
N ALA D 178 -15.91 21.14 -13.94
CA ALA D 178 -15.75 22.46 -14.56
C ALA D 178 -14.58 22.47 -15.55
N ILE D 179 -14.76 23.13 -16.69
CA ILE D 179 -13.70 23.22 -17.70
C ILE D 179 -13.38 24.63 -18.15
N LYS D 180 -12.20 24.81 -18.74
CA LYS D 180 -11.86 26.00 -19.49
C LYS D 180 -11.24 25.62 -20.82
N ILE D 181 -11.41 26.49 -21.81
CA ILE D 181 -10.81 26.31 -23.11
C ILE D 181 -9.52 27.11 -23.15
N VAL D 182 -8.49 26.52 -23.70
CA VAL D 182 -7.21 27.20 -23.88
C VAL D 182 -6.79 27.22 -25.36
N ASP D 183 -5.64 27.83 -25.62
CA ASP D 183 -5.04 27.94 -26.93
C ASP D 183 -5.90 28.63 -27.93
N PHE D 184 -5.92 29.94 -27.85
CA PHE D 184 -6.49 30.79 -28.90
C PHE D 184 -5.37 31.31 -29.81
N GLY D 185 -4.28 30.55 -29.88
CA GLY D 185 -3.14 30.90 -30.74
C GLY D 185 -3.35 30.86 -32.25
N SER D 186 -4.41 30.23 -32.74
CA SER D 186 -4.76 30.35 -34.18
C SER D 186 -6.17 30.90 -34.38
N SER D 187 -6.71 31.52 -33.34
CA SER D 187 -8.04 32.05 -33.42
C SER D 187 -8.05 33.36 -34.20
N CYS D 188 -9.24 33.70 -34.65
CA CYS D 188 -9.49 34.90 -35.42
C CYS D 188 -10.94 35.33 -35.25
N GLN D 189 -11.26 36.50 -35.76
CA GLN D 189 -12.60 37.01 -35.71
C GLN D 189 -13.22 36.91 -37.07
N LEU D 190 -14.55 36.90 -37.11
CA LEU D 190 -15.29 36.63 -38.35
C LEU D 190 -14.88 37.54 -39.52
N GLY D 191 -14.59 38.81 -39.25
CA GLY D 191 -14.02 39.70 -40.27
C GLY D 191 -12.66 39.23 -40.78
N GLN D 192 -11.71 39.14 -39.85
CA GLN D 192 -10.27 39.08 -40.15
C GLN D 192 -9.73 37.64 -40.21
N ARG D 193 -10.15 36.89 -41.23
CA ARG D 193 -9.69 35.51 -41.41
C ARG D 193 -8.46 35.48 -42.31
N ILE D 194 -7.36 34.94 -41.79
CA ILE D 194 -6.03 35.03 -42.45
C ILE D 194 -5.40 33.69 -42.88
N TYR D 195 -6.06 32.57 -42.60
CA TYR D 195 -5.49 31.25 -42.93
C TYR D 195 -6.45 30.35 -43.74
N GLN D 196 -5.87 29.28 -44.27
CA GLN D 196 -6.54 28.36 -45.15
C GLN D 196 -6.56 26.93 -44.52
N PTR D 197 -5.38 26.39 -44.19
CA PTR D 197 -5.24 25.03 -43.62
CA PTR D 197 -5.23 25.01 -43.66
C PTR D 197 -5.24 25.12 -42.14
O PTR D 197 -4.21 25.38 -41.53
CB PTR D 197 -3.89 24.56 -44.10
CB PTR D 197 -3.92 24.40 -44.24
CG PTR D 197 -3.39 23.20 -43.64
CG PTR D 197 -3.93 22.99 -44.90
CD1 PTR D 197 -2.38 23.07 -42.66
CD1 PTR D 197 -3.84 21.84 -44.10
CD2 PTR D 197 -3.87 22.04 -44.28
CD2 PTR D 197 -3.93 22.81 -46.30
CE1 PTR D 197 -1.91 21.79 -42.29
CE1 PTR D 197 -3.82 20.57 -44.67
CE2 PTR D 197 -3.38 20.78 -43.92
CE2 PTR D 197 -3.89 21.52 -46.88
CZ PTR D 197 -2.44 20.65 -42.90
CZ PTR D 197 -3.81 20.37 -46.06
OH PTR D 197 -1.90 19.44 -42.61
OH PTR D 197 -3.83 19.08 -46.57
P PTR D 197 -2.47 18.31 -41.67
P PTR D 197 -2.66 18.16 -47.22
O1P PTR D 197 -3.02 19.01 -40.49
O1P PTR D 197 -2.83 16.75 -46.67
O2P PTR D 197 -1.19 17.63 -41.29
O2P PTR D 197 -1.37 18.85 -46.85
O3P PTR D 197 -3.42 17.56 -42.61
O3P PTR D 197 -3.00 18.24 -48.66
N ILE D 198 -6.40 24.93 -41.52
CA ILE D 198 -6.55 25.12 -40.09
C ILE D 198 -7.33 23.99 -39.45
N GLN D 199 -7.38 24.03 -38.12
CA GLN D 199 -7.97 22.97 -37.29
C GLN D 199 -7.04 21.75 -37.28
N SER D 200 -7.05 21.00 -36.19
CA SER D 200 -6.39 19.70 -36.16
C SER D 200 -7.21 18.72 -36.99
N ARG D 201 -6.50 17.84 -37.70
CA ARG D 201 -7.11 17.05 -38.80
C ARG D 201 -8.33 16.22 -38.36
N PHE D 202 -8.25 15.52 -37.24
CA PHE D 202 -9.37 14.71 -36.79
C PHE D 202 -10.60 15.56 -36.58
N TYR D 203 -10.40 16.84 -36.21
CA TYR D 203 -11.50 17.72 -35.83
C TYR D 203 -11.79 18.77 -36.90
N ARG D 204 -11.24 18.57 -38.08
CA ARG D 204 -11.34 19.57 -39.15
C ARG D 204 -12.65 19.42 -39.87
N SER D 205 -13.28 20.55 -40.18
CA SER D 205 -14.60 20.57 -40.78
C SER D 205 -14.55 20.34 -42.30
N PRO D 206 -15.67 19.93 -42.89
CA PRO D 206 -15.72 19.70 -44.32
C PRO D 206 -15.44 20.95 -45.14
N GLU D 207 -15.94 22.09 -44.68
CA GLU D 207 -15.72 23.32 -45.44
C GLU D 207 -14.23 23.69 -45.49
N VAL D 208 -13.49 23.40 -44.43
CA VAL D 208 -12.05 23.68 -44.46
C VAL D 208 -11.30 22.68 -45.33
N LEU D 209 -11.65 21.39 -45.21
CA LEU D 209 -11.11 20.37 -46.07
C LEU D 209 -11.35 20.72 -47.51
N LEU D 210 -12.51 21.30 -47.79
CA LEU D 210 -12.90 21.65 -49.17
C LEU D 210 -12.36 23.00 -49.66
N GLY D 211 -11.64 23.72 -48.80
CA GLY D 211 -11.07 25.01 -49.18
C GLY D 211 -12.09 26.11 -49.38
N MET D 212 -13.22 26.01 -48.68
CA MET D 212 -14.30 26.98 -48.78
C MET D 212 -14.20 28.03 -47.67
N PRO D 213 -14.93 29.15 -47.80
CA PRO D 213 -14.93 30.10 -46.67
C PRO D 213 -15.59 29.48 -45.45
N TYR D 214 -15.14 29.92 -44.29
CA TYR D 214 -15.60 29.32 -43.05
C TYR D 214 -15.98 30.38 -42.04
N ASP D 215 -16.78 29.99 -41.08
CA ASP D 215 -17.27 30.91 -40.09
C ASP D 215 -17.30 30.20 -38.74
N LEU D 216 -18.06 30.71 -37.77
CA LEU D 216 -18.04 30.15 -36.40
C LEU D 216 -18.55 28.72 -36.33
N ALA D 217 -19.22 28.26 -37.37
CA ALA D 217 -19.78 26.92 -37.39
C ALA D 217 -18.73 25.81 -37.44
N ILE D 218 -17.48 26.12 -37.81
CA ILE D 218 -16.47 25.08 -37.78
C ILE D 218 -16.15 24.60 -36.36
N ASP D 219 -16.32 25.45 -35.37
CA ASP D 219 -16.09 25.03 -33.99
C ASP D 219 -17.18 24.04 -33.51
N MET D 220 -18.38 24.16 -34.04
CA MET D 220 -19.43 23.24 -33.66
C MET D 220 -19.16 21.84 -34.25
N TRP D 221 -18.67 21.79 -35.50
CA TRP D 221 -18.24 20.54 -36.10
C TRP D 221 -17.25 19.86 -35.18
N SER D 222 -16.22 20.59 -34.79
CA SER D 222 -15.17 20.04 -33.94
C SER D 222 -15.76 19.53 -32.66
N LEU D 223 -16.69 20.28 -32.11
CA LEU D 223 -17.29 19.90 -30.86
C LEU D 223 -18.04 18.58 -30.99
N GLY D 224 -18.83 18.46 -32.06
CA GLY D 224 -19.46 17.18 -32.36
C GLY D 224 -18.52 16.00 -32.32
N CYS D 225 -17.35 16.13 -32.97
CA CYS D 225 -16.38 15.05 -33.03
C CYS D 225 -15.83 14.75 -31.63
N ILE D 226 -15.60 15.80 -30.88
CA ILE D 226 -14.98 15.69 -29.56
C ILE D 226 -15.89 14.94 -28.60
N LEU D 227 -17.17 15.31 -28.62
CA LEU D 227 -18.12 14.68 -27.74
C LEU D 227 -18.22 13.19 -27.98
N VAL D 228 -18.24 12.77 -29.24
CA VAL D 228 -18.33 11.35 -29.51
C VAL D 228 -17.08 10.65 -29.01
N GLU D 229 -15.93 11.25 -29.24
CA GLU D 229 -14.67 10.66 -28.79
C GLU D 229 -14.62 10.59 -27.26
N MET D 230 -15.17 11.58 -26.59
CA MET D 230 -15.16 11.54 -25.14
C MET D 230 -15.91 10.33 -24.63
N HIS D 231 -17.01 9.95 -25.27
CA HIS D 231 -17.83 8.88 -24.72
C HIS D 231 -17.39 7.53 -25.23
N THR D 232 -16.84 7.47 -26.45
CA THR D 232 -16.37 6.19 -27.01
C THR D 232 -14.94 5.89 -26.64
N GLY D 233 -14.14 6.93 -26.42
CA GLY D 233 -12.73 6.74 -26.12
C GLY D 233 -11.80 6.81 -27.34
N GLU D 234 -12.35 6.89 -28.54
CA GLU D 234 -11.51 6.97 -29.73
CA GLU D 234 -11.50 6.98 -29.74
C GLU D 234 -12.03 8.02 -30.74
N PRO D 235 -11.13 8.62 -31.49
CA PRO D 235 -11.56 9.63 -32.42
C PRO D 235 -12.59 9.10 -33.41
N LEU D 236 -13.62 9.88 -33.63
CA LEU D 236 -14.65 9.53 -34.57
C LEU D 236 -14.16 9.38 -35.98
N PHE D 237 -13.27 10.27 -36.40
CA PHE D 237 -12.75 10.35 -37.78
C PHE D 237 -11.25 10.51 -37.73
N SER D 238 -10.51 9.40 -37.73
CA SER D 238 -9.06 9.44 -37.46
C SER D 238 -8.19 9.37 -38.72
N GLY D 239 -8.35 10.35 -39.60
CA GLY D 239 -7.64 10.36 -40.85
C GLY D 239 -6.16 10.62 -40.72
N ALA D 240 -5.37 9.94 -41.54
CA ALA D 240 -3.94 10.09 -41.52
C ALA D 240 -3.51 11.22 -42.47
N ASN D 241 -4.42 11.63 -43.34
CA ASN D 241 -4.20 12.79 -44.20
C ASN D 241 -5.56 13.27 -44.71
N GLU D 242 -5.57 14.34 -45.50
CA GLU D 242 -6.86 14.94 -45.84
C GLU D 242 -7.76 13.98 -46.61
N VAL D 243 -7.20 13.21 -47.53
CA VAL D 243 -8.01 12.27 -48.30
C VAL D 243 -8.63 11.20 -47.40
N ASP D 244 -7.81 10.65 -46.52
CA ASP D 244 -8.30 9.66 -45.57
C ASP D 244 -9.37 10.29 -44.68
N GLN D 245 -9.14 11.53 -44.27
CA GLN D 245 -10.06 12.17 -43.37
C GLN D 245 -11.42 12.32 -44.02
N MET D 246 -11.45 12.85 -45.23
CA MET D 246 -12.71 13.07 -45.92
C MET D 246 -13.42 11.74 -46.14
N ASN D 247 -12.67 10.71 -46.50
CA ASN D 247 -13.27 9.40 -46.68
C ASN D 247 -13.87 8.85 -45.41
N LYS D 248 -13.20 9.07 -44.27
CA LYS D 248 -13.75 8.56 -43.01
C LYS D 248 -15.03 9.28 -42.67
N ILE D 249 -15.12 10.54 -43.05
CA ILE D 249 -16.34 11.29 -42.80
C ILE D 249 -17.46 10.76 -43.68
N VAL D 250 -17.12 10.48 -44.92
CA VAL D 250 -18.11 9.96 -45.85
C VAL D 250 -18.62 8.58 -45.45
N GLU D 251 -17.76 7.73 -44.91
CA GLU D 251 -18.24 6.45 -44.36
C GLU D 251 -19.46 6.67 -43.46
N VAL D 252 -19.45 7.74 -42.66
CA VAL D 252 -20.51 7.93 -41.66
C VAL D 252 -21.67 8.79 -42.15
N LEU D 253 -21.37 9.87 -42.84
CA LEU D 253 -22.40 10.84 -43.23
C LEU D 253 -22.79 10.80 -44.71
N GLY D 254 -22.15 9.96 -45.51
CA GLY D 254 -22.45 9.89 -46.93
C GLY D 254 -21.79 11.00 -47.72
N ILE D 255 -22.10 11.07 -49.01
CA ILE D 255 -21.51 12.05 -49.89
C ILE D 255 -22.07 13.42 -49.52
N PRO D 256 -21.22 14.48 -49.52
CA PRO D 256 -21.77 15.80 -49.23
C PRO D 256 -22.70 16.26 -50.33
N PRO D 257 -23.69 17.12 -50.00
CA PRO D 257 -24.69 17.59 -50.97
C PRO D 257 -24.06 18.32 -52.14
N ALA D 258 -24.69 18.18 -53.30
CA ALA D 258 -24.20 18.79 -54.53
C ALA D 258 -24.06 20.31 -54.43
N HIS D 259 -24.99 20.96 -53.74
CA HIS D 259 -24.96 22.42 -53.67
C HIS D 259 -23.69 22.93 -52.98
N ILE D 260 -23.09 22.11 -52.13
CA ILE D 260 -21.81 22.45 -51.55
C ILE D 260 -20.64 22.13 -52.46
N LEU D 261 -20.62 20.91 -53.00
CA LEU D 261 -19.48 20.50 -53.81
C LEU D 261 -19.33 21.35 -55.06
N ASP D 262 -20.46 21.81 -55.59
CA ASP D 262 -20.44 22.70 -56.75
C ASP D 262 -19.69 24.01 -56.46
N GLN D 263 -19.70 24.48 -55.21
CA GLN D 263 -18.99 25.72 -54.84
C GLN D 263 -17.64 25.47 -54.17
N ALA D 264 -17.16 24.24 -54.15
CA ALA D 264 -15.97 23.88 -53.38
C ALA D 264 -14.69 23.81 -54.21
N PRO D 265 -13.74 24.71 -53.97
CA PRO D 265 -12.50 24.70 -54.74
C PRO D 265 -11.74 23.37 -54.78
N LYS D 266 -11.81 22.58 -53.72
CA LYS D 266 -11.02 21.33 -53.64
C LYS D 266 -11.90 20.09 -53.73
N ALA D 267 -13.12 20.23 -54.23
CA ALA D 267 -14.01 19.09 -54.43
C ALA D 267 -13.32 17.92 -55.12
N ARG D 268 -12.49 18.22 -56.11
CA ARG D 268 -11.93 17.16 -56.97
C ARG D 268 -10.70 16.54 -56.37
N LYS D 269 -10.27 17.04 -55.22
CA LYS D 269 -9.29 16.35 -54.43
C LYS D 269 -9.86 15.04 -53.88
N PHE D 270 -11.18 14.99 -53.65
CA PHE D 270 -11.83 13.81 -53.04
C PHE D 270 -12.94 13.16 -53.88
N PHE D 271 -13.58 13.96 -54.73
CA PHE D 271 -14.80 13.53 -55.44
C PHE D 271 -14.69 13.72 -56.96
N GLU D 272 -15.63 13.15 -57.69
CA GLU D 272 -15.75 13.41 -59.13
C GLU D 272 -17.22 13.59 -59.50
N LYS D 273 -17.47 14.48 -60.44
CA LYS D 273 -18.82 14.84 -60.85
C LYS D 273 -19.22 14.03 -62.05
N LEU D 274 -20.32 13.30 -61.94
CA LEU D 274 -20.81 12.49 -63.05
C LEU D 274 -21.47 13.37 -64.10
N PRO D 275 -21.55 12.87 -65.35
CA PRO D 275 -22.27 13.61 -66.37
C PRO D 275 -23.67 14.00 -65.92
N ASP D 276 -24.35 13.10 -65.21
CA ASP D 276 -25.72 13.36 -64.77
C ASP D 276 -25.87 14.44 -63.68
N GLY D 277 -24.77 15.09 -63.29
CA GLY D 277 -24.82 16.22 -62.36
C GLY D 277 -24.61 15.88 -60.89
N THR D 278 -24.57 14.58 -60.56
CA THR D 278 -24.31 14.13 -59.18
C THR D 278 -22.83 13.85 -58.94
N TRP D 279 -22.49 13.79 -57.64
CA TRP D 279 -21.12 13.62 -57.22
C TRP D 279 -20.87 12.27 -56.62
N ASN D 280 -19.64 11.80 -56.75
CA ASN D 280 -19.23 10.56 -56.16
C ASN D 280 -17.82 10.61 -55.64
N LEU D 281 -17.45 9.63 -54.83
CA LEU D 281 -16.07 9.48 -54.45
C LEU D 281 -15.23 9.27 -55.68
N LYS D 282 -14.00 9.79 -55.68
CA LYS D 282 -13.07 9.54 -56.78
C LYS D 282 -12.99 8.07 -57.08
N LYS D 283 -12.70 7.73 -58.33
CA LYS D 283 -12.62 6.33 -58.70
C LYS D 283 -11.49 5.65 -57.96
N THR D 284 -11.80 4.48 -57.42
CA THR D 284 -10.86 3.63 -56.69
C THR D 284 -10.42 2.47 -57.61
N LYS D 285 -9.20 1.98 -57.39
CA LYS D 285 -8.61 1.03 -58.34
C LYS D 285 -9.08 -0.38 -58.13
N ASP D 286 -8.99 -1.17 -59.21
CA ASP D 286 -8.35 -2.49 -59.19
C ASP D 286 -8.91 -3.52 -58.22
N GLY D 287 -10.17 -3.48 -57.87
CA GLY D 287 -10.58 -4.26 -56.71
C GLY D 287 -9.63 -4.05 -55.51
N LYS D 288 -9.52 -2.81 -55.04
CA LYS D 288 -9.01 -2.55 -53.71
C LYS D 288 -10.17 -2.09 -52.85
N ARG D 289 -10.16 -2.52 -51.59
CA ARG D 289 -11.28 -2.22 -50.69
C ARG D 289 -10.71 -1.67 -49.40
N GLU D 290 -11.02 -0.42 -49.10
CA GLU D 290 -10.53 0.21 -47.86
C GLU D 290 -11.61 0.84 -46.99
N TYR D 291 -12.66 1.38 -47.59
CA TYR D 291 -13.66 2.08 -46.86
C TYR D 291 -15.03 1.41 -47.00
N LYS D 292 -15.83 1.50 -45.95
CA LYS D 292 -17.23 1.11 -46.02
C LYS D 292 -17.94 2.01 -47.03
N PRO D 293 -19.03 1.53 -47.63
CA PRO D 293 -19.74 2.38 -48.59
C PRO D 293 -20.35 3.58 -47.92
N PRO D 294 -20.51 4.67 -48.68
CA PRO D 294 -20.97 5.94 -48.10
C PRO D 294 -22.17 5.81 -47.20
N GLY D 295 -22.11 6.44 -46.03
CA GLY D 295 -23.22 6.45 -45.09
C GLY D 295 -23.52 5.14 -44.39
N THR D 296 -22.74 4.08 -44.62
CA THR D 296 -23.09 2.78 -44.00
C THR D 296 -22.48 2.56 -42.64
N ARG D 297 -21.52 3.39 -42.26
CA ARG D 297 -20.99 3.31 -40.92
C ARG D 297 -21.86 4.16 -40.00
N LYS D 298 -22.89 3.57 -39.43
CA LYS D 298 -23.92 4.32 -38.75
C LYS D 298 -23.48 4.75 -37.36
N LEU D 299 -23.70 6.02 -37.07
CA LEU D 299 -23.45 6.54 -35.75
C LEU D 299 -24.27 5.77 -34.69
N HIS D 300 -25.48 5.37 -35.07
CA HIS D 300 -26.30 4.50 -34.27
C HIS D 300 -25.50 3.33 -33.65
N ASN D 301 -24.60 2.74 -34.42
CA ASN D 301 -23.85 1.57 -33.95
C ASN D 301 -22.58 1.92 -33.25
N ILE D 302 -21.96 3.02 -33.69
CA ILE D 302 -20.74 3.52 -33.05
C ILE D 302 -21.00 3.86 -31.59
N LEU D 303 -22.14 4.47 -31.34
CA LEU D 303 -22.54 4.79 -29.98
C LEU D 303 -23.12 3.60 -29.24
N GLY D 304 -23.51 2.55 -29.97
CA GLY D 304 -24.18 1.41 -29.37
C GLY D 304 -25.52 1.78 -28.76
N VAL D 305 -26.32 2.55 -29.50
CA VAL D 305 -27.57 3.13 -29.01
C VAL D 305 -28.49 2.06 -28.42
N GLU D 306 -28.63 0.95 -29.14
CA GLU D 306 -29.51 -0.13 -28.71
C GLU D 306 -28.75 -1.38 -28.21
N THR D 307 -27.44 -1.24 -27.97
CA THR D 307 -26.61 -2.41 -27.65
C THR D 307 -25.72 -2.18 -26.41
N GLY D 308 -26.17 -1.33 -25.50
CA GLY D 308 -25.44 -1.12 -24.26
C GLY D 308 -24.28 -0.14 -24.41
N GLY D 309 -24.42 0.82 -25.32
CA GLY D 309 -23.39 1.82 -25.50
C GLY D 309 -22.16 1.32 -26.25
N PRO D 310 -21.09 2.12 -26.25
CA PRO D 310 -19.85 1.81 -26.95
C PRO D 310 -19.24 0.51 -26.47
N GLY D 311 -19.08 -0.44 -27.39
CA GLY D 311 -18.52 -1.73 -27.06
C GLY D 311 -19.29 -2.51 -26.00
N GLY D 312 -20.59 -2.20 -25.86
CA GLY D 312 -21.44 -2.86 -24.89
C GLY D 312 -21.09 -2.55 -23.47
N ARG D 313 -20.11 -1.66 -23.28
CA ARG D 313 -19.51 -1.46 -21.95
C ARG D 313 -20.43 -0.77 -20.93
N ARG D 314 -21.54 -0.20 -21.39
CA ARG D 314 -22.49 0.48 -20.50
C ARG D 314 -23.75 -0.31 -20.26
N ALA D 315 -23.78 -1.57 -20.71
CA ALA D 315 -24.97 -2.40 -20.60
C ALA D 315 -25.51 -2.39 -19.17
N GLY D 316 -26.77 -1.97 -19.02
CA GLY D 316 -27.43 -1.97 -17.72
C GLY D 316 -26.81 -1.05 -16.67
N GLU D 317 -26.29 0.09 -17.10
CA GLU D 317 -25.93 1.17 -16.16
C GLU D 317 -27.01 2.23 -16.18
N SER D 318 -27.12 3.01 -15.11
CA SER D 318 -28.07 4.11 -15.09
C SER D 318 -27.51 5.28 -15.89
N GLY D 319 -28.40 6.19 -16.31
CA GLY D 319 -28.03 7.31 -17.17
C GLY D 319 -27.49 6.92 -18.55
N HIS D 320 -27.90 5.75 -19.06
CA HIS D 320 -27.44 5.26 -20.36
C HIS D 320 -28.56 4.53 -21.07
N THR D 321 -29.76 5.11 -21.02
CA THR D 321 -30.92 4.48 -21.59
C THR D 321 -30.91 4.66 -23.09
N VAL D 322 -31.74 3.89 -23.79
CA VAL D 322 -31.90 4.05 -25.20
C VAL D 322 -32.39 5.46 -25.50
N ALA D 323 -33.34 5.95 -24.72
CA ALA D 323 -33.84 7.31 -24.93
C ALA D 323 -32.74 8.35 -24.75
N ASP D 324 -31.89 8.18 -23.74
CA ASP D 324 -30.75 9.06 -23.55
C ASP D 324 -29.86 9.05 -24.80
N TYR D 325 -29.55 7.86 -25.29
CA TYR D 325 -28.67 7.73 -26.43
C TYR D 325 -29.29 8.33 -27.70
N LEU D 326 -30.61 8.21 -27.87
CA LEU D 326 -31.24 8.73 -29.08
C LEU D 326 -31.17 10.26 -29.13
N LYS D 327 -31.29 10.88 -27.97
CA LYS D 327 -31.19 12.33 -27.89
C LYS D 327 -29.79 12.76 -28.22
N PHE D 328 -28.83 12.09 -27.59
CA PHE D 328 -27.43 12.39 -27.80
C PHE D 328 -27.09 12.28 -29.27
N LYS D 329 -27.54 11.19 -29.88
CA LYS D 329 -27.28 10.98 -31.30
C LYS D 329 -27.90 12.06 -32.16
N ASP D 330 -29.11 12.49 -31.83
CA ASP D 330 -29.73 13.54 -32.63
C ASP D 330 -28.90 14.82 -32.56
N LEU D 331 -28.47 15.18 -31.36
CA LEU D 331 -27.70 16.38 -31.19
C LEU D 331 -26.41 16.32 -32.02
N ILE D 332 -25.72 15.20 -31.94
CA ILE D 332 -24.44 15.06 -32.63
C ILE D 332 -24.65 15.21 -34.12
N LEU D 333 -25.70 14.61 -34.65
CA LEU D 333 -25.94 14.66 -36.08
C LEU D 333 -26.25 16.07 -36.53
N ARG D 334 -26.91 16.83 -35.67
CA ARG D 334 -27.17 18.22 -35.96
C ARG D 334 -25.87 19.04 -35.91
N MET D 335 -24.94 18.65 -35.05
CA MET D 335 -23.61 19.29 -35.02
C MET D 335 -22.76 18.92 -36.23
N LEU D 336 -23.03 17.77 -36.83
CA LEU D 336 -22.26 17.30 -37.96
C LEU D 336 -23.00 17.48 -39.30
N ASP D 337 -23.95 18.39 -39.33
CA ASP D 337 -24.54 18.83 -40.59
C ASP D 337 -23.42 19.30 -41.54
N TYR D 338 -23.43 18.78 -42.76
CA TYR D 338 -22.45 19.17 -43.76
C TYR D 338 -22.53 20.65 -44.12
N ASP D 339 -23.75 21.19 -44.05
CA ASP D 339 -24.02 22.57 -44.45
C ASP D 339 -23.84 23.49 -43.25
N PRO D 340 -22.87 24.41 -43.33
CA PRO D 340 -22.65 25.34 -42.20
C PRO D 340 -23.80 26.33 -41.96
N LYS D 341 -24.61 26.58 -42.98
CA LYS D 341 -25.79 27.44 -42.83
C LYS D 341 -26.86 26.79 -41.93
N THR D 342 -26.92 25.46 -41.90
CA THR D 342 -27.98 24.75 -41.17
C THR D 342 -27.46 23.91 -40.03
N ARG D 343 -26.15 23.82 -39.89
CA ARG D 343 -25.56 23.19 -38.72
C ARG D 343 -26.06 23.89 -37.46
N ILE D 344 -26.40 23.11 -36.44
CA ILE D 344 -26.95 23.68 -35.22
C ILE D 344 -26.01 24.73 -34.62
N GLN D 345 -26.60 25.80 -34.10
CA GLN D 345 -25.85 26.87 -33.47
C GLN D 345 -26.01 26.80 -31.97
N PRO D 346 -25.05 27.39 -31.22
CA PRO D 346 -24.98 27.20 -29.78
C PRO D 346 -26.30 27.46 -29.05
N TYR D 347 -26.98 28.54 -29.42
CA TYR D 347 -28.23 28.89 -28.75
C TYR D 347 -29.27 27.75 -28.83
N TYR D 348 -29.46 27.22 -30.02
CA TYR D 348 -30.45 26.16 -30.23
C TYR D 348 -29.96 24.82 -29.71
N ALA D 349 -28.66 24.62 -29.68
CA ALA D 349 -28.10 23.40 -29.11
C ALA D 349 -28.40 23.35 -27.62
N LEU D 350 -28.29 24.47 -26.95
CA LEU D 350 -28.56 24.52 -25.52
C LEU D 350 -30.02 24.18 -25.17
N GLN D 351 -30.91 24.32 -26.13
CA GLN D 351 -32.32 23.98 -25.95
C GLN D 351 -32.65 22.53 -26.33
N HIS D 352 -31.69 21.78 -26.86
CA HIS D 352 -31.94 20.41 -27.28
C HIS D 352 -32.41 19.53 -26.12
N SER D 353 -33.24 18.53 -26.43
CA SER D 353 -33.82 17.65 -25.40
C SER D 353 -32.75 16.84 -24.62
N PHE D 354 -31.58 16.72 -25.20
CA PHE D 354 -30.46 16.06 -24.55
C PHE D 354 -30.11 16.74 -23.22
N PHE D 355 -30.46 18.01 -23.09
CA PHE D 355 -30.13 18.76 -21.88
C PHE D 355 -31.28 18.92 -20.85
N LYS D 356 -32.36 18.16 -21.00
CA LYS D 356 -33.58 18.35 -20.17
C LYS D 356 -33.52 17.88 -18.72
N LYS D 357 -34.29 18.56 -17.87
CA LYS D 357 -34.78 17.96 -16.61
C LYS D 357 -35.96 17.00 -16.88
O1 PG4 E . 6.10 -31.08 36.63
C1 PG4 E . 7.42 -31.55 36.23
C2 PG4 E . 7.37 -32.18 34.82
O2 PG4 E . 8.43 -33.12 34.55
C3 PG4 E . 8.14 -34.01 33.45
C4 PG4 E . 9.15 -35.17 33.40
O3 PG4 E . 8.74 -36.29 34.22
C5 PG4 E . 9.68 -37.37 34.21
C6 PG4 E . 9.93 -38.04 35.60
O4 PG4 E . 9.09 -37.58 36.68
C7 PG4 E . 9.48 -38.04 38.00
C8 PG4 E . 9.48 -36.89 39.04
O5 PG4 E . 8.15 -36.42 39.32
O1 PG4 F . -15.15 -16.89 35.71
C1 PG4 F . -15.30 -18.30 35.96
C2 PG4 F . -16.53 -18.82 35.22
O2 PG4 F . -16.67 -20.20 35.50
C3 PG4 F . -17.49 -20.41 36.65
C4 PG4 F . -17.09 -21.73 37.33
O3 PG4 F . -18.23 -22.57 37.57
C5 PG4 F . -19.36 -21.94 38.19
C6 PG4 F . -19.19 -21.83 39.71
O4 PG4 F . -20.43 -21.42 40.28
S SO4 G . 17.85 -11.88 32.37
O1 SO4 G . 16.94 -11.86 33.56
O2 SO4 G . 18.75 -10.69 32.35
O3 SO4 G . 18.72 -13.08 32.42
O4 SO4 G . 17.03 -11.87 31.12
S SO4 H . -6.82 -2.99 14.22
O1 SO4 H . -5.65 -2.20 14.71
O2 SO4 H . -8.09 -2.60 14.89
O3 SO4 H . -7.00 -2.77 12.76
O4 SO4 H . -6.47 -4.40 14.50
C4 4E1 I . -2.18 -26.00 35.87
C4 4E1 I . -2.21 -26.18 36.03
C5 4E1 I . -1.34 -25.88 36.96
C5 4E1 I . -1.43 -26.24 37.17
C6 4E1 I . -1.79 -26.68 34.72
C6 4E1 I . -1.83 -26.82 34.88
N1 4E1 I . -4.27 -25.54 34.84
N1 4E1 I . -4.15 -25.39 34.90
C7 4E1 I . -2.64 -26.83 33.66
C7 4E1 I . -2.60 -26.80 33.77
C8 4E1 I . -1.90 -27.63 32.68
C8 4E1 I . -1.91 -27.62 32.79
C9 4E1 I . -2.25 -28.06 31.42
C9 4E1 I . -2.24 -27.92 31.49
C10 4E1 I . -1.30 -28.80 30.67
C10 4E1 I . -1.36 -28.72 30.76
C11 4E1 I . -0.02 -29.07 31.22
C11 4E1 I . -0.17 -29.20 31.34
C12 4E1 I . 0.30 -28.60 32.47
C12 4E1 I . 0.15 -28.88 32.65
C13 4E1 I . -0.63 -27.89 33.21
C13 4E1 I . -0.73 -28.08 33.37
C14 4E1 I . -3.90 -26.25 33.73
C14 4E1 I . -3.78 -26.07 33.77
C15 4E1 I . -4.96 -26.31 32.73
C15 4E1 I . -4.72 -25.98 32.66
I 4E1 I . 2.16 -29.01 33.28
N 4E1 I . -0.58 -27.30 34.45
N 4E1 I . -0.71 -27.59 34.65
O 4E1 I . -5.91 -25.38 32.84
O 4E1 I . -5.76 -25.15 32.84
O1 4E1 I . -5.00 -27.23 31.94
O1 4E1 I . -4.58 -26.69 31.66
C3 4E1 I . -3.44 -25.43 35.90
C3 4E1 I . -3.38 -25.44 36.01
C 4E1 I . -1.76 -25.18 38.07
C 4E1 I . -1.82 -25.56 38.30
C1 4E1 I . -3.03 -24.62 38.10
C1 4E1 I . -3.01 -24.83 38.29
C2 4E1 I . -3.85 -24.74 37.01
C2 4E1 I . -3.78 -24.77 37.14
O1 PG4 J . -18.90 48.68 15.11
C1 PG4 J . -18.16 48.46 13.90
C2 PG4 J . -18.64 49.40 12.80
O2 PG4 J . -17.47 49.71 12.05
C3 PG4 J . -17.58 50.69 11.04
C4 PG4 J . -16.27 50.63 10.28
O3 PG4 J . -15.12 51.03 11.07
C5 PG4 J . -13.89 50.43 10.56
C6 PG4 J . -12.60 50.78 11.32
O4 PG4 J . -11.86 49.65 11.90
C7 PG4 J . -12.34 49.36 13.21
C8 PG4 J . -11.60 48.35 14.03
O5 PG4 J . -12.61 47.78 14.90
O1 PG4 K . 12.06 46.43 -1.35
C1 PG4 K . 12.81 47.66 -1.36
C2 PG4 K . 14.15 47.51 -0.61
O2 PG4 K . 13.98 47.74 0.80
C3 PG4 K . 15.06 47.20 1.58
C4 PG4 K . 14.66 47.10 3.06
O3 PG4 K . 14.00 45.85 3.30
C5 PG4 K . 13.97 45.48 4.68
C6 PG4 K . 12.85 44.46 4.95
O4 PG4 K . 13.05 43.28 4.16
C7 PG4 K . 11.93 42.81 3.39
C8 PG4 K . 12.35 42.34 1.98
O5 PG4 K . 11.27 42.50 1.03
O1 PG4 L . -1.33 25.58 31.26
C1 PG4 L . -2.70 25.79 31.66
C2 PG4 L . -3.50 24.49 31.75
O2 PG4 L . -2.99 23.46 30.86
C3 PG4 L . -3.62 22.18 30.99
C4 PG4 L . -3.30 21.53 32.36
O3 PG4 L . -1.91 21.63 32.74
C5 PG4 L . -1.60 22.45 33.89
C6 PG4 L . -2.26 21.95 35.18
O4 PG4 L . -1.90 20.58 35.43
C7 PG4 L . -2.91 19.63 35.05
C8 PG4 L . -3.57 19.01 36.28
O5 PG4 L . -4.97 18.91 36.05
S SO4 M . 18.66 29.40 15.47
O1 SO4 M . 20.07 28.95 15.44
O2 SO4 M . 18.36 30.46 16.47
O3 SO4 M . 18.42 29.97 14.13
O4 SO4 M . 17.78 28.22 15.74
S SO4 N . -9.69 25.07 -5.51
O1 SO4 N . -8.34 25.08 -4.87
O2 SO4 N . -10.16 26.46 -5.72
O3 SO4 N . -9.58 24.34 -6.82
O4 SO4 N . -10.67 24.42 -4.62
S SO4 O . 1.55 53.80 17.93
O1 SO4 O . 1.68 53.90 19.41
O2 SO4 O . 2.36 54.84 17.24
O3 SO4 O . 2.06 52.48 17.49
O4 SO4 O . 0.13 53.95 17.54
S SO4 P . -4.43 15.81 26.09
O1 SO4 P . -4.98 15.92 27.47
O2 SO4 P . -3.96 17.12 25.62
O3 SO4 P . -3.21 14.95 26.03
O4 SO4 P . -5.52 15.30 25.19
C4 4E1 Q . 1.11 38.23 3.59
C4 4E1 Q . 0.90 38.11 3.61
C5 4E1 Q . 1.77 38.03 2.38
C5 4E1 Q . 1.56 37.90 2.41
C6 4E1 Q . 1.75 38.80 4.69
C6 4E1 Q . 1.51 38.77 4.65
N1 4E1 Q . -0.88 38.07 4.89
N1 4E1 Q . -1.06 37.88 4.97
C7 4E1 Q . 1.10 39.03 5.86
C7 4E1 Q . 0.85 38.98 5.81
C8 4E1 Q . 2.10 39.61 6.73
C8 4E1 Q . 1.76 39.68 6.67
C9 4E1 Q . 2.05 40.06 8.04
C9 4E1 Q . 1.57 40.13 7.96
C10 4E1 Q . 3.21 40.59 8.62
C10 4E1 Q . 2.64 40.79 8.59
C11 4E1 Q . 4.41 40.68 7.90
C11 4E1 Q . 3.85 40.98 7.91
C12 4E1 Q . 4.43 40.23 6.60
C12 4E1 Q . 4.01 40.52 6.60
C13 4E1 Q . 3.29 39.70 6.02
C13 4E1 Q . 2.95 39.86 5.99
C14 4E1 Q . -0.26 38.65 5.95
C14 4E1 Q . -0.45 38.53 5.99
C15 4E1 Q . -1.19 38.77 7.06
C15 4E1 Q . -1.22 38.75 7.23
I 4E1 Q . 6.13 40.32 5.43
N 4E1 Q . 3.05 39.19 4.77
N 4E1 Q . 2.77 39.29 4.75
O 4E1 Q . -1.05 39.61 7.96
O 4E1 Q . -0.82 39.49 8.12
O1 4E1 Q . -2.24 37.94 6.96
O1 4E1 Q . -2.38 38.12 7.35
C3 4E1 Q . -0.24 37.88 3.73
C3 4E1 Q . -0.41 37.67 3.79
C 4E1 Q . 1.08 37.47 1.32
C 4E1 Q . 0.92 37.24 1.38
C1 4E1 Q . -0.26 37.11 1.46
C1 4E1 Q . -0.38 36.79 1.55
C2 4E1 Q . -0.92 37.32 2.66
C2 4E1 Q . -1.05 37.01 2.75
O1 PG4 R . 39.67 -19.98 -0.37
C1 PG4 R . 39.44 -21.03 0.56
C2 PG4 R . 40.79 -21.54 1.07
O2 PG4 R . 40.65 -22.54 2.12
C3 PG4 R . 39.87 -22.14 3.25
C4 PG4 R . 39.00 -23.23 3.87
O3 PG4 R . 37.99 -22.56 4.68
C5 PG4 R . 36.69 -23.14 4.80
C6 PG4 R . 35.55 -22.11 4.98
O4 PG4 R . 34.98 -21.89 3.67
C7 PG4 R . 34.01 -20.85 3.62
C8 PG4 R . 33.44 -20.68 2.20
O5 PG4 R . 34.37 -20.15 1.25
S SO4 S . -1.69 -27.45 0.62
O1 SO4 S . -0.65 -27.32 1.67
O2 SO4 S . -1.84 -26.17 -0.15
O3 SO4 S . -2.97 -27.83 1.27
O4 SO4 S . -1.30 -28.51 -0.34
C4 4E1 T . 20.06 -34.33 3.13
C4 4E1 T . 20.32 -34.54 3.36
C5 4E1 T . 19.62 -35.52 3.67
C5 4E1 T . 19.99 -35.72 4.00
C6 4E1 T . 19.48 -33.13 3.50
C6 4E1 T . 19.76 -33.33 3.73
N1 4E1 T . 21.51 -33.11 1.66
N1 4E1 T . 21.56 -33.37 1.68
C7 4E1 T . 19.90 -31.94 2.97
C7 4E1 T . 20.09 -32.18 3.09
C8 4E1 T . 19.06 -30.93 3.61
C8 4E1 T . 19.32 -31.14 3.75
C9 4E1 T . 19.06 -29.56 3.45
C9 4E1 T . 19.28 -29.79 3.50
C10 4E1 T . 18.13 -28.80 4.19
C10 4E1 T . 18.43 -28.99 4.28
C11 4E1 T . 17.25 -29.42 5.06
C11 4E1 T . 17.66 -29.58 5.29
C12 4E1 T . 17.26 -30.80 5.22
C12 4E1 T . 17.72 -30.95 5.53
C13 4E1 T . 18.19 -31.56 4.48
C13 4E1 T . 18.56 -31.73 4.75
C14 4E1 T . 20.94 -31.92 2.03
C14 4E1 T . 21.01 -32.18 2.04
C15 4E1 T . 21.55 -30.74 1.37
C15 4E1 T . 21.46 -30.99 1.28
I 4E1 T . 15.90 -31.70 6.53
N 4E1 T . 18.47 -32.91 4.39
N 4E1 T . 18.84 -33.08 4.72
O 4E1 T . 21.46 -29.51 1.85
O 4E1 T . 21.38 -29.75 1.77
O1 4E1 T . 22.21 -30.95 0.35
O1 4E1 T . 22.00 -31.18 0.21
C3 4E1 T . 21.08 -34.30 2.19
C3 4E1 T . 21.23 -34.53 2.30
C 4E1 T . 20.23 -36.70 3.27
C 4E1 T . 20.58 -36.89 3.58
C1 4E1 T . 21.25 -36.68 2.34
C1 4E1 T . 21.49 -36.90 2.54
C2 4E1 T . 21.68 -35.48 1.80
C2 4E1 T . 21.82 -35.71 1.89
O1 PG4 U . 0.53 21.09 -10.91
C1 PG4 U . -0.53 21.99 -10.52
C2 PG4 U . -0.70 22.13 -9.00
O2 PG4 U . 0.43 22.75 -8.34
C3 PG4 U . 0.76 21.99 -7.15
C4 PG4 U . 1.89 22.55 -6.34
O3 PG4 U . 3.14 22.31 -6.96
C5 PG4 U . 3.94 21.30 -6.37
C6 PG4 U . 5.39 21.64 -6.69
O4 PG4 U . 6.07 20.64 -7.48
C7 PG4 U . 5.63 20.62 -8.83
C8 PG4 U . 6.21 19.42 -9.57
O5 PG4 U . 5.25 18.98 -10.53
S SO4 V . -29.91 26.56 -35.90
O1 SO4 V . -28.92 26.69 -34.82
O2 SO4 V . -30.81 27.75 -35.88
O3 SO4 V . -29.19 26.56 -37.22
O4 SO4 V . -30.66 25.29 -35.62
S SO4 W . -1.94 42.15 -12.87
O1 SO4 W . -1.06 41.63 -11.77
O2 SO4 W . -2.79 43.27 -12.38
O3 SO4 W . -1.07 42.65 -13.99
O4 SO4 W . -2.87 41.07 -13.29
S SO4 X . -19.67 18.11 -10.57
O1 SO4 X . -18.23 18.38 -10.22
O2 SO4 X . -20.46 19.36 -10.36
O3 SO4 X . -20.22 17.03 -9.73
O4 SO4 X . -19.85 17.67 -11.97
C4 4E1 Y . -0.45 23.39 -22.84
C4 4E1 Y . -0.78 23.58 -23.20
C5 4E1 Y . 0.13 22.17 -22.55
C5 4E1 Y . -0.20 22.36 -22.90
C6 4E1 Y . -1.07 24.17 -21.87
C6 4E1 Y . -1.26 24.41 -22.21
N1 4E1 Y . -0.97 25.07 -24.45
N1 4E1 Y . -1.48 25.23 -24.80
C7 4E1 Y . -1.62 25.39 -22.17
C7 4E1 Y . -1.81 25.60 -22.50
C8 4E1 Y . -2.18 25.89 -20.89
C8 4E1 Y . -2.20 26.19 -21.24
C9 4E1 Y . -2.86 27.07 -20.58
C9 4E1 Y . -2.81 27.41 -21.00
C10 4E1 Y . -3.27 27.28 -19.26
C10 4E1 Y . -3.07 27.75 -19.67
C11 4E1 Y . -3.00 26.33 -18.25
C11 4E1 Y . -2.73 26.88 -18.63
C12 4E1 Y . -2.32 25.15 -18.55
C12 4E1 Y . -2.12 25.66 -18.91
C13 4E1 Y . -1.91 24.94 -19.90
C13 4E1 Y . -1.85 25.32 -20.24
C14 4E1 Y . -1.58 25.83 -23.51
C14 4E1 Y . -1.94 26.04 -23.82
C15 4E1 Y . -2.06 27.10 -24.05
C15 4E1 Y . -2.53 27.35 -24.17
I 4E1 Y . -1.95 23.75 -17.04
N 4E1 Y . -1.25 23.91 -20.53
N 4E1 Y . -1.27 24.23 -20.85
O 4E1 Y . -2.30 28.14 -23.24
O 4E1 Y . -3.03 28.18 -23.24
O1 4E1 Y . -2.08 27.18 -25.28
O1 4E1 Y . -2.50 27.70 -25.34
C3 4E1 Y . -0.41 23.88 -24.15
C3 4E1 Y . -0.90 24.02 -24.52
C 4E1 Y . 0.73 21.44 -23.55
C 4E1 Y . 0.27 21.56 -23.93
C1 4E1 Y . 0.76 21.93 -24.85
C1 4E1 Y . 0.15 21.99 -25.24
C2 4E1 Y . 0.20 23.16 -25.15
C2 4E1 Y . -0.43 23.21 -25.54
#